data_8GQ0
# 
_entry.id   8GQ0 
# 
_audit_conform.dict_name       mmcif_pdbx.dic 
_audit_conform.dict_version    5.380 
_audit_conform.dict_location   http://mmcif.pdb.org/dictionaries/ascii/mmcif_pdbx.dic 
# 
loop_
_database_2.database_id 
_database_2.database_code 
_database_2.pdbx_database_accession 
_database_2.pdbx_DOI 
PDB   8GQ0         pdb_00008gq0 10.2210/pdb8gq0/pdb 
WWPDB D_1300031872 ?            ?                   
# 
_pdbx_database_status.status_code                     REL 
_pdbx_database_status.status_code_sf                  REL 
_pdbx_database_status.status_code_mr                  ? 
_pdbx_database_status.entry_id                        8GQ0 
_pdbx_database_status.recvd_initial_deposition_date   2022-08-27 
_pdbx_database_status.SG_entry                        N 
_pdbx_database_status.deposit_site                    PDBJ 
_pdbx_database_status.process_site                    PDBJ 
_pdbx_database_status.status_code_cs                  ? 
_pdbx_database_status.status_code_nmr_data            ? 
_pdbx_database_status.methods_development_category    ? 
_pdbx_database_status.pdb_format_compatible           Y 
# 
loop_
_audit_author.name 
_audit_author.pdbx_ordinal 
_audit_author.identifier_ORCID 
'Park, T.H.' 1 0000-0001-8059-8273 
'Lee, B.I.'  2 0000-0003-1270-8439 
# 
_citation.abstract                  ? 
_citation.abstract_id_CAS           ? 
_citation.book_id_ISBN              ? 
_citation.book_publisher            ? 
_citation.book_publisher_city       ? 
_citation.book_title                ? 
_citation.coordinate_linkage        ? 
_citation.country                   UK 
_citation.database_id_Medline       ? 
_citation.details                   ? 
_citation.id                        primary 
_citation.journal_abbrev            'Sci Rep' 
_citation.journal_id_ASTM           ? 
_citation.journal_id_CSD            ? 
_citation.journal_id_ISSN           2045-2322 
_citation.journal_full              ? 
_citation.journal_issue             ? 
_citation.journal_volume            13 
_citation.language                  ? 
_citation.page_first                10805 
_citation.page_last                 10805 
_citation.title                     
;Crystal structure of [1,2,4]triazolo[4,3-b]pyridazine derivatives as BRD4 bromodomain inhibitors and structure-activity relationship study.
;
_citation.year                      2023 
_citation.database_id_CSD           ? 
_citation.pdbx_database_id_DOI      10.1038/s41598-023-37527-w 
_citation.pdbx_database_id_PubMed   37402749 
_citation.pdbx_database_id_patent   ? 
_citation.unpublished_flag          ? 
# 
loop_
_citation_author.citation_id 
_citation_author.name 
_citation_author.ordinal 
_citation_author.identifier_ORCID 
primary 'Kim, J.H.'  1 ? 
primary 'Pandit, N.' 2 ? 
primary 'Yoo, M.'    3 ? 
primary 'Park, T.H.' 4 ? 
primary 'Choi, J.U.' 5 ? 
primary 'Park, C.H.' 6 ? 
primary 'Jung, K.Y.' 7 ? 
primary 'Lee, B.I.'  8 ? 
# 
_cell.angle_alpha                  90.000 
_cell.angle_alpha_esd              ? 
_cell.angle_beta                   90.000 
_cell.angle_beta_esd               ? 
_cell.angle_gamma                  90.000 
_cell.angle_gamma_esd              ? 
_cell.entry_id                     8GQ0 
_cell.details                      ? 
_cell.formula_units_Z              ? 
_cell.length_a                     32.281 
_cell.length_a_esd                 ? 
_cell.length_b                     47.576 
_cell.length_b_esd                 ? 
_cell.length_c                     79.344 
_cell.length_c_esd                 ? 
_cell.volume                       ? 
_cell.volume_esd                   ? 
_cell.Z_PDB                        4 
_cell.reciprocal_angle_alpha       ? 
_cell.reciprocal_angle_beta        ? 
_cell.reciprocal_angle_gamma       ? 
_cell.reciprocal_angle_alpha_esd   ? 
_cell.reciprocal_angle_beta_esd    ? 
_cell.reciprocal_angle_gamma_esd   ? 
_cell.reciprocal_length_a          ? 
_cell.reciprocal_length_b          ? 
_cell.reciprocal_length_c          ? 
_cell.reciprocal_length_a_esd      ? 
_cell.reciprocal_length_b_esd      ? 
_cell.reciprocal_length_c_esd      ? 
_cell.pdbx_unique_axis             ? 
_cell.pdbx_esd_method              ? 
# 
_symmetry.entry_id                         8GQ0 
_symmetry.cell_setting                     ? 
_symmetry.Int_Tables_number                19 
_symmetry.space_group_name_Hall            ? 
_symmetry.space_group_name_H-M             'P 21 21 21' 
_symmetry.pdbx_full_space_group_name_H-M   ? 
# 
loop_
_entity.id 
_entity.type 
_entity.src_method 
_entity.pdbx_description 
_entity.formula_weight 
_entity.pdbx_number_of_molecules 
_entity.pdbx_ec 
_entity.pdbx_mutation 
_entity.pdbx_fragment 
_entity.details 
1 polymer     man 'Bromodomain-containing protein 4'                                                  14754.074 1  ? ? ? ? 
2 non-polymer syn 'FORMIC ACID'                                                                       46.025    4  ? ? ? ? 
3 non-polymer syn 'SODIUM ION'                                                                        22.990    2  ? ? ? ? 
4 non-polymer syn GLYCEROL                                                                            92.094    2  ? ? ? ? 
5 non-polymer syn '~{N}-[2-(1~{H}-indol-3-yl)ethyl]-3-methyl-[1,2,4]triazolo[4,3-b]pyridazin-6-amine' 292.338   1  ? ? ? ? 
6 water       nat water                                                                               18.015    88 ? ? ? ? 
# 
_entity_name_com.entity_id   1 
_entity_name_com.name        'Protein HUNK1' 
# 
_entity_poly.entity_id                      1 
_entity_poly.type                           'polypeptide(L)' 
_entity_poly.nstd_linkage                   no 
_entity_poly.nstd_monomer                   no 
_entity_poly.pdbx_seq_one_letter_code       
;MNPPPPETSNPNKPKRQTNQLQYLLRVVLKTLWKHQFAWPFQQPVDAVKLNLPDYYKIIKTPMDMGTIKKRLENNYYWNA
QECIQDFNTMFTNCYIYNKPGDDIVLMAEALEKLFLQKINELPT
;
_entity_poly.pdbx_seq_one_letter_code_can   
;MNPPPPETSNPNKPKRQTNQLQYLLRVVLKTLWKHQFAWPFQQPVDAVKLNLPDYYKIIKTPMDMGTIKKRLENNYYWNA
QECIQDFNTMFTNCYIYNKPGDDIVLMAEALEKLFLQKINELPT
;
_entity_poly.pdbx_strand_id                 A 
_entity_poly.pdbx_target_identifier         ? 
# 
loop_
_entity_poly_seq.entity_id 
_entity_poly_seq.num 
_entity_poly_seq.mon_id 
_entity_poly_seq.hetero 
1 1   MET n 
1 2   ASN n 
1 3   PRO n 
1 4   PRO n 
1 5   PRO n 
1 6   PRO n 
1 7   GLU n 
1 8   THR n 
1 9   SER n 
1 10  ASN n 
1 11  PRO n 
1 12  ASN n 
1 13  LYS n 
1 14  PRO n 
1 15  LYS n 
1 16  ARG n 
1 17  GLN n 
1 18  THR n 
1 19  ASN n 
1 20  GLN n 
1 21  LEU n 
1 22  GLN n 
1 23  TYR n 
1 24  LEU n 
1 25  LEU n 
1 26  ARG n 
1 27  VAL n 
1 28  VAL n 
1 29  LEU n 
1 30  LYS n 
1 31  THR n 
1 32  LEU n 
1 33  TRP n 
1 34  LYS n 
1 35  HIS n 
1 36  GLN n 
1 37  PHE n 
1 38  ALA n 
1 39  TRP n 
1 40  PRO n 
1 41  PHE n 
1 42  GLN n 
1 43  GLN n 
1 44  PRO n 
1 45  VAL n 
1 46  ASP n 
1 47  ALA n 
1 48  VAL n 
1 49  LYS n 
1 50  LEU n 
1 51  ASN n 
1 52  LEU n 
1 53  PRO n 
1 54  ASP n 
1 55  TYR n 
1 56  TYR n 
1 57  LYS n 
1 58  ILE n 
1 59  ILE n 
1 60  LYS n 
1 61  THR n 
1 62  PRO n 
1 63  MET n 
1 64  ASP n 
1 65  MET n 
1 66  GLY n 
1 67  THR n 
1 68  ILE n 
1 69  LYS n 
1 70  LYS n 
1 71  ARG n 
1 72  LEU n 
1 73  GLU n 
1 74  ASN n 
1 75  ASN n 
1 76  TYR n 
1 77  TYR n 
1 78  TRP n 
1 79  ASN n 
1 80  ALA n 
1 81  GLN n 
1 82  GLU n 
1 83  CYS n 
1 84  ILE n 
1 85  GLN n 
1 86  ASP n 
1 87  PHE n 
1 88  ASN n 
1 89  THR n 
1 90  MET n 
1 91  PHE n 
1 92  THR n 
1 93  ASN n 
1 94  CYS n 
1 95  TYR n 
1 96  ILE n 
1 97  TYR n 
1 98  ASN n 
1 99  LYS n 
1 100 PRO n 
1 101 GLY n 
1 102 ASP n 
1 103 ASP n 
1 104 ILE n 
1 105 VAL n 
1 106 LEU n 
1 107 MET n 
1 108 ALA n 
1 109 GLU n 
1 110 ALA n 
1 111 LEU n 
1 112 GLU n 
1 113 LYS n 
1 114 LEU n 
1 115 PHE n 
1 116 LEU n 
1 117 GLN n 
1 118 LYS n 
1 119 ILE n 
1 120 ASN n 
1 121 GLU n 
1 122 LEU n 
1 123 PRO n 
1 124 THR n 
# 
_entity_src_gen.entity_id                          1 
_entity_src_gen.pdbx_src_id                        1 
_entity_src_gen.pdbx_alt_source_flag               sample 
_entity_src_gen.pdbx_seq_type                      'Biological sequence' 
_entity_src_gen.pdbx_beg_seq_num                   1 
_entity_src_gen.pdbx_end_seq_num                   124 
_entity_src_gen.gene_src_common_name               human 
_entity_src_gen.gene_src_genus                     ? 
_entity_src_gen.pdbx_gene_src_gene                 'BRD4, HUNK1' 
_entity_src_gen.gene_src_species                   ? 
_entity_src_gen.gene_src_strain                    ? 
_entity_src_gen.gene_src_tissue                    ? 
_entity_src_gen.gene_src_tissue_fraction           ? 
_entity_src_gen.gene_src_details                   ? 
_entity_src_gen.pdbx_gene_src_fragment             ? 
_entity_src_gen.pdbx_gene_src_scientific_name      'Homo sapiens' 
_entity_src_gen.pdbx_gene_src_ncbi_taxonomy_id     9606 
_entity_src_gen.pdbx_gene_src_variant              ? 
_entity_src_gen.pdbx_gene_src_cell_line            ? 
_entity_src_gen.pdbx_gene_src_atcc                 ? 
_entity_src_gen.pdbx_gene_src_organ                ? 
_entity_src_gen.pdbx_gene_src_organelle            ? 
_entity_src_gen.pdbx_gene_src_cell                 ? 
_entity_src_gen.pdbx_gene_src_cellular_location    ? 
_entity_src_gen.host_org_common_name               ? 
_entity_src_gen.pdbx_host_org_scientific_name      'Escherichia coli' 
_entity_src_gen.pdbx_host_org_ncbi_taxonomy_id     562 
_entity_src_gen.host_org_genus                     ? 
_entity_src_gen.pdbx_host_org_gene                 ? 
_entity_src_gen.pdbx_host_org_organ                ? 
_entity_src_gen.host_org_species                   ? 
_entity_src_gen.pdbx_host_org_tissue               ? 
_entity_src_gen.pdbx_host_org_tissue_fraction      ? 
_entity_src_gen.pdbx_host_org_strain               ? 
_entity_src_gen.pdbx_host_org_variant              ? 
_entity_src_gen.pdbx_host_org_cell_line            ? 
_entity_src_gen.pdbx_host_org_atcc                 ? 
_entity_src_gen.pdbx_host_org_culture_collection   ? 
_entity_src_gen.pdbx_host_org_cell                 ? 
_entity_src_gen.pdbx_host_org_organelle            ? 
_entity_src_gen.pdbx_host_org_cellular_location    ? 
_entity_src_gen.pdbx_host_org_vector_type          ? 
_entity_src_gen.pdbx_host_org_vector               ? 
_entity_src_gen.host_org_details                   ? 
_entity_src_gen.expression_system_id               ? 
_entity_src_gen.plasmid_name                       ? 
_entity_src_gen.plasmid_details                    ? 
_entity_src_gen.pdbx_description                   ? 
# 
_struct_ref.id                         1 
_struct_ref.db_name                    UNP 
_struct_ref.db_code                    BRD4_HUMAN 
_struct_ref.pdbx_db_accession          O60885 
_struct_ref.pdbx_db_isoform            ? 
_struct_ref.entity_id                  1 
_struct_ref.pdbx_seq_one_letter_code   
;NPPPPETSNPNKPKRQTNQLQYLLRVVLKTLWKHQFAWPFQQPVDAVKLNLPDYYKIIKTPMDMGTIKKRLENNYYWNAQ
ECIQDFNTMFTNCYIYNKPGDDIVLMAEALEKLFLQKINELPT
;
_struct_ref.pdbx_align_begin           44 
# 
_struct_ref_seq.align_id                      1 
_struct_ref_seq.ref_id                        1 
_struct_ref_seq.pdbx_PDB_id_code              8GQ0 
_struct_ref_seq.pdbx_strand_id                A 
_struct_ref_seq.seq_align_beg                 2 
_struct_ref_seq.pdbx_seq_align_beg_ins_code   ? 
_struct_ref_seq.seq_align_end                 124 
_struct_ref_seq.pdbx_seq_align_end_ins_code   ? 
_struct_ref_seq.pdbx_db_accession             O60885 
_struct_ref_seq.db_align_beg                  44 
_struct_ref_seq.pdbx_db_align_beg_ins_code    ? 
_struct_ref_seq.db_align_end                  166 
_struct_ref_seq.pdbx_db_align_end_ins_code    ? 
_struct_ref_seq.pdbx_auth_seq_align_beg       44 
_struct_ref_seq.pdbx_auth_seq_align_end       166 
# 
_struct_ref_seq_dif.align_id                     1 
_struct_ref_seq_dif.pdbx_pdb_id_code             8GQ0 
_struct_ref_seq_dif.mon_id                       MET 
_struct_ref_seq_dif.pdbx_pdb_strand_id           A 
_struct_ref_seq_dif.seq_num                      1 
_struct_ref_seq_dif.pdbx_pdb_ins_code            ? 
_struct_ref_seq_dif.pdbx_seq_db_name             UNP 
_struct_ref_seq_dif.pdbx_seq_db_accession_code   O60885 
_struct_ref_seq_dif.db_mon_id                    ? 
_struct_ref_seq_dif.pdbx_seq_db_seq_num          ? 
_struct_ref_seq_dif.details                      'initiating methionine' 
_struct_ref_seq_dif.pdbx_auth_seq_num            43 
_struct_ref_seq_dif.pdbx_ordinal                 1 
# 
loop_
_chem_comp.id 
_chem_comp.type 
_chem_comp.mon_nstd_flag 
_chem_comp.name 
_chem_comp.pdbx_synonyms 
_chem_comp.formula 
_chem_comp.formula_weight 
ALA 'L-peptide linking' y ALANINE                                                                             ? 'C3 H7 N O2'     
89.093  
ARG 'L-peptide linking' y ARGININE                                                                            ? 'C6 H15 N4 O2 1' 
175.209 
ASN 'L-peptide linking' y ASPARAGINE                                                                          ? 'C4 H8 N2 O3'    
132.118 
ASP 'L-peptide linking' y 'ASPARTIC ACID'                                                                     ? 'C4 H7 N O4'     
133.103 
CYS 'L-peptide linking' y CYSTEINE                                                                            ? 'C3 H7 N O2 S'   
121.158 
FMT non-polymer         . 'FORMIC ACID'                                                                       ? 'C H2 O2'        
46.025  
GLN 'L-peptide linking' y GLUTAMINE                                                                           ? 'C5 H10 N2 O3'   
146.144 
GLU 'L-peptide linking' y 'GLUTAMIC ACID'                                                                     ? 'C5 H9 N O4'     
147.129 
GLY 'peptide linking'   y GLYCINE                                                                             ? 'C2 H5 N O2'     
75.067  
GOL non-polymer         . GLYCEROL                                                                            
'GLYCERIN; PROPANE-1,2,3-TRIOL' 'C3 H8 O3'       92.094  
HIS 'L-peptide linking' y HISTIDINE                                                                           ? 'C6 H10 N3 O2 1' 
156.162 
HOH non-polymer         . WATER                                                                               ? 'H2 O'           
18.015  
ILE 'L-peptide linking' y ISOLEUCINE                                                                          ? 'C6 H13 N O2'    
131.173 
KCL non-polymer         . '~{N}-[2-(1~{H}-indol-3-yl)ethyl]-3-methyl-[1,2,4]triazolo[4,3-b]pyridazin-6-amine' ? 'C16 H16 N6'     
292.338 
LEU 'L-peptide linking' y LEUCINE                                                                             ? 'C6 H13 N O2'    
131.173 
LYS 'L-peptide linking' y LYSINE                                                                              ? 'C6 H15 N2 O2 1' 
147.195 
MET 'L-peptide linking' y METHIONINE                                                                          ? 'C5 H11 N O2 S'  
149.211 
NA  non-polymer         . 'SODIUM ION'                                                                        ? 'Na 1'           
22.990  
PHE 'L-peptide linking' y PHENYLALANINE                                                                       ? 'C9 H11 N O2'    
165.189 
PRO 'L-peptide linking' y PROLINE                                                                             ? 'C5 H9 N O2'     
115.130 
SER 'L-peptide linking' y SERINE                                                                              ? 'C3 H7 N O3'     
105.093 
THR 'L-peptide linking' y THREONINE                                                                           ? 'C4 H9 N O3'     
119.119 
TRP 'L-peptide linking' y TRYPTOPHAN                                                                          ? 'C11 H12 N2 O2'  
204.225 
TYR 'L-peptide linking' y TYROSINE                                                                            ? 'C9 H11 N O3'    
181.189 
VAL 'L-peptide linking' y VALINE                                                                              ? 'C5 H11 N O2'    
117.146 
# 
_exptl.absorpt_coefficient_mu     ? 
_exptl.absorpt_correction_T_max   ? 
_exptl.absorpt_correction_T_min   ? 
_exptl.absorpt_correction_type    ? 
_exptl.absorpt_process_details    ? 
_exptl.entry_id                   8GQ0 
_exptl.crystals_number            1 
_exptl.details                    ? 
_exptl.method                     'X-RAY DIFFRACTION' 
_exptl.method_details             ? 
# 
_exptl_crystal.colour                       ? 
_exptl_crystal.density_diffrn               ? 
_exptl_crystal.density_Matthews             2.06 
_exptl_crystal.density_method               ? 
_exptl_crystal.density_percent_sol          40.43 
_exptl_crystal.description                  ? 
_exptl_crystal.F_000                        ? 
_exptl_crystal.id                           1 
_exptl_crystal.preparation                  ? 
_exptl_crystal.size_max                     ? 
_exptl_crystal.size_mid                     ? 
_exptl_crystal.size_min                     ? 
_exptl_crystal.size_rad                     ? 
_exptl_crystal.colour_lustre                ? 
_exptl_crystal.colour_modifier              ? 
_exptl_crystal.colour_primary               ? 
_exptl_crystal.density_meas                 ? 
_exptl_crystal.density_meas_esd             ? 
_exptl_crystal.density_meas_gt              ? 
_exptl_crystal.density_meas_lt              ? 
_exptl_crystal.density_meas_temp            ? 
_exptl_crystal.density_meas_temp_esd        ? 
_exptl_crystal.density_meas_temp_gt         ? 
_exptl_crystal.density_meas_temp_lt         ? 
_exptl_crystal.pdbx_crystal_image_url       ? 
_exptl_crystal.pdbx_crystal_image_format    ? 
_exptl_crystal.pdbx_mosaicity               ? 
_exptl_crystal.pdbx_mosaicity_esd           ? 
_exptl_crystal.pdbx_mosaic_method           ? 
_exptl_crystal.pdbx_mosaic_block_size       ? 
_exptl_crystal.pdbx_mosaic_block_size_esd   ? 
# 
_exptl_crystal_grow.apparatus       ? 
_exptl_crystal_grow.atmosphere      ? 
_exptl_crystal_grow.crystal_id      1 
_exptl_crystal_grow.details         ? 
_exptl_crystal_grow.method          'VAPOR DIFFUSION, HANGING DROP' 
_exptl_crystal_grow.method_ref      ? 
_exptl_crystal_grow.pH              ? 
_exptl_crystal_grow.pressure        ? 
_exptl_crystal_grow.pressure_esd    ? 
_exptl_crystal_grow.seeding         ? 
_exptl_crystal_grow.seeding_ref     ? 
_exptl_crystal_grow.temp            287 
_exptl_crystal_grow.temp_details    ? 
_exptl_crystal_grow.temp_esd        ? 
_exptl_crystal_grow.time            ? 
_exptl_crystal_grow.pdbx_details    '6 M Sodium formate, 10% Glycerol' 
_exptl_crystal_grow.pdbx_pH_range   ? 
# 
_diffrn.ambient_environment              ? 
_diffrn.ambient_temp                     100 
_diffrn.ambient_temp_details             ? 
_diffrn.ambient_temp_esd                 ? 
_diffrn.crystal_id                       1 
_diffrn.crystal_support                  ? 
_diffrn.crystal_treatment                ? 
_diffrn.details                          ? 
_diffrn.id                               1 
_diffrn.ambient_pressure                 ? 
_diffrn.ambient_pressure_esd             ? 
_diffrn.ambient_pressure_gt              ? 
_diffrn.ambient_pressure_lt              ? 
_diffrn.ambient_temp_gt                  ? 
_diffrn.ambient_temp_lt                  ? 
_diffrn.pdbx_serial_crystal_experiment   N 
# 
_diffrn_detector.details                      ? 
_diffrn_detector.detector                     PIXEL 
_diffrn_detector.diffrn_id                    1 
_diffrn_detector.type                         'DECTRIS PILATUS 6M' 
_diffrn_detector.area_resol_mean              ? 
_diffrn_detector.dtime                        ? 
_diffrn_detector.pdbx_frames_total            ? 
_diffrn_detector.pdbx_collection_time_total   ? 
_diffrn_detector.pdbx_collection_date         2019-03-05 
_diffrn_detector.pdbx_frequency               ? 
# 
_diffrn_radiation.collimation                      ? 
_diffrn_radiation.diffrn_id                        1 
_diffrn_radiation.filter_edge                      ? 
_diffrn_radiation.inhomogeneity                    ? 
_diffrn_radiation.monochromator                    ? 
_diffrn_radiation.polarisn_norm                    ? 
_diffrn_radiation.polarisn_ratio                   ? 
_diffrn_radiation.probe                            ? 
_diffrn_radiation.type                             ? 
_diffrn_radiation.xray_symbol                      ? 
_diffrn_radiation.wavelength_id                    1 
_diffrn_radiation.pdbx_monochromatic_or_laue_m_l   M 
_diffrn_radiation.pdbx_wavelength_list             ? 
_diffrn_radiation.pdbx_wavelength                  ? 
_diffrn_radiation.pdbx_diffrn_protocol             'SINGLE WAVELENGTH' 
_diffrn_radiation.pdbx_analyzer                    ? 
_diffrn_radiation.pdbx_scattering_type             x-ray 
# 
_diffrn_radiation_wavelength.id           1 
_diffrn_radiation_wavelength.wavelength   0.979 
_diffrn_radiation_wavelength.wt           1.0 
# 
_diffrn_source.current                     ? 
_diffrn_source.details                     ? 
_diffrn_source.diffrn_id                   1 
_diffrn_source.power                       ? 
_diffrn_source.size                        ? 
_diffrn_source.source                      SYNCHROTRON 
_diffrn_source.target                      ? 
_diffrn_source.type                        'PAL/PLS BEAMLINE 11C' 
_diffrn_source.voltage                     ? 
_diffrn_source.take-off_angle              ? 
_diffrn_source.pdbx_wavelength_list        0.979 
_diffrn_source.pdbx_wavelength             ? 
_diffrn_source.pdbx_synchrotron_beamline   11C 
_diffrn_source.pdbx_synchrotron_site       PAL/PLS 
# 
_reflns.B_iso_Wilson_estimate                          ? 
_reflns.entry_id                                       8GQ0 
_reflns.data_reduction_details                         ? 
_reflns.data_reduction_method                          ? 
_reflns.d_resolution_high                              1.44 
_reflns.d_resolution_low                               50 
_reflns.details                                        ? 
_reflns.limit_h_max                                    ? 
_reflns.limit_h_min                                    ? 
_reflns.limit_k_max                                    ? 
_reflns.limit_k_min                                    ? 
_reflns.limit_l_max                                    ? 
_reflns.limit_l_min                                    ? 
_reflns.number_all                                     ? 
_reflns.number_obs                                     22530 
_reflns.observed_criterion                             ? 
_reflns.observed_criterion_F_max                       ? 
_reflns.observed_criterion_F_min                       ? 
_reflns.observed_criterion_I_max                       ? 
_reflns.observed_criterion_I_min                       ? 
_reflns.observed_criterion_sigma_F                     ? 
_reflns.observed_criterion_sigma_I                     ? 
_reflns.percent_possible_obs                           98.5 
_reflns.R_free_details                                 ? 
_reflns.Rmerge_F_all                                   ? 
_reflns.Rmerge_F_obs                                   ? 
_reflns.Friedel_coverage                               ? 
_reflns.number_gt                                      ? 
_reflns.threshold_expression                           ? 
_reflns.pdbx_redundancy                                6.1 
_reflns.pdbx_Rmerge_I_obs                              ? 
_reflns.pdbx_Rmerge_I_all                              ? 
_reflns.pdbx_Rsym_value                                0.066 
_reflns.pdbx_netI_over_av_sigmaI                       ? 
_reflns.pdbx_netI_over_sigmaI                          26 
_reflns.pdbx_res_netI_over_av_sigmaI_2                 ? 
_reflns.pdbx_res_netI_over_sigmaI_2                    ? 
_reflns.pdbx_chi_squared                               ? 
_reflns.pdbx_scaling_rejects                           ? 
_reflns.pdbx_d_res_high_opt                            ? 
_reflns.pdbx_d_res_low_opt                             ? 
_reflns.pdbx_d_res_opt_method                          ? 
_reflns.phase_calculation_details                      ? 
_reflns.pdbx_Rrim_I_all                                0.072 
_reflns.pdbx_Rpim_I_all                                0.029 
_reflns.pdbx_d_opt                                     ? 
_reflns.pdbx_number_measured_all                       ? 
_reflns.pdbx_diffrn_id                                 1 
_reflns.pdbx_ordinal                                   1 
_reflns.pdbx_CC_half                                   1 
_reflns.pdbx_CC_star                                   ? 
_reflns.pdbx_R_split                                   ? 
_reflns.pdbx_aniso_diffraction_limit_axis_1_ortho[1]   ? 
_reflns.pdbx_aniso_diffraction_limit_axis_1_ortho[2]   ? 
_reflns.pdbx_aniso_diffraction_limit_axis_1_ortho[3]   ? 
_reflns.pdbx_aniso_diffraction_limit_axis_2_ortho[1]   ? 
_reflns.pdbx_aniso_diffraction_limit_axis_2_ortho[2]   ? 
_reflns.pdbx_aniso_diffraction_limit_axis_2_ortho[3]   ? 
_reflns.pdbx_aniso_diffraction_limit_axis_3_ortho[1]   ? 
_reflns.pdbx_aniso_diffraction_limit_axis_3_ortho[2]   ? 
_reflns.pdbx_aniso_diffraction_limit_axis_3_ortho[3]   ? 
_reflns.pdbx_aniso_diffraction_limit_1                 ? 
_reflns.pdbx_aniso_diffraction_limit_2                 ? 
_reflns.pdbx_aniso_diffraction_limit_3                 ? 
_reflns.pdbx_aniso_B_tensor_eigenvector_1_ortho[1]     ? 
_reflns.pdbx_aniso_B_tensor_eigenvector_1_ortho[2]     ? 
_reflns.pdbx_aniso_B_tensor_eigenvector_1_ortho[3]     ? 
_reflns.pdbx_aniso_B_tensor_eigenvector_2_ortho[1]     ? 
_reflns.pdbx_aniso_B_tensor_eigenvector_2_ortho[2]     ? 
_reflns.pdbx_aniso_B_tensor_eigenvector_2_ortho[3]     ? 
_reflns.pdbx_aniso_B_tensor_eigenvector_3_ortho[1]     ? 
_reflns.pdbx_aniso_B_tensor_eigenvector_3_ortho[2]     ? 
_reflns.pdbx_aniso_B_tensor_eigenvector_3_ortho[3]     ? 
_reflns.pdbx_aniso_B_tensor_eigenvalue_1               ? 
_reflns.pdbx_aniso_B_tensor_eigenvalue_2               ? 
_reflns.pdbx_aniso_B_tensor_eigenvalue_3               ? 
_reflns.pdbx_orthogonalization_convention              ? 
_reflns.pdbx_percent_possible_ellipsoidal              ? 
_reflns.pdbx_percent_possible_spherical                ? 
_reflns.pdbx_percent_possible_ellipsoidal_anomalous    ? 
_reflns.pdbx_percent_possible_spherical_anomalous      ? 
_reflns.pdbx_redundancy_anomalous                      ? 
_reflns.pdbx_CC_half_anomalous                         ? 
_reflns.pdbx_absDiff_over_sigma_anomalous              ? 
_reflns.pdbx_percent_possible_anomalous                ? 
_reflns.pdbx_observed_signal_threshold                 ? 
_reflns.pdbx_signal_type                               ? 
_reflns.pdbx_signal_details                            ? 
_reflns.pdbx_signal_software_id                        ? 
_reflns.pdbx_CC_split_method                           ? 
# 
_reflns_shell.d_res_high                                    1.44 
_reflns_shell.d_res_low                                     1.46 
_reflns_shell.meanI_over_sigI_all                           ? 
_reflns_shell.meanI_over_sigI_obs                           2 
_reflns_shell.number_measured_all                           ? 
_reflns_shell.number_measured_obs                           ? 
_reflns_shell.number_possible                               ? 
_reflns_shell.number_unique_all                             ? 
_reflns_shell.number_unique_obs                             924 
_reflns_shell.percent_possible_all                          ? 
_reflns_shell.percent_possible_obs                          ? 
_reflns_shell.Rmerge_F_all                                  ? 
_reflns_shell.Rmerge_F_obs                                  ? 
_reflns_shell.Rmerge_I_all                                  ? 
_reflns_shell.Rmerge_I_obs                                  ? 
_reflns_shell.meanI_over_sigI_gt                            ? 
_reflns_shell.meanI_over_uI_all                             ? 
_reflns_shell.meanI_over_uI_gt                              ? 
_reflns_shell.number_measured_gt                            ? 
_reflns_shell.number_unique_gt                              ? 
_reflns_shell.percent_possible_gt                           ? 
_reflns_shell.Rmerge_F_gt                                   ? 
_reflns_shell.Rmerge_I_gt                                   ? 
_reflns_shell.pdbx_redundancy                               ? 
_reflns_shell.pdbx_Rsym_value                               0.584 
_reflns_shell.pdbx_chi_squared                              ? 
_reflns_shell.pdbx_netI_over_sigmaI_all                     ? 
_reflns_shell.pdbx_netI_over_sigmaI_obs                     ? 
_reflns_shell.pdbx_Rrim_I_all                               0.647 
_reflns_shell.pdbx_Rpim_I_all                               0.273 
_reflns_shell.pdbx_rejects                                  ? 
_reflns_shell.pdbx_ordinal                                  1 
_reflns_shell.pdbx_diffrn_id                                1 
_reflns_shell.pdbx_CC_half                                  0.838 
_reflns_shell.pdbx_CC_star                                  ? 
_reflns_shell.pdbx_R_split                                  ? 
_reflns_shell.pdbx_percent_possible_ellipsoidal             ? 
_reflns_shell.pdbx_percent_possible_spherical               ? 
_reflns_shell.pdbx_percent_possible_ellipsoidal_anomalous   ? 
_reflns_shell.pdbx_percent_possible_spherical_anomalous     ? 
_reflns_shell.pdbx_redundancy_anomalous                     ? 
_reflns_shell.pdbx_CC_half_anomalous                        ? 
_reflns_shell.pdbx_absDiff_over_sigma_anomalous             ? 
_reflns_shell.pdbx_percent_possible_anomalous               ? 
# 
_refine.aniso_B[1][1]                            ? 
_refine.aniso_B[1][2]                            ? 
_refine.aniso_B[1][3]                            ? 
_refine.aniso_B[2][2]                            ? 
_refine.aniso_B[2][3]                            ? 
_refine.aniso_B[3][3]                            ? 
_refine.B_iso_max                                40.100 
_refine.B_iso_mean                               15.3462 
_refine.B_iso_min                                8.420 
_refine.correlation_coeff_Fo_to_Fc               ? 
_refine.correlation_coeff_Fo_to_Fc_free          ? 
_refine.details                                  ? 
_refine.diff_density_max                         ? 
_refine.diff_density_max_esd                     ? 
_refine.diff_density_min                         ? 
_refine.diff_density_min_esd                     ? 
_refine.diff_density_rms                         ? 
_refine.diff_density_rms_esd                     ? 
_refine.entry_id                                 8GQ0 
_refine.pdbx_refine_id                           'X-RAY DIFFRACTION' 
_refine.ls_abs_structure_details                 ? 
_refine.ls_abs_structure_Flack                   ? 
_refine.ls_abs_structure_Flack_esd               ? 
_refine.ls_abs_structure_Rogers                  ? 
_refine.ls_abs_structure_Rogers_esd              ? 
_refine.ls_d_res_high                            1.4400 
_refine.ls_d_res_low                             40.8030 
_refine.ls_extinction_coef                       ? 
_refine.ls_extinction_coef_esd                   ? 
_refine.ls_extinction_expression                 ? 
_refine.ls_extinction_method                     ? 
_refine.ls_goodness_of_fit_all                   ? 
_refine.ls_goodness_of_fit_all_esd               ? 
_refine.ls_goodness_of_fit_obs                   ? 
_refine.ls_goodness_of_fit_obs_esd               ? 
_refine.ls_hydrogen_treatment                    ? 
_refine.ls_matrix_type                           ? 
_refine.ls_number_constraints                    ? 
_refine.ls_number_parameters                     ? 
_refine.ls_number_reflns_all                     ? 
_refine.ls_number_reflns_obs                     20709 
_refine.ls_number_reflns_R_free                  1015 
_refine.ls_number_reflns_R_work                  19694 
_refine.ls_number_restraints                     ? 
_refine.ls_percent_reflns_obs                    90.7500 
_refine.ls_percent_reflns_R_free                 4.9000 
_refine.ls_R_factor_all                          ? 
_refine.ls_R_factor_obs                          0.1771 
_refine.ls_R_factor_R_free                       0.1894 
_refine.ls_R_factor_R_free_error                 ? 
_refine.ls_R_factor_R_free_error_details         ? 
_refine.ls_R_factor_R_work                       0.1765 
_refine.ls_R_Fsqd_factor_obs                     ? 
_refine.ls_R_I_factor_obs                        ? 
_refine.ls_redundancy_reflns_all                 ? 
_refine.ls_redundancy_reflns_obs                 ? 
_refine.ls_restrained_S_all                      ? 
_refine.ls_restrained_S_obs                      ? 
_refine.ls_shift_over_esd_max                    ? 
_refine.ls_shift_over_esd_mean                   ? 
_refine.ls_structure_factor_coef                 ? 
_refine.ls_weighting_details                     ? 
_refine.ls_weighting_scheme                      ? 
_refine.ls_wR_factor_all                         ? 
_refine.ls_wR_factor_obs                         ? 
_refine.ls_wR_factor_R_free                      ? 
_refine.ls_wR_factor_R_work                      ? 
_refine.occupancy_max                            ? 
_refine.occupancy_min                            ? 
_refine.solvent_model_details                    'FLAT BULK SOLVENT MODEL' 
_refine.solvent_model_param_bsol                 ? 
_refine.solvent_model_param_ksol                 ? 
_refine.pdbx_R_complete                          ? 
_refine.ls_R_factor_gt                           ? 
_refine.ls_goodness_of_fit_gt                    ? 
_refine.ls_goodness_of_fit_ref                   ? 
_refine.ls_shift_over_su_max                     ? 
_refine.ls_shift_over_su_max_lt                  ? 
_refine.ls_shift_over_su_mean                    ? 
_refine.ls_shift_over_su_mean_lt                 ? 
_refine.pdbx_ls_sigma_I                          ? 
_refine.pdbx_ls_sigma_F                          1.360 
_refine.pdbx_ls_sigma_Fsqd                       ? 
_refine.pdbx_data_cutoff_high_absF               ? 
_refine.pdbx_data_cutoff_high_rms_absF           ? 
_refine.pdbx_data_cutoff_low_absF                ? 
_refine.pdbx_isotropic_thermal_model             ? 
_refine.pdbx_ls_cross_valid_method               THROUGHOUT 
_refine.pdbx_method_to_determine_struct          'MOLECULAR REPLACEMENT' 
_refine.pdbx_starting_model                      6kei 
_refine.pdbx_stereochemistry_target_values       ML 
_refine.pdbx_R_Free_selection_details            ? 
_refine.pdbx_stereochem_target_val_spec_case     ? 
_refine.pdbx_overall_ESU_R                       ? 
_refine.pdbx_overall_ESU_R_Free                  ? 
_refine.pdbx_solvent_vdw_probe_radii             1.1100 
_refine.pdbx_solvent_ion_probe_radii             ? 
_refine.pdbx_solvent_shrinkage_radii             0.9000 
_refine.pdbx_real_space_R                        ? 
_refine.pdbx_density_correlation                 ? 
_refine.pdbx_pd_number_of_powder_patterns        ? 
_refine.pdbx_pd_number_of_points                 ? 
_refine.pdbx_pd_meas_number_of_points            ? 
_refine.pdbx_pd_proc_ls_prof_R_factor            ? 
_refine.pdbx_pd_proc_ls_prof_wR_factor           ? 
_refine.pdbx_pd_Marquardt_correlation_coeff      ? 
_refine.pdbx_pd_Fsqrd_R_factor                   ? 
_refine.pdbx_pd_ls_matrix_band_width             ? 
_refine.pdbx_overall_phase_error                 19.5500 
_refine.pdbx_overall_SU_R_free_Cruickshank_DPI   ? 
_refine.pdbx_overall_SU_R_free_Blow_DPI          ? 
_refine.pdbx_overall_SU_R_Blow_DPI               ? 
_refine.pdbx_TLS_residual_ADP_flag               ? 
_refine.pdbx_diffrn_id                           1 
_refine.overall_SU_B                             ? 
_refine.overall_SU_ML                            0.1400 
_refine.overall_SU_R_Cruickshank_DPI             ? 
_refine.overall_SU_R_free                        ? 
_refine.overall_FOM_free_R_set                   ? 
_refine.overall_FOM_work_R_set                   ? 
_refine.pdbx_average_fsc_overall                 ? 
_refine.pdbx_average_fsc_work                    ? 
_refine.pdbx_average_fsc_free                    ? 
# 
_refine_hist.pdbx_refine_id                   'X-RAY DIFFRACTION' 
_refine_hist.cycle_id                         final 
_refine_hist.details                          ? 
_refine_hist.d_res_high                       1.4400 
_refine_hist.d_res_low                        40.8030 
_refine_hist.number_atoms_solvent             88 
_refine_hist.number_atoms_total               1162 
_refine_hist.number_reflns_all                ? 
_refine_hist.number_reflns_obs                ? 
_refine_hist.number_reflns_R_free             ? 
_refine_hist.number_reflns_R_work             ? 
_refine_hist.R_factor_all                     ? 
_refine_hist.R_factor_obs                     ? 
_refine_hist.R_factor_R_free                  ? 
_refine_hist.R_factor_R_work                  ? 
_refine_hist.pdbx_number_residues_total       124 
_refine_hist.pdbx_B_iso_mean_ligand           18.87 
_refine_hist.pdbx_B_iso_mean_solvent          22.33 
_refine_hist.pdbx_number_atoms_protein        1026 
_refine_hist.pdbx_number_atoms_nucleic_acid   0 
_refine_hist.pdbx_number_atoms_ligand         48 
_refine_hist.pdbx_number_atoms_lipid          ? 
_refine_hist.pdbx_number_atoms_carb           ? 
_refine_hist.pdbx_pseudo_atom_details         ? 
# 
loop_
_refine_ls_shell.pdbx_refine_id 
_refine_ls_shell.d_res_high 
_refine_ls_shell.d_res_low 
_refine_ls_shell.number_reflns_all 
_refine_ls_shell.number_reflns_obs 
_refine_ls_shell.number_reflns_R_free 
_refine_ls_shell.number_reflns_R_work 
_refine_ls_shell.percent_reflns_obs 
_refine_ls_shell.percent_reflns_R_free 
_refine_ls_shell.R_factor_all 
_refine_ls_shell.R_factor_obs 
_refine_ls_shell.R_factor_R_free 
_refine_ls_shell.R_factor_R_free_error 
_refine_ls_shell.R_factor_R_work 
_refine_ls_shell.redundancy_reflns_all 
_refine_ls_shell.redundancy_reflns_obs 
_refine_ls_shell.wR_factor_all 
_refine_ls_shell.wR_factor_obs 
_refine_ls_shell.wR_factor_R_free 
_refine_ls_shell.wR_factor_R_work 
_refine_ls_shell.pdbx_R_complete 
_refine_ls_shell.pdbx_total_number_of_bins_used 
_refine_ls_shell.pdbx_phase_error 
_refine_ls_shell.pdbx_fsc_work 
_refine_ls_shell.pdbx_fsc_free 
'X-RAY DIFFRACTION' 1.4400 1.5159  . . 97  1890 63.0000  . . . 0.2257 0.0000 0.2081 . . . . . . . . . . . 
'X-RAY DIFFRACTION' 1.5159 1.6109  . . 125 2405 79.0000  . . . 0.2436 0.0000 0.1901 . . . . . . . . . . . 
'X-RAY DIFFRACTION' 1.6109 1.7353  . . 150 2846 93.0000  . . . 0.2106 0.0000 0.1903 . . . . . . . . . . . 
'X-RAY DIFFRACTION' 1.7353 1.9099  . . 155 3075 100.0000 . . . 0.2244 0.0000 0.1809 . . . . . . . . . . . 
'X-RAY DIFFRACTION' 1.9099 2.1863  . . 172 3072 100.0000 . . . 0.1814 0.0000 0.1648 . . . . . . . . . . . 
'X-RAY DIFFRACTION' 2.1863 2.7544  . . 145 3142 100.0000 . . . 0.1753 0.0000 0.1811 . . . . . . . . . . . 
'X-RAY DIFFRACTION' 2.7544 40.8030 . . 171 3264 100.0000 . . . 0.1784 0.0000 0.1709 . . . . . . . . . . . 
# 
_struct.entry_id                     8GQ0 
_struct.title                        'Crystal structure of BRD4 bromodomain 1 (BD1) in complex with STL233497' 
_struct.pdbx_model_details           ? 
_struct.pdbx_formula_weight          ? 
_struct.pdbx_formula_weight_method   ? 
_struct.pdbx_model_type_details      ? 
_struct.pdbx_CASP_flag               N 
# 
_struct_keywords.entry_id        8GQ0 
_struct_keywords.text            'BD1, complex, inhibitor, TRANSCRIPTION' 
_struct_keywords.pdbx_keywords   TRANSCRIPTION 
# 
loop_
_struct_asym.id 
_struct_asym.pdbx_blank_PDB_chainid_flag 
_struct_asym.pdbx_modified 
_struct_asym.entity_id 
_struct_asym.details 
A N N 1 ? 
B N N 2 ? 
C N N 2 ? 
D N N 2 ? 
E N N 2 ? 
F N N 3 ? 
G N N 3 ? 
H N N 4 ? 
I N N 4 ? 
J N N 5 ? 
K N N 6 ? 
# 
loop_
_struct_conf.conf_type_id 
_struct_conf.id 
_struct_conf.pdbx_PDB_helix_id 
_struct_conf.beg_label_comp_id 
_struct_conf.beg_label_asym_id 
_struct_conf.beg_label_seq_id 
_struct_conf.pdbx_beg_PDB_ins_code 
_struct_conf.end_label_comp_id 
_struct_conf.end_label_asym_id 
_struct_conf.end_label_seq_id 
_struct_conf.pdbx_end_PDB_ins_code 
_struct_conf.beg_auth_comp_id 
_struct_conf.beg_auth_asym_id 
_struct_conf.beg_auth_seq_id 
_struct_conf.end_auth_comp_id 
_struct_conf.end_auth_asym_id 
_struct_conf.end_auth_seq_id 
_struct_conf.pdbx_PDB_helix_class 
_struct_conf.details 
_struct_conf.pdbx_PDB_helix_length 
HELX_P HELX_P1 AA1 THR A 18  ? VAL A 27  ? THR A 60  VAL A 69  1 ? 10 
HELX_P HELX_P2 AA2 VAL A 27  ? HIS A 35  ? VAL A 69  HIS A 77  1 ? 9  
HELX_P HELX_P3 AA3 ALA A 38  ? GLN A 42  ? ALA A 80  GLN A 84  5 ? 5  
HELX_P HELX_P4 AA4 ASP A 54  ? ILE A 59  ? ASP A 96  ILE A 101 1 ? 6  
HELX_P HELX_P5 AA5 ASP A 64  ? ASN A 74  ? ASP A 106 ASN A 116 1 ? 11 
HELX_P HELX_P6 AA6 ASN A 79  ? ASN A 98  ? ASN A 121 ASN A 140 1 ? 20 
HELX_P HELX_P7 AA7 ASP A 102 ? ASN A 120 ? ASP A 144 ASN A 162 1 ? 19 
# 
_struct_conf_type.id          HELX_P 
_struct_conf_type.criteria    ? 
_struct_conf_type.reference   ? 
# 
loop_
_struct_conn.id 
_struct_conn.conn_type_id 
_struct_conn.pdbx_leaving_atom_flag 
_struct_conn.pdbx_PDB_id 
_struct_conn.ptnr1_label_asym_id 
_struct_conn.ptnr1_label_comp_id 
_struct_conn.ptnr1_label_seq_id 
_struct_conn.ptnr1_label_atom_id 
_struct_conn.pdbx_ptnr1_label_alt_id 
_struct_conn.pdbx_ptnr1_PDB_ins_code 
_struct_conn.pdbx_ptnr1_standard_comp_id 
_struct_conn.ptnr1_symmetry 
_struct_conn.ptnr2_label_asym_id 
_struct_conn.ptnr2_label_comp_id 
_struct_conn.ptnr2_label_seq_id 
_struct_conn.ptnr2_label_atom_id 
_struct_conn.pdbx_ptnr2_label_alt_id 
_struct_conn.pdbx_ptnr2_PDB_ins_code 
_struct_conn.ptnr1_auth_asym_id 
_struct_conn.ptnr1_auth_comp_id 
_struct_conn.ptnr1_auth_seq_id 
_struct_conn.ptnr2_auth_asym_id 
_struct_conn.ptnr2_auth_comp_id 
_struct_conn.ptnr2_auth_seq_id 
_struct_conn.ptnr2_symmetry 
_struct_conn.pdbx_ptnr3_label_atom_id 
_struct_conn.pdbx_ptnr3_label_seq_id 
_struct_conn.pdbx_ptnr3_label_comp_id 
_struct_conn.pdbx_ptnr3_label_asym_id 
_struct_conn.pdbx_ptnr3_label_alt_id 
_struct_conn.pdbx_ptnr3_PDB_ins_code 
_struct_conn.details 
_struct_conn.pdbx_dist_value 
_struct_conn.pdbx_value_order 
_struct_conn.pdbx_role 
metalc1  metalc ? ? A TYR 23  OH  ? ? ? 1_555 F NA  . NA ? ? A TYR 65  A NA  205 1_555 ? ? ? ? ? ? ? 2.391 ? ? 
metalc2  metalc ? ? A VAL 48  O   ? ? ? 1_555 G NA  . NA ? ? A VAL 90  A NA  206 4_447 ? ? ? ? ? ? ? 2.678 ? ? 
metalc3  metalc ? ? A LYS 49  O   ? ? ? 1_555 G NA  . NA ? ? A LYS 91  A NA  206 4_447 ? ? ? ? ? ? ? 2.399 ? ? 
metalc4  metalc ? ? A ASN 51  OD1 ? ? ? 1_555 G NA  . NA ? ? A ASN 93  A NA  206 4_447 ? ? ? ? ? ? ? 2.414 ? ? 
metalc5  metalc ? ? A ILE 96  O   ? ? ? 1_555 G NA  . NA ? ? A ILE 138 A NA  206 1_555 ? ? ? ? ? ? ? 2.330 ? ? 
metalc6  metalc ? ? A ASN 98  O   ? ? ? 1_555 G NA  . NA ? ? A ASN 140 A NA  206 1_555 ? ? ? ? ? ? ? 2.394 ? ? 
metalc7  metalc ? ? A LYS 118 O   ? ? ? 1_555 F NA  . NA ? ? A LYS 160 A NA  205 1_555 ? ? ? ? ? ? ? 2.259 ? ? 
metalc8  metalc ? ? A GLU 121 O   ? ? ? 1_555 F NA  . NA ? ? A GLU 163 A NA  205 1_555 ? ? ? ? ? ? ? 2.284 ? ? 
metalc9  metalc ? ? F NA  .   NA  ? ? ? 1_555 I GOL . O2 ? ? A NA  205 A GOL 208 1_555 ? ? ? ? ? ? ? 2.382 ? ? 
metalc10 metalc ? ? F NA  .   NA  ? ? ? 1_555 K HOH . O  ? ? A NA  205 A HOH 330 1_555 ? ? ? ? ? ? ? 2.336 ? ? 
metalc11 metalc ? ? G NA  .   NA  ? ? ? 1_555 K HOH . O  ? ? A NA  206 A HOH 309 4_557 ? ? ? ? ? ? ? 2.451 ? ? 
# 
_struct_conn_type.id          metalc 
_struct_conn_type.criteria    ? 
_struct_conn_type.reference   ? 
# 
_atom_sites.entry_id                    8GQ0 
_atom_sites.Cartn_transf_matrix[1][1]   ? 
_atom_sites.Cartn_transf_matrix[1][2]   ? 
_atom_sites.Cartn_transf_matrix[1][3]   ? 
_atom_sites.Cartn_transf_matrix[2][1]   ? 
_atom_sites.Cartn_transf_matrix[2][2]   ? 
_atom_sites.Cartn_transf_matrix[2][3]   ? 
_atom_sites.Cartn_transf_matrix[3][1]   ? 
_atom_sites.Cartn_transf_matrix[3][2]   ? 
_atom_sites.Cartn_transf_matrix[3][3]   ? 
_atom_sites.Cartn_transf_vector[1]      ? 
_atom_sites.Cartn_transf_vector[2]      ? 
_atom_sites.Cartn_transf_vector[3]      ? 
_atom_sites.fract_transf_matrix[1][1]   -0.01277106 
_atom_sites.fract_transf_matrix[1][2]   0.01298696 
_atom_sites.fract_transf_matrix[1][3]   0.02505744 
_atom_sites.fract_transf_matrix[2][1]   0.01324540 
_atom_sites.fract_transf_matrix[2][2]   0.01623544 
_atom_sites.fract_transf_matrix[2][3]   -0.00166382 
_atom_sites.fract_transf_matrix[3][1]   -0.00829249 
_atom_sites.fract_transf_matrix[3][2]   0.00601278 
_atom_sites.fract_transf_matrix[3][3]   -0.00734280 
_atom_sites.fract_transf_vector[1]      -0.691520 
_atom_sites.fract_transf_vector[2]      0.063307 
_atom_sites.fract_transf_vector[3]      1.108435 
_atom_sites.solution_primary            ? 
_atom_sites.solution_secondary          ? 
_atom_sites.solution_hydrogens          ? 
_atom_sites.special_details             ? 
# 
loop_
_atom_type.symbol 
C  
N  
NA 
O  
S  
# 
loop_
_atom_site.group_PDB 
_atom_site.id 
_atom_site.type_symbol 
_atom_site.label_atom_id 
_atom_site.label_alt_id 
_atom_site.label_comp_id 
_atom_site.label_asym_id 
_atom_site.label_entity_id 
_atom_site.label_seq_id 
_atom_site.pdbx_PDB_ins_code 
_atom_site.Cartn_x 
_atom_site.Cartn_y 
_atom_site.Cartn_z 
_atom_site.occupancy 
_atom_site.B_iso_or_equiv 
_atom_site.pdbx_formal_charge 
_atom_site.auth_seq_id 
_atom_site.auth_comp_id 
_atom_site.auth_asym_id 
_atom_site.auth_atom_id 
_atom_site.pdbx_PDB_model_num 
ATOM   1    N  N   . MET A 1 1   ? -15.934 -14.657 3.670   1.00 34.01 ? 43  MET A N   1 
ATOM   2    C  CA  . MET A 1 1   ? -16.369 -13.558 2.825   1.00 29.84 ? 43  MET A CA  1 
ATOM   3    C  C   . MET A 1 1   ? -15.276 -12.498 2.672   1.00 29.11 ? 43  MET A C   1 
ATOM   4    O  O   . MET A 1 1   ? -14.741 -11.979 3.661   1.00 30.64 ? 43  MET A O   1 
ATOM   5    C  CB  . MET A 1 1   ? -17.645 -12.919 3.386   1.00 24.88 ? 43  MET A CB  1 
ATOM   6    N  N   . ASN A 1 2   ? -14.940 -12.199 1.424   1.00 29.06 ? 44  ASN A N   1 
ATOM   7    C  CA  . ASN A 1 2   ? -14.084 -11.050 1.175   1.00 19.36 ? 44  ASN A CA  1 
ATOM   8    C  C   . ASN A 1 2   ? -14.948 -9.850  0.820   1.00 21.14 ? 44  ASN A C   1 
ATOM   9    O  O   . ASN A 1 2   ? -15.955 -10.000 0.118   1.00 24.12 ? 44  ASN A O   1 
ATOM   10   C  CB  . ASN A 1 2   ? -13.169 -11.330 -0.014  1.00 20.25 ? 44  ASN A CB  1 
ATOM   11   C  CG  . ASN A 1 2   ? -11.997 -12.207 0.350   1.00 18.15 ? 44  ASN A CG  1 
ATOM   12   O  OD1 . ASN A 1 2   ? -11.293 -11.947 1.316   1.00 16.91 ? 44  ASN A OD1 1 
ATOM   13   N  ND2 . ASN A 1 2   ? -11.777 -13.248 -0.433  1.00 18.80 ? 44  ASN A ND2 1 
ATOM   14   N  N   . PRO A 1 3   ? -14.601 -8.649  1.267   1.00 14.73 ? 45  PRO A N   1 
ATOM   15   C  CA  . PRO A 1 3   ? -15.232 -7.454  0.716   1.00 16.30 ? 45  PRO A CA  1 
ATOM   16   C  C   . PRO A 1 3   ? -14.658 -7.158  -0.656  1.00 17.42 ? 45  PRO A C   1 
ATOM   17   O  O   . PRO A 1 3   ? -13.646 -7.754  -1.058  1.00 17.29 ? 45  PRO A O   1 
ATOM   18   C  CB  . PRO A 1 3   ? -14.837 -6.365  1.723   1.00 16.43 ? 45  PRO A CB  1 
ATOM   19   C  CG  . PRO A 1 3   ? -13.501 -6.816  2.213   1.00 16.62 ? 45  PRO A CG  1 
ATOM   20   C  CD  . PRO A 1 3   ? -13.578 -8.318  2.277   1.00 15.60 ? 45  PRO A CD  1 
ATOM   21   N  N   . PRO A 1 4   ? -15.272 -6.255  -1.418  1.00 17.47 ? 46  PRO A N   1 
ATOM   22   C  CA  . PRO A 1 4   ? -14.654 -5.842  -2.671  1.00 15.92 ? 46  PRO A CA  1 
ATOM   23   C  C   . PRO A 1 4   ? -13.336 -5.145  -2.385  1.00 16.54 ? 46  PRO A C   1 
ATOM   24   O  O   . PRO A 1 4   ? -13.172 -4.500  -1.336  1.00 19.65 ? 46  PRO A O   1 
ATOM   25   C  CB  . PRO A 1 4   ? -15.685 -4.872  -3.268  1.00 18.23 ? 46  PRO A CB  1 
ATOM   26   C  CG  . PRO A 1 4   ? -16.537 -4.448  -2.110  1.00 18.66 ? 46  PRO A CG  1 
ATOM   27   C  CD  . PRO A 1 4   ? -16.572 -5.602  -1.182  1.00 17.93 ? 46  PRO A CD  1 
ATOM   28   N  N   . PRO A 1 5   ? -12.365 -5.275  -3.279  1.00 17.13 ? 47  PRO A N   1 
ATOM   29   C  CA  . PRO A 1 5   ? -11.080 -4.608  -3.060  1.00 15.96 ? 47  PRO A CA  1 
ATOM   30   C  C   . PRO A 1 5   ? -11.234 -3.104  -3.196  1.00 16.72 ? 47  PRO A C   1 
ATOM   31   O  O   . PRO A 1 5   ? -12.244 -2.625  -3.743  1.00 16.01 ? 47  PRO A O   1 
ATOM   32   C  CB  . PRO A 1 5   ? -10.198 -5.186  -4.178  1.00 18.96 ? 47  PRO A CB  1 
ATOM   33   C  CG  . PRO A 1 5   ? -11.157 -5.572  -5.243  1.00 21.98 ? 47  PRO A CG  1 
ATOM   34   C  CD  . PRO A 1 5   ? -12.382 -6.050  -4.530  1.00 19.14 ? 47  PRO A CD  1 
ATOM   35   N  N   . PRO A 1 6   ? -10.276 -2.322  -2.692  1.00 15.03 ? 48  PRO A N   1 
ATOM   36   C  CA  . PRO A 1 6   ? -10.376 -0.862  -2.817  1.00 14.30 ? 48  PRO A CA  1 
ATOM   37   C  C   . PRO A 1 6   ? -10.430 -0.447  -4.280  1.00 15.34 ? 48  PRO A C   1 
ATOM   38   O  O   . PRO A 1 6   ? -9.826  -1.078  -5.149  1.00 14.95 ? 48  PRO A O   1 
ATOM   39   C  CB  . PRO A 1 6   ? -9.082  -0.359  -2.156  1.00 12.78 ? 48  PRO A CB  1 
ATOM   40   C  CG  . PRO A 1 6   ? -8.621  -1.488  -1.279  1.00 17.23 ? 48  PRO A CG  1 
ATOM   41   C  CD  . PRO A 1 6   ? -9.035  -2.732  -2.007  1.00 14.80 ? 48  PRO A CD  1 
ATOM   42   N  N   . GLU A 1 7   ? -11.182 0.622   -4.549  1.00 13.15 ? 49  GLU A N   1 
ATOM   43   C  CA  . GLU A 1 7   ? -11.298 1.107   -5.922  1.00 13.36 ? 49  GLU A CA  1 
ATOM   44   C  C   . GLU A 1 7   ? -9.936  1.550   -6.461  1.00 13.26 ? 49  GLU A C   1 
ATOM   45   O  O   . GLU A 1 7   ? -9.063  2.001   -5.718  1.00 14.60 ? 49  GLU A O   1 
ATOM   46   C  CB  . GLU A 1 7   ? -12.305 2.262   -6.003  1.00 13.69 ? 49  GLU A CB  1 
ATOM   47   C  CG  . GLU A 1 7   ? -11.832 3.559   -5.373  1.00 13.27 ? 49  GLU A CG  1 
ATOM   48   C  CD  . GLU A 1 7   ? -12.902 4.634   -5.347  1.00 14.85 ? 49  GLU A CD  1 
ATOM   49   O  OE1 . GLU A 1 7   ? -12.563 5.814   -5.112  1.00 13.84 ? 49  GLU A OE1 1 
ATOM   50   O  OE2 . GLU A 1 7   ? -14.088 4.296   -5.555  1.00 16.95 ? 49  GLU A OE2 1 
ATOM   51   N  N   . THR A 1 8   ? -9.745  1.388   -7.772  1.00 11.76 ? 50  THR A N   1 
ATOM   52   C  CA  . THR A 1 8   ? -8.574  1.930   -8.451  1.00 12.34 ? 50  THR A CA  1 
ATOM   53   C  C   . THR A 1 8   ? -8.956  2.963   -9.498  1.00 14.86 ? 50  THR A C   1 
ATOM   54   O  O   . THR A 1 8   ? -8.076  3.482   -10.198 1.00 16.89 ? 50  THR A O   1 
ATOM   55   C  CB  . THR A 1 8   ? -7.724  0.820   -9.089  1.00 14.35 ? 50  THR A CB  1 
ATOM   56   O  OG1 . THR A 1 8   ? -8.510  0.108   -10.053 1.00 16.29 ? 50  THR A OG1 1 
ATOM   57   C  CG2 . THR A 1 8   ? -7.221  -0.142  -8.030  1.00 14.84 ? 50  THR A CG2 1 
ATOM   58   N  N   . SER A 1 9   ? -10.245 3.256   -9.633  1.00 13.97 ? 51  SER A N   1 
ATOM   59   C  CA  . SER A 1 9   ? -10.722 4.344   -10.467 1.00 15.02 ? 51  SER A CA  1 
ATOM   60   C  C   . SER A 1 9   ? -11.977 4.902   -9.816  1.00 14.86 ? 51  SER A C   1 
ATOM   61   O  O   . SER A 1 9   ? -12.630 4.242   -9.002  1.00 16.00 ? 51  SER A O   1 
ATOM   62   C  CB  . SER A 1 9   ? -10.994 3.880   -11.903 1.00 20.72 ? 51  SER A CB  1 
ATOM   63   O  OG  . SER A 1 9   ? -11.992 2.885   -11.916 1.00 23.25 ? 51  SER A OG  1 
ATOM   64   N  N   . ASN A 1 10  ? -12.297 6.136   -10.167 1.00 14.14 ? 52  ASN A N   1 
ATOM   65   C  CA  . ASN A 1 10  ? -13.456 6.817   -9.614  1.00 14.89 ? 52  ASN A CA  1 
ATOM   66   C  C   . ASN A 1 10  ? -13.704 8.009   -10.520 1.00 14.34 ? 52  ASN A C   1 
ATOM   67   O  O   . ASN A 1 10  ? -12.993 9.019   -10.420 1.00 13.60 ? 52  ASN A O   1 
ATOM   68   C  CB  . ASN A 1 10  ? -13.168 7.295   -8.189  1.00 14.82 ? 52  ASN A CB  1 
ATOM   69   C  CG  . ASN A 1 10  ? -14.371 7.943   -7.529  1.00 20.18 ? 52  ASN A CG  1 
ATOM   70   O  OD1 . ASN A 1 10  ? -15.201 8.582   -8.190  1.00 19.28 ? 52  ASN A OD1 1 
ATOM   71   N  ND2 . ASN A 1 10  ? -14.465 7.794   -6.215  1.00 20.34 ? 52  ASN A ND2 1 
ATOM   72   N  N   . PRO A 1 11  ? -14.674 7.922   -11.430 1.00 13.20 ? 53  PRO A N   1 
ATOM   73   C  CA  . PRO A 1 11  ? -14.794 8.964   -12.454 1.00 14.82 ? 53  PRO A CA  1 
ATOM   74   C  C   . PRO A 1 11  ? -15.093 10.343  -11.904 1.00 15.50 ? 53  PRO A C   1 
ATOM   75   O  O   . PRO A 1 11  ? -14.714 11.337  -12.539 1.00 19.99 ? 53  PRO A O   1 
ATOM   76   C  CB  . PRO A 1 11  ? -15.922 8.447   -13.352 1.00 14.55 ? 53  PRO A CB  1 
ATOM   77   C  CG  . PRO A 1 11  ? -15.930 6.975   -13.140 1.00 16.49 ? 53  PRO A CG  1 
ATOM   78   C  CD  . PRO A 1 11  ? -15.559 6.777   -11.700 1.00 14.03 ? 53  PRO A CD  1 
ATOM   79   N  N   . ASN A 1 12  ? -15.750 10.450  -10.756 1.00 14.82 ? 54  ASN A N   1 
ATOM   80   C  CA  . ASN A 1 12  ? -16.058 11.772  -10.229 1.00 17.52 ? 54  ASN A CA  1 
ATOM   81   C  C   . ASN A 1 12  ? -14.945 12.368  -9.379  1.00 20.19 ? 54  ASN A C   1 
ATOM   82   O  O   . ASN A 1 12  ? -15.042 13.541  -9.001  1.00 23.94 ? 54  ASN A O   1 
ATOM   83   C  CB  . ASN A 1 12  ? -17.374 11.763  -9.460  1.00 18.06 ? 54  ASN A CB  1 
ATOM   84   C  CG  . ASN A 1 12  ? -18.566 12.000  -10.363 1.00 20.60 ? 54  ASN A CG  1 
ATOM   85   O  OD1 . ASN A 1 12  ? -18.511 12.836  -11.271 1.00 17.07 ? 54  ASN A OD1 1 
ATOM   86   N  ND2 . ASN A 1 12  ? -19.647 11.268  -10.124 1.00 17.64 ? 54  ASN A ND2 1 
ATOM   87   N  N   . LYS A 1 13  ? -13.891 11.610  -9.088  1.00 15.51 ? 55  LYS A N   1 
ATOM   88   C  CA  . LYS A 1 13  ? -12.761 12.115  -8.320  1.00 15.10 ? 55  LYS A CA  1 
ATOM   89   C  C   . LYS A 1 13  ? -11.793 12.816  -9.272  1.00 14.18 ? 55  LYS A C   1 
ATOM   90   O  O   . LYS A 1 13  ? -11.493 12.280  -10.343 1.00 15.57 ? 55  LYS A O   1 
ATOM   91   C  CB  . LYS A 1 13  ? -12.063 10.941  -7.627  1.00 13.07 ? 55  LYS A CB  1 
ATOM   92   C  CG  . LYS A 1 13  ? -10.942 11.290  -6.658  1.00 14.13 ? 55  LYS A CG  1 
ATOM   93   C  CD  . LYS A 1 13  ? -10.355 9.996   -6.074  1.00 13.62 ? 55  LYS A CD  1 
ATOM   94   C  CE  . LYS A 1 13  ? -9.358  10.294  -4.969  1.00 14.17 ? 55  LYS A CE  1 
ATOM   95   N  NZ  . LYS A 1 13  ? -8.140  10.958  -5.513  1.00 16.32 ? 55  LYS A NZ  1 
ATOM   96   N  N   . PRO A 1 14  ? -11.310 14.010  -8.947  1.00 14.69 ? 56  PRO A N   1 
ATOM   97   C  CA  . PRO A 1 14  ? -10.377 14.692  -9.854  1.00 15.48 ? 56  PRO A CA  1 
ATOM   98   C  C   . PRO A 1 14  ? -8.998  14.067  -9.768  1.00 17.40 ? 56  PRO A C   1 
ATOM   99   O  O   . PRO A 1 14  ? -8.536  13.675  -8.692  1.00 19.53 ? 56  PRO A O   1 
ATOM   100  C  CB  . PRO A 1 14  ? -10.357 16.131  -9.326  1.00 15.99 ? 56  PRO A CB  1 
ATOM   101  C  CG  . PRO A 1 14  ? -10.718 16.008  -7.869  1.00 18.93 ? 56  PRO A CG  1 
ATOM   102  C  CD  . PRO A 1 14  ? -11.603 14.788  -7.731  1.00 16.89 ? 56  PRO A CD  1 
ATOM   103  N  N   . LYS A 1 15  ? -8.347  13.973  -10.920 1.00 18.47 ? 57  LYS A N   1 
ATOM   104  C  CA  . LYS A 1 15  ? -7.072  13.292  -11.061 1.00 19.30 ? 57  LYS A CA  1 
ATOM   105  C  C   . LYS A 1 15  ? -5.971  14.318  -11.287 1.00 18.28 ? 57  LYS A C   1 
ATOM   106  O  O   . LYS A 1 15  ? -6.223  15.442  -11.721 1.00 15.83 ? 57  LYS A O   1 
ATOM   107  C  CB  . LYS A 1 15  ? -7.129  12.325  -12.246 1.00 20.66 ? 57  LYS A CB  1 
ATOM   108  C  CG  . LYS A 1 15  ? -8.247  11.280  -12.121 1.00 18.99 ? 57  LYS A CG  1 
ATOM   109  C  CD  . LYS A 1 15  ? -8.405  10.859  -10.643 1.00 20.87 ? 57  LYS A CD  1 
ATOM   110  C  CE  . LYS A 1 15  ? -9.526  9.851   -10.384 1.00 19.80 ? 57  LYS A CE  1 
ATOM   111  N  NZ  . LYS A 1 15  ? -10.850 10.084  -11.127 1.00 10.27 ? 57  LYS A NZ  1 
ATOM   112  N  N   . ARG A 1 16  ? -4.738  13.925  -10.977 1.00 16.18 ? 58  ARG A N   1 
ATOM   113  C  CA  . ARG A 1 16  ? -3.597  14.790  -11.228 1.00 16.92 ? 58  ARG A CA  1 
ATOM   114  C  C   . ARG A 1 16  ? -2.372  13.933  -11.481 1.00 16.35 ? 58  ARG A C   1 
ATOM   115  O  O   . ARG A 1 16  ? -2.249  12.820  -10.961 1.00 16.59 ? 58  ARG A O   1 
ATOM   116  C  CB  . ARG A 1 16  ? -3.315  15.759  -10.066 1.00 20.60 ? 58  ARG A CB  1 
ATOM   117  C  CG  . ARG A 1 16  ? -3.944  17.134  -10.243 1.00 22.94 ? 58  ARG A CG  1 
ATOM   118  C  CD  . ARG A 1 16  ? -3.113  18.276  -9.641  1.00 20.57 ? 58  ARG A CD  1 
ATOM   119  N  NE  . ARG A 1 16  ? -2.472  17.906  -8.388  1.00 20.50 ? 58  ARG A NE  1 
ATOM   120  C  CZ  . ARG A 1 16  ? -1.780  18.740  -7.616  1.00 16.93 ? 58  ARG A CZ  1 
ATOM   121  N  NH1 . ARG A 1 16  ? -1.643  20.019  -7.940  1.00 19.35 ? 58  ARG A NH1 1 
ATOM   122  N  NH2 . ARG A 1 16  ? -1.227  18.294  -6.502  1.00 17.31 ? 58  ARG A NH2 1 
ATOM   123  N  N   . GLN A 1 17  ? -1.482  14.452  -12.314 1.00 16.47 ? 59  GLN A N   1 
ATOM   124  C  CA  . GLN A 1 17  ? -0.151  13.896  -12.479 1.00 20.07 ? 59  GLN A CA  1 
ATOM   125  C  C   . GLN A 1 17  ? 0.838   14.940  -11.983 1.00 19.61 ? 59  GLN A C   1 
ATOM   126  O  O   . GLN A 1 17  ? 0.741   16.116  -12.353 1.00 21.24 ? 59  GLN A O   1 
ATOM   127  C  CB  . GLN A 1 17  ? 0.113   13.550  -13.944 1.00 20.35 ? 59  GLN A CB  1 
ATOM   128  N  N   . THR A 1 18  ? 1.754   14.527  -11.113 1.00 16.61 ? 60  THR A N   1 
ATOM   129  C  CA  . THR A 1 18  ? 2.783   15.417  -10.601 1.00 16.36 ? 60  THR A CA  1 
ATOM   130  C  C   . THR A 1 18  ? 4.125   14.705  -10.678 1.00 14.75 ? 60  THR A C   1 
ATOM   131  O  O   . THR A 1 18  ? 4.187   13.484  -10.835 1.00 15.86 ? 60  THR A O   1 
ATOM   132  C  CB  . THR A 1 18  ? 2.510   15.846  -9.152  1.00 15.19 ? 60  THR A CB  1 
ATOM   133  O  OG1 . THR A 1 18  ? 2.706   14.730  -8.278  1.00 13.81 ? 60  THR A OG1 1 
ATOM   134  C  CG2 . THR A 1 18  ? 1.093   16.363  -8.982  1.00 17.37 ? 60  THR A CG2 1 
ATOM   135  N  N   . ASN A 1 19  ? 5.204   15.488  -10.576 1.00 17.40 ? 61  ASN A N   1 
ATOM   136  C  CA  . ASN A 1 19  ? 6.535   14.893  -10.567 1.00 16.67 ? 61  ASN A CA  1 
ATOM   137  C  C   . ASN A 1 19  ? 6.681   13.936  -9.401  1.00 16.90 ? 61  ASN A C   1 
ATOM   138  O  O   . ASN A 1 19  ? 7.260   12.852  -9.543  1.00 15.13 ? 61  ASN A O   1 
ATOM   139  C  CB  . ASN A 1 19  ? 7.601   15.981  -10.468 1.00 18.43 ? 61  ASN A CB  1 
ATOM   140  C  CG  . ASN A 1 19  ? 7.724   16.794  -11.738 1.00 25.75 ? 61  ASN A CG  1 
ATOM   141  O  OD1 . ASN A 1 19  ? 7.304   16.358  -12.810 1.00 25.25 ? 61  ASN A OD1 1 
ATOM   142  N  ND2 . ASN A 1 19  ? 8.310   17.983  -11.624 1.00 26.72 ? 61  ASN A ND2 1 
ATOM   143  N  N   . GLN A 1 20  ? 6.151   14.320  -8.239  1.00 14.30 ? 62  GLN A N   1 
ATOM   144  C  CA  . GLN A 1 20  ? 6.256   13.462  -7.065  1.00 12.44 ? 62  GLN A CA  1 
ATOM   145  C  C   . GLN A 1 20  ? 5.460   12.176  -7.240  1.00 12.86 ? 62  GLN A C   1 
ATOM   146  O  O   . GLN A 1 20  ? 5.922   11.104  -6.834  1.00 12.28 ? 62  GLN A O   1 
ATOM   147  C  CB  . GLN A 1 20  ? 5.833   14.222  -5.810  1.00 13.19 ? 62  GLN A CB  1 
ATOM   148  C  CG  . GLN A 1 20  ? 6.782   15.373  -5.475  1.00 14.78 ? 62  GLN A CG  1 
ATOM   149  C  CD  . GLN A 1 20  ? 6.531   15.990  -4.115  1.00 20.13 ? 62  GLN A CD  1 
ATOM   150  O  OE1 . GLN A 1 20  ? 5.549   15.675  -3.441  1.00 24.29 ? 62  GLN A OE1 1 
ATOM   151  N  NE2 . GLN A 1 20  ? 7.421   16.883  -3.706  1.00 22.76 ? 62  GLN A NE2 1 
ATOM   152  N  N   . LEU A 1 21  ? 4.276   12.247  -7.858  1.00 13.55 ? 63  LEU A N   1 
ATOM   153  C  CA  . LEU A 1 21  ? 3.506   11.023  -8.064  1.00 11.79 ? 63  LEU A CA  1 
ATOM   154  C  C   . LEU A 1 21  ? 4.180   10.099  -9.074  1.00 12.38 ? 63  LEU A C   1 
ATOM   155  O  O   . LEU A 1 21  ? 4.177   8.876   -8.897  1.00 14.12 ? 63  LEU A O   1 
ATOM   156  C  CB  . LEU A 1 21  ? 2.058   11.340  -8.450  1.00 12.61 ? 63  LEU A CB  1 
ATOM   157  C  CG  . LEU A 1 21  ? 1.154   11.787  -7.296  1.00 11.53 ? 63  LEU A CG  1 
ATOM   158  C  CD1 . LEU A 1 21  ? -0.070  12.502  -7.875  1.00 12.82 ? 63  LEU A CD1 1 
ATOM   159  C  CD2 . LEU A 1 21  ? 0.714   10.616  -6.444  1.00 13.74 ? 63  LEU A CD2 1 
ATOM   160  N  N   . GLN A 1 22  ? 4.772   10.661  -10.134 1.00 12.95 ? 64  GLN A N   1 
ATOM   161  C  CA  . GLN A 1 22  ? 5.524   9.835   -11.080 1.00 15.64 ? 64  GLN A CA  1 
ATOM   162  C  C   . GLN A 1 22  ? 6.679   9.128   -10.387 1.00 13.97 ? 64  GLN A C   1 
ATOM   163  O  O   . GLN A 1 22  ? 6.959   7.954   -10.664 1.00 13.23 ? 64  GLN A O   1 
ATOM   164  C  CB  . GLN A 1 22  ? 6.089   10.706  -12.197 1.00 16.88 ? 64  GLN A CB  1 
ATOM   165  C  CG  . GLN A 1 22  ? 5.055   11.329  -13.111 1.00 23.73 ? 64  GLN A CG  1 
ATOM   166  C  CD  . GLN A 1 22  ? 5.708   12.099  -14.243 1.00 31.20 ? 64  GLN A CD  1 
ATOM   167  O  OE1 . GLN A 1 22  ? 6.554   11.561  -14.963 1.00 40.10 ? 64  GLN A OE1 1 
ATOM   168  N  NE2 . GLN A 1 22  ? 5.340   13.369  -14.391 1.00 35.48 ? 64  GLN A NE2 1 
ATOM   169  N  N   . TYR A 1 23  ? 7.370   9.845   -9.497  1.00 11.72 ? 65  TYR A N   1 
ATOM   170  C  CA  . TYR A 1 23  ? 8.472   9.280   -8.724  1.00 11.71 ? 65  TYR A CA  1 
ATOM   171  C  C   . TYR A 1 23  ? 7.978   8.176   -7.795  1.00 11.65 ? 65  TYR A C   1 
ATOM   172  O  O   . TYR A 1 23  ? 8.640   7.143   -7.632  1.00 12.15 ? 65  TYR A O   1 
ATOM   173  C  CB  . TYR A 1 23  ? 9.131   10.417  -7.934  1.00 11.46 ? 65  TYR A CB  1 
ATOM   174  C  CG  . TYR A 1 23  ? 10.266  9.999   -7.027  1.00 12.83 ? 65  TYR A CG  1 
ATOM   175  C  CD1 . TYR A 1 23  ? 11.564  9.913   -7.508  1.00 14.78 ? 65  TYR A CD1 1 
ATOM   176  C  CD2 . TYR A 1 23  ? 10.042  9.728   -5.683  1.00 12.91 ? 65  TYR A CD2 1 
ATOM   177  C  CE1 . TYR A 1 23  ? 12.602  9.534   -6.688  1.00 14.71 ? 65  TYR A CE1 1 
ATOM   178  C  CE2 . TYR A 1 23  ? 11.069  9.350   -4.848  1.00 12.34 ? 65  TYR A CE2 1 
ATOM   179  C  CZ  . TYR A 1 23  ? 12.349  9.257   -5.360  1.00 14.62 ? 65  TYR A CZ  1 
ATOM   180  O  OH  . TYR A 1 23  ? 13.386  8.887   -4.538  1.00 16.46 ? 65  TYR A OH  1 
ATOM   181  N  N   . LEU A 1 24  ? 6.820   8.385   -7.160  1.00 11.12 ? 66  LEU A N   1 
ATOM   182  C  CA  . LEU A 1 24  ? 6.276   7.359   -6.279  1.00 11.48 ? 66  LEU A CA  1 
ATOM   183  C  C   . LEU A 1 24  ? 6.028   6.054   -7.020  1.00 11.20 ? 66  LEU A C   1 
ATOM   184  O  O   . LEU A 1 24  ? 6.177   4.981   -6.433  1.00 11.97 ? 66  LEU A O   1 
ATOM   185  C  CB  . LEU A 1 24  ? 4.998   7.851   -5.595  1.00 11.78 ? 66  LEU A CB  1 
ATOM   186  C  CG  . LEU A 1 24  ? 5.206   8.756   -4.382  1.00 12.57 ? 66  LEU A CG  1 
ATOM   187  C  CD1 . LEU A 1 24  ? 3.907   9.438   -4.003  1.00 14.68 ? 66  LEU A CD1 1 
ATOM   188  C  CD2 . LEU A 1 24  ? 5.735   7.965   -3.195  1.00 16.89 ? 66  LEU A CD2 1 
ATOM   189  N  N   . LEU A 1 25  ? 5.655   6.114   -8.300  1.00 11.14 ? 67  LEU A N   1 
ATOM   190  C  CA  . LEU A 1 25  ? 5.484   4.895   -9.083  1.00 11.81 ? 67  LEU A CA  1 
ATOM   191  C  C   . LEU A 1 25  ? 6.824   4.361   -9.585  1.00 12.18 ? 67  LEU A C   1 
ATOM   192  O  O   . LEU A 1 25  ? 7.191   3.219   -9.292  1.00 14.46 ? 67  LEU A O   1 
ATOM   193  C  CB  . LEU A 1 25  ? 4.526   5.152   -10.246 1.00 12.65 ? 67  LEU A CB  1 
ATOM   194  C  CG  . LEU A 1 25  ? 4.354   3.980   -11.218 1.00 13.51 ? 67  LEU A CG  1 
ATOM   195  C  CD1 . LEU A 1 25  ? 3.785   2.756   -10.517 1.00 15.32 ? 67  LEU A CD1 1 
ATOM   196  C  CD2 . LEU A 1 25  ? 3.449   4.398   -12.359 1.00 15.72 ? 67  LEU A CD2 1 
ATOM   197  N  N   . ARG A 1 26  ? 7.581   5.193   -10.314 1.00 14.17 ? 68  ARG A N   1 
ATOM   198  C  CA  . ARG A 1 26  ? 8.792   4.726   -10.990 1.00 14.74 ? 68  ARG A CA  1 
ATOM   199  C  C   . ARG A 1 26  ? 9.858   4.265   -10.004 1.00 14.62 ? 68  ARG A C   1 
ATOM   200  O  O   . ARG A 1 26  ? 10.563  3.277   -10.253 1.00 16.44 ? 68  ARG A O   1 
ATOM   201  C  CB  . ARG A 1 26  ? 9.359   5.833   -11.889 1.00 17.96 ? 68  ARG A CB  1 
ATOM   202  C  CG  . ARG A 1 26  ? 10.717  5.483   -12.515 1.00 17.86 ? 68  ARG A CG  1 
ATOM   203  C  CD  . ARG A 1 26  ? 11.330  6.644   -13.323 1.00 20.21 ? 68  ARG A CD  1 
ATOM   204  N  NE  . ARG A 1 26  ? 11.798  7.759   -12.491 1.00 20.03 ? 68  ARG A NE  1 
ATOM   205  C  CZ  . ARG A 1 26  ? 13.008  7.830   -11.938 1.00 20.43 ? 68  ARG A CZ  1 
ATOM   206  N  NH1 . ARG A 1 26  ? 13.880  6.839   -12.114 1.00 23.23 ? 68  ARG A NH1 1 
ATOM   207  N  NH2 . ARG A 1 26  ? 13.349  8.887   -11.199 1.00 19.39 ? 68  ARG A NH2 1 
ATOM   208  N  N   . VAL A 1 27  ? 10.018  4.978   -8.896  1.00 13.05 ? 69  VAL A N   1 
ATOM   209  C  CA  . VAL A 1 27  ? 11.099  4.717   -7.948  1.00 12.45 ? 69  VAL A CA  1 
ATOM   210  C  C   . VAL A 1 27  ? 10.598  4.017   -6.694  1.00 12.94 ? 69  VAL A C   1 
ATOM   211  O  O   . VAL A 1 27  ? 11.049  2.919   -6.372  1.00 14.56 ? 69  VAL A O   1 
ATOM   212  C  CB  . VAL A 1 27  ? 11.891  5.999   -7.606  1.00 14.24 ? 69  VAL A CB  1 
ATOM   213  C  CG1 . VAL A 1 27  ? 13.007  5.669   -6.615  1.00 14.66 ? 69  VAL A CG1 1 
ATOM   214  C  CG2 . VAL A 1 27  ? 12.453  6.620   -8.874  1.00 17.35 ? 69  VAL A CG2 1 
ATOM   215  N  N   . VAL A 1 28  ? 9.669   4.637   -5.969  1.00 12.50 ? 70  VAL A N   1 
ATOM   216  C  CA  . VAL A 1 28  ? 9.319   4.134   -4.644  1.00 12.16 ? 70  VAL A CA  1 
ATOM   217  C  C   . VAL A 1 28  ? 8.595   2.797   -4.742  1.00 13.80 ? 70  VAL A C   1 
ATOM   218  O  O   . VAL A 1 28  ? 9.048   1.794   -4.182  1.00 12.04 ? 70  VAL A O   1 
ATOM   219  C  CB  . VAL A 1 28  ? 8.525   5.184   -3.850  1.00 11.45 ? 70  VAL A CB  1 
ATOM   220  C  CG1 . VAL A 1 28  ? 8.176   4.654   -2.461  1.00 13.85 ? 70  VAL A CG1 1 
ATOM   221  C  CG2 . VAL A 1 28  ? 9.343   6.468   -3.737  1.00 12.95 ? 70  VAL A CG2 1 
ATOM   222  N  N   . LEU A 1 29  ? 7.460   2.766   -5.447  1.00 11.85 ? 71  LEU A N   1 
ATOM   223  C  CA  . LEU A 1 29  ? 6.685   1.536   -5.562  1.00 12.66 ? 71  LEU A CA  1 
ATOM   224  C  C   . LEU A 1 29  ? 7.506   0.440   -6.228  1.00 12.12 ? 71  LEU A C   1 
ATOM   225  O  O   . LEU A 1 29  ? 7.584   -0.686  -5.723  1.00 12.46 ? 71  LEU A O   1 
ATOM   226  C  CB  . LEU A 1 29  ? 5.381   1.805   -6.328  1.00 12.93 ? 71  LEU A CB  1 
ATOM   227  C  CG  . LEU A 1 29  ? 4.327   0.700   -6.478  1.00 15.93 ? 71  LEU A CG  1 
ATOM   228  C  CD1 . LEU A 1 29  ? 4.718   -0.342  -7.537  1.00 16.12 ? 71  LEU A CD1 1 
ATOM   229  C  CD2 . LEU A 1 29  ? 4.060   0.069   -5.136  1.00 18.11 ? 71  LEU A CD2 1 
ATOM   230  N  N   . LYS A 1 30  ? 8.140   0.757   -7.358  1.00 12.63 ? 72  LYS A N   1 
ATOM   231  C  CA  . LYS A 1 30  ? 8.822   -0.283  -8.119  1.00 14.68 ? 72  LYS A CA  1 
ATOM   232  C  C   . LYS A 1 30  ? 10.062  -0.808  -7.407  1.00 15.50 ? 72  LYS A C   1 
ATOM   233  O  O   . LYS A 1 30  ? 10.439  -1.970  -7.603  1.00 17.83 ? 72  LYS A O   1 
ATOM   234  C  CB  . LYS A 1 30  ? 9.095   0.197   -9.547  1.00 18.01 ? 72  LYS A CB  1 
ATOM   235  C  CG  . LYS A 1 30  ? 7.811   0.252   -10.366 1.00 19.34 ? 72  LYS A CG  1 
ATOM   236  C  CD  . LYS A 1 30  ? 8.021   0.731   -11.788 1.00 22.16 ? 72  LYS A CD  1 
ATOM   237  C  CE  . LYS A 1 30  ? 6.695   0.750   -12.544 1.00 25.31 ? 72  LYS A CE  1 
ATOM   238  N  NZ  . LYS A 1 30  ? 6.837   1.340   -13.907 1.00 28.78 ? 72  LYS A NZ  1 
ATOM   239  N  N   . THR A 1 31  ? 10.693  0.005   -6.556  1.00 13.51 ? 73  THR A N   1 
ATOM   240  C  CA  . THR A 1 31  ? 11.793  -0.502  -5.737  1.00 14.09 ? 73  THR A CA  1 
ATOM   241  C  C   . THR A 1 31  ? 11.275  -1.386  -4.608  1.00 14.40 ? 73  THR A C   1 
ATOM   242  O  O   . THR A 1 31  ? 11.774  -2.497  -4.403  1.00 16.56 ? 73  THR A O   1 
ATOM   243  C  CB  . THR A 1 31  ? 12.631  0.659   -5.198  1.00 17.12 ? 73  THR A CB  1 
ATOM   244  O  OG1 . THR A 1 31  ? 13.094  1.445   -6.305  1.00 18.99 ? 73  THR A OG1 1 
ATOM   245  C  CG2 . THR A 1 31  ? 13.828  0.149   -4.405  1.00 18.92 ? 73  THR A CG2 1 
ATOM   246  N  N   . LEU A 1 32  ? 10.283  -0.904  -3.848  1.00 14.75 ? 74  LEU A N   1 
ATOM   247  C  CA  . LEU A 1 32  ? 9.722   -1.713  -2.769  1.00 12.28 ? 74  LEU A CA  1 
ATOM   248  C  C   . LEU A 1 32  ? 9.208   -3.046  -3.292  1.00 11.13 ? 74  LEU A C   1 
ATOM   249  O  O   . LEU A 1 32  ? 9.330   -4.083  -2.619  1.00 10.91 ? 74  LEU A O   1 
ATOM   250  C  CB  . LEU A 1 32  ? 8.579   -0.966  -2.084  1.00 13.75 ? 74  LEU A CB  1 
ATOM   251  C  CG  . LEU A 1 32  ? 8.930   0.062   -1.008  1.00 19.61 ? 74  LEU A CG  1 
ATOM   252  C  CD1 . LEU A 1 32  ? 7.662   0.763   -0.559  1.00 20.37 ? 74  LEU A CD1 1 
ATOM   253  C  CD2 . LEU A 1 32  ? 9.609   -0.606  0.162   1.00 20.29 ? 74  LEU A CD2 1 
ATOM   254  N  N   . TRP A 1 33  ? 8.633   -3.035  -4.497  1.00 11.62 ? 75  TRP A N   1 
ATOM   255  C  CA  . TRP A 1 33  ? 8.009   -4.228  -5.061  1.00 12.02 ? 75  TRP A CA  1 
ATOM   256  C  C   . TRP A 1 33  ? 8.998   -5.384  -5.177  1.00 12.33 ? 75  TRP A C   1 
ATOM   257  O  O   . TRP A 1 33  ? 8.604   -6.553  -5.086  1.00 12.48 ? 75  TRP A O   1 
ATOM   258  C  CB  . TRP A 1 33  ? 7.456   -3.886  -6.444  1.00 10.15 ? 75  TRP A CB  1 
ATOM   259  C  CG  . TRP A 1 33  ? 6.528   -4.901  -7.009  1.00 13.69 ? 75  TRP A CG  1 
ATOM   260  C  CD1 . TRP A 1 33  ? 6.864   -5.985  -7.766  1.00 14.80 ? 75  TRP A CD1 1 
ATOM   261  C  CD2 . TRP A 1 33  ? 5.099   -4.919  -6.891  1.00 12.35 ? 75  TRP A CD2 1 
ATOM   262  N  NE1 . TRP A 1 33  ? 5.737   -6.682  -8.120  1.00 15.75 ? 75  TRP A NE1 1 
ATOM   263  C  CE2 . TRP A 1 33  ? 4.639   -6.049  -7.597  1.00 14.78 ? 75  TRP A CE2 1 
ATOM   264  C  CE3 . TRP A 1 33  ? 4.168   -4.091  -6.258  1.00 13.76 ? 75  TRP A CE3 1 
ATOM   265  C  CZ2 . TRP A 1 33  ? 3.285   -6.373  -7.690  1.00 13.59 ? 75  TRP A CZ2 1 
ATOM   266  C  CZ3 . TRP A 1 33  ? 2.819   -4.417  -6.345  1.00 13.57 ? 75  TRP A CZ3 1 
ATOM   267  C  CH2 . TRP A 1 33  ? 2.393   -5.548  -7.058  1.00 13.09 ? 75  TRP A CH2 1 
ATOM   268  N  N   . LYS A 1 34  ? 10.277  -5.080  -5.389  1.00 12.84 ? 76  LYS A N   1 
ATOM   269  C  CA  . LYS A 1 34  ? 11.280  -6.108  -5.629  1.00 12.88 ? 76  LYS A CA  1 
ATOM   270  C  C   . LYS A 1 34  ? 11.915  -6.626  -4.351  1.00 13.59 ? 76  LYS A C   1 
ATOM   271  O  O   . LYS A 1 34  ? 12.658  -7.612  -4.400  1.00 13.95 ? 76  LYS A O   1 
ATOM   272  C  CB  . LYS A 1 34  ? 12.355  -5.566  -6.570  1.00 13.88 ? 76  LYS A CB  1 
ATOM   273  C  CG  . LYS A 1 34  ? 11.803  -5.122  -7.912  1.00 16.21 ? 76  LYS A CG  1 
ATOM   274  C  CD  . LYS A 1 34  ? 12.875  -4.470  -8.771  1.00 19.70 ? 76  LYS A CD  1 
ATOM   275  C  CE  . LYS A 1 34  ? 12.385  -4.254  -10.194 1.00 20.93 ? 76  LYS A CE  1 
ATOM   276  N  NZ  . LYS A 1 34  ? 11.058  -3.578  -10.229 1.00 28.92 ? 76  LYS A NZ  1 
ATOM   277  N  N   . HIS A 1 35  ? 11.619  -6.003  -3.213  1.00 10.95 ? 77  HIS A N   1 
ATOM   278  C  CA  . HIS A 1 35  ? 12.196  -6.407  -1.941  1.00 12.87 ? 77  HIS A CA  1 
ATOM   279  C  C   . HIS A 1 35  ? 11.755  -7.828  -1.586  1.00 11.68 ? 77  HIS A C   1 
ATOM   280  O  O   . HIS A 1 35  ? 10.647  -8.262  -1.923  1.00 11.47 ? 77  HIS A O   1 
ATOM   281  C  CB  . HIS A 1 35  ? 11.733  -5.423  -0.857  1.00 13.62 ? 77  HIS A CB  1 
ATOM   282  C  CG  . HIS A 1 35  ? 12.508  -5.510  0.419   1.00 11.50 ? 77  HIS A CG  1 
ATOM   283  N  ND1 . HIS A 1 35  ? 12.269  -6.480  1.367   1.00 11.70 ? 77  HIS A ND1 1 
ATOM   284  C  CD2 . HIS A 1 35  ? 13.508  -4.738  0.915   1.00 14.93 ? 77  HIS A CD2 1 
ATOM   285  C  CE1 . HIS A 1 35  ? 13.092  -6.309  2.387   1.00 12.98 ? 77  HIS A CE1 1 
ATOM   286  N  NE2 . HIS A 1 35  ? 13.858  -5.261  2.137   1.00 14.78 ? 77  HIS A NE2 1 
ATOM   287  N  N   . GLN A 1 36  ? 12.637  -8.554  -0.888  1.00 11.75 ? 78  GLN A N   1 
ATOM   288  C  CA  . GLN A 1 36  ? 12.352  -9.938  -0.497  1.00 11.77 ? 78  GLN A CA  1 
ATOM   289  C  C   . GLN A 1 36  ? 11.110  -10.050 0.369   1.00 11.96 ? 78  GLN A C   1 
ATOM   290  O  O   . GLN A 1 36  ? 10.530  -11.142 0.473   1.00 14.18 ? 78  GLN A O   1 
ATOM   291  C  CB  . GLN A 1 36  ? 13.525  -10.505 0.304   1.00 15.11 ? 78  GLN A CB  1 
ATOM   292  C  CG  . GLN A 1 36  ? 14.763  -10.816 -0.509  1.00 18.23 ? 78  GLN A CG  1 
ATOM   293  C  CD  . GLN A 1 36  ? 15.940  -11.192 0.362   1.00 25.15 ? 78  GLN A CD  1 
ATOM   294  O  OE1 . GLN A 1 36  ? 15.800  -11.388 1.577   1.00 25.81 ? 78  GLN A OE1 1 
ATOM   295  N  NE2 . GLN A 1 36  ? 17.117  -11.294 -0.254  1.00 21.96 ? 78  GLN A NE2 1 
ATOM   296  N  N   . PHE A 1 37  ? 10.706  -8.957  1.017   1.00 12.54 ? 79  PHE A N   1 
ATOM   297  C  CA  . PHE A 1 37  ? 9.566   -8.950  1.926   1.00 10.83 ? 79  PHE A CA  1 
ATOM   298  C  C   . PHE A 1 37  ? 8.314   -8.327  1.311   1.00 12.74 ? 79  PHE A C   1 
ATOM   299  O  O   . PHE A 1 37  ? 7.321   -8.144  2.023   1.00 12.90 ? 79  PHE A O   1 
ATOM   300  C  CB  . PHE A 1 37  ? 9.908   -8.178  3.205   1.00 13.92 ? 79  PHE A CB  1 
ATOM   301  C  CG  . PHE A 1 37  ? 10.984  -8.812  4.064   1.00 13.96 ? 79  PHE A CG  1 
ATOM   302  C  CD1 . PHE A 1 37  ? 11.336  -10.150 3.936   1.00 12.93 ? 79  PHE A CD1 1 
ATOM   303  C  CD2 . PHE A 1 37  ? 11.624  -8.056  5.031   1.00 13.12 ? 79  PHE A CD2 1 
ATOM   304  C  CE1 . PHE A 1 37  ? 12.326  -10.709 4.755   1.00 15.22 ? 79  PHE A CE1 1 
ATOM   305  C  CE2 . PHE A 1 37  ? 12.596  -8.608  5.845   1.00 15.11 ? 79  PHE A CE2 1 
ATOM   306  C  CZ  . PHE A 1 37  ? 12.945  -9.932  5.710   1.00 15.24 ? 79  PHE A CZ  1 
ATOM   307  N  N   . ALA A 1 38  ? 8.333   -7.993  0.020   1.00 10.59 ? 80  ALA A N   1 
ATOM   308  C  CA  . ALA A 1 38  ? 7.199   -7.291  -0.570  1.00 11.19 ? 80  ALA A CA  1 
ATOM   309  C  C   . ALA A 1 38  ? 6.015   -8.210  -0.838  1.00 11.47 ? 80  ALA A C   1 
ATOM   310  O  O   . ALA A 1 38  ? 4.877   -7.739  -0.867  1.00 11.94 ? 80  ALA A O   1 
ATOM   311  C  CB  . ALA A 1 38  ? 7.610   -6.614  -1.875  1.00 13.65 ? 80  ALA A CB  1 
ATOM   312  N  N   . TRP A 1 39  ? 6.254   -9.509  -1.034  1.00 10.56 ? 81  TRP A N   1 
ATOM   313  C  CA  . TRP A 1 39  ? 5.214   -10.389 -1.569  1.00 11.71 ? 81  TRP A CA  1 
ATOM   314  C  C   . TRP A 1 39  ? 3.905   -10.442 -0.777  1.00 11.86 ? 81  TRP A C   1 
ATOM   315  O  O   . TRP A 1 39  ? 2.841   -10.519 -1.422  1.00 12.48 ? 81  TRP A O   1 
ATOM   316  C  CB  . TRP A 1 39  ? 5.795   -11.783 -1.875  1.00 12.98 ? 81  TRP A CB  1 
ATOM   317  C  CG  . TRP A 1 39  ? 6.304   -12.509 -0.670  1.00 11.79 ? 81  TRP A CG  1 
ATOM   318  C  CD1 . TRP A 1 39  ? 7.587   -12.526 -0.198  1.00 13.47 ? 81  TRP A CD1 1 
ATOM   319  C  CD2 . TRP A 1 39  ? 5.535   -13.309 0.226   1.00 11.91 ? 81  TRP A CD2 1 
ATOM   320  N  NE1 . TRP A 1 39  ? 7.658   -13.292 0.943   1.00 12.13 ? 81  TRP A NE1 1 
ATOM   321  C  CE2 . TRP A 1 39  ? 6.413   -13.788 1.219   1.00 11.25 ? 81  TRP A CE2 1 
ATOM   322  C  CE3 . TRP A 1 39  ? 4.190   -13.672 0.283   1.00 13.75 ? 81  TRP A CE3 1 
ATOM   323  C  CZ2 . TRP A 1 39  ? 5.986   -14.611 2.256   1.00 12.37 ? 81  TRP A CZ2 1 
ATOM   324  C  CZ3 . TRP A 1 39  ? 3.769   -14.493 1.306   1.00 14.18 ? 81  TRP A CZ3 1 
ATOM   325  C  CH2 . TRP A 1 39  ? 4.660   -14.947 2.284   1.00 13.13 ? 81  TRP A CH2 1 
ATOM   326  N  N   . PRO A 1 40  ? 3.882   -10.411 0.565   1.00 10.27 ? 82  PRO A N   1 
ATOM   327  C  CA  . PRO A 1 40  ? 2.581   -10.433 1.253   1.00 10.64 ? 82  PRO A CA  1 
ATOM   328  C  C   . PRO A 1 40  ? 1.751   -9.199  1.007   1.00 11.62 ? 82  PRO A C   1 
ATOM   329  O  O   . PRO A 1 40  ? 0.554   -9.205  1.336   1.00 11.82 ? 82  PRO A O   1 
ATOM   330  C  CB  . PRO A 1 40  ? 2.963   -10.502 2.736   1.00 11.88 ? 82  PRO A CB  1 
ATOM   331  C  CG  . PRO A 1 40  ? 4.380   -10.968 2.765   1.00 11.06 ? 82  PRO A CG  1 
ATOM   332  C  CD  . PRO A 1 40  ? 4.986   -10.347 1.545   1.00 11.82 ? 82  PRO A CD  1 
ATOM   333  N  N   . PHE A 1 41  ? 2.347   -8.154  0.439   1.00 9.49  ? 83  PHE A N   1 
ATOM   334  C  CA  . PHE A 1 41  ? 1.716   -6.851  0.315   1.00 10.22 ? 83  PHE A CA  1 
ATOM   335  C  C   . PHE A 1 41  ? 1.445   -6.477  -1.136  1.00 12.02 ? 83  PHE A C   1 
ATOM   336  O  O   . PHE A 1 41  ? 1.055   -5.339  -1.406  1.00 11.70 ? 83  PHE A O   1 
ATOM   337  C  CB  . PHE A 1 41  ? 2.601   -5.791  0.997   1.00 10.58 ? 83  PHE A CB  1 
ATOM   338  C  CG  . PHE A 1 41  ? 2.980   -6.149  2.414   1.00 10.62 ? 83  PHE A CG  1 
ATOM   339  C  CD1 . PHE A 1 41  ? 2.086   -5.941  3.452   1.00 11.41 ? 83  PHE A CD1 1 
ATOM   340  C  CD2 . PHE A 1 41  ? 4.210   -6.726  2.703   1.00 10.68 ? 83  PHE A CD2 1 
ATOM   341  C  CE1 . PHE A 1 41  ? 2.407   -6.283  4.749   1.00 10.39 ? 83  PHE A CE1 1 
ATOM   342  C  CE2 . PHE A 1 41  ? 4.538   -7.068  4.008   1.00 12.29 ? 83  PHE A CE2 1 
ATOM   343  C  CZ  . PHE A 1 41  ? 3.644   -6.841  5.030   1.00 11.67 ? 83  PHE A CZ  1 
ATOM   344  N  N   . GLN A 1 42  ? 1.627   -7.404  -2.076  1.00 10.82 ? 84  GLN A N   1 
ATOM   345  C  CA  . GLN A 1 42  ? 1.487   -7.077  -3.495  1.00 11.46 ? 84  GLN A CA  1 
ATOM   346  C  C   . GLN A 1 42  ? 0.059   -7.217  -4.012  1.00 11.37 ? 84  GLN A C   1 
ATOM   347  O  O   . GLN A 1 42  ? -0.189  -6.946  -5.191  1.00 12.48 ? 84  GLN A O   1 
ATOM   348  C  CB  . GLN A 1 42  ? 2.431   -7.950  -4.336  1.00 10.82 ? 84  GLN A CB  1 
ATOM   349  C  CG  . GLN A 1 42  ? 3.897   -7.565  -4.214  1.00 12.19 ? 84  GLN A CG  1 
ATOM   350  C  CD  . GLN A 1 42  ? 4.842   -8.570  -4.863  1.00 14.17 ? 84  GLN A CD  1 
ATOM   351  O  OE1 . GLN A 1 42  ? 4.485   -9.724  -5.103  1.00 14.51 ? 84  GLN A OE1 1 
ATOM   352  N  NE2 . GLN A 1 42  ? 6.063   -8.134  -5.147  1.00 14.02 ? 84  GLN A NE2 1 
ATOM   353  N  N   . GLN A 1 43  ? -0.883  -7.604  -3.159  1.00 10.92 ? 85  GLN A N   1 
ATOM   354  C  CA  . GLN A 1 43  ? -2.264  -7.814  -3.570  1.00 11.18 ? 85  GLN A CA  1 
ATOM   355  C  C   . GLN A 1 43  ? -3.143  -7.688  -2.340  1.00 9.84  ? 85  GLN A C   1 
ATOM   356  O  O   . GLN A 1 43  ? -2.662  -7.865  -1.213  1.00 10.13 ? 85  GLN A O   1 
ATOM   357  C  CB  . GLN A 1 43  ? -2.450  -9.209  -4.201  1.00 12.39 ? 85  GLN A CB  1 
ATOM   358  C  CG  . GLN A 1 43  ? -2.090  -10.381 -3.281  1.00 12.05 ? 85  GLN A CG  1 
ATOM   359  C  CD  . GLN A 1 43  ? -0.596  -10.552 -3.123  1.00 12.60 ? 85  GLN A CD  1 
ATOM   360  O  OE1 . GLN A 1 43  ? 0.133   -10.552 -4.112  1.00 14.19 ? 85  GLN A OE1 1 
ATOM   361  N  NE2 . GLN A 1 43  ? -0.130  -10.680 -1.882  1.00 12.86 ? 85  GLN A NE2 1 
ATOM   362  N  N   . PRO A 1 44  ? -4.431  -7.393  -2.515  1.00 10.69 ? 86  PRO A N   1 
ATOM   363  C  CA  . PRO A 1 44  ? -5.336  -7.373  -1.360  1.00 10.23 ? 86  PRO A CA  1 
ATOM   364  C  C   . PRO A 1 44  ? -5.319  -8.700  -0.618  1.00 11.60 ? 86  PRO A C   1 
ATOM   365  O  O   . PRO A 1 44  ? -5.191  -9.771  -1.217  1.00 13.65 ? 86  PRO A O   1 
ATOM   366  C  CB  . PRO A 1 44  ? -6.709  -7.111  -1.991  1.00 12.71 ? 86  PRO A CB  1 
ATOM   367  C  CG  . PRO A 1 44  ? -6.414  -6.436  -3.290  1.00 12.67 ? 86  PRO A CG  1 
ATOM   368  C  CD  . PRO A 1 44  ? -5.108  -7.010  -3.770  1.00 12.98 ? 86  PRO A CD  1 
ATOM   369  N  N   . VAL A 1 45  ? -5.450  -8.619  0.704   1.00 10.61 ? 87  VAL A N   1 
ATOM   370  C  CA  . VAL A 1 45  ? -5.576  -9.828  1.507   1.00 11.58 ? 87  VAL A CA  1 
ATOM   371  C  C   . VAL A 1 45  ? -6.812  -10.602 1.063   1.00 11.73 ? 87  VAL A C   1 
ATOM   372  O  O   . VAL A 1 45  ? -7.936  -10.085 1.080   1.00 13.56 ? 87  VAL A O   1 
ATOM   373  C  CB  . VAL A 1 45  ? -5.631  -9.471  2.996   1.00 11.42 ? 87  VAL A CB  1 
ATOM   374  C  CG1 . VAL A 1 45  ? -6.069  -10.672 3.819   1.00 14.64 ? 87  VAL A CG1 1 
ATOM   375  C  CG2 . VAL A 1 45  ? -4.282  -8.977  3.463   1.00 13.09 ? 87  VAL A CG2 1 
ATOM   376  N  N   . ASP A 1 46  ? -6.609  -11.855 0.667   1.00 11.92 ? 88  ASP A N   1 
ATOM   377  C  CA  . ASP A 1 46  ? -7.715  -12.762 0.363   1.00 12.35 ? 88  ASP A CA  1 
ATOM   378  C  C   . ASP A 1 46  ? -7.966  -13.585 1.621   1.00 11.79 ? 88  ASP A C   1 
ATOM   379  O  O   . ASP A 1 46  ? -7.217  -14.517 1.931   1.00 13.09 ? 88  ASP A O   1 
ATOM   380  C  CB  . ASP A 1 46  ? -7.381  -13.639 -0.840  1.00 13.84 ? 88  ASP A CB  1 
ATOM   381  C  CG  . ASP A 1 46  ? -8.564  -14.475 -1.287  1.00 15.40 ? 88  ASP A CG  1 
ATOM   382  O  OD1 . ASP A 1 46  ? -9.379  -14.870 -0.429  1.00 14.51 ? 88  ASP A OD1 1 
ATOM   383  O  OD2 . ASP A 1 46  ? -8.684  -14.723 -2.502  1.00 19.24 ? 88  ASP A OD2 1 
ATOM   384  N  N   . ALA A 1 47  ? -9.022  -13.225 2.355   1.00 11.26 ? 89  ALA A N   1 
ATOM   385  C  CA  . ALA A 1 47  ? -9.265  -13.833 3.659   1.00 12.66 ? 89  ALA A CA  1 
ATOM   386  C  C   . ALA A 1 47  ? -9.699  -15.290 3.548   1.00 11.87 ? 89  ALA A C   1 
ATOM   387  O  O   . ALA A 1 47  ? -9.506  -16.060 4.495   1.00 14.11 ? 89  ALA A O   1 
ATOM   388  C  CB  . ALA A 1 47  ? -10.317 -13.021 4.424   1.00 15.09 ? 89  ALA A CB  1 
ATOM   389  N  N   . VAL A 1 48  ? -10.297 -15.677 2.422   1.00 12.18 ? 90  VAL A N   1 
ATOM   390  C  CA  . VAL A 1 48  ? -10.682 -17.071 2.216   1.00 12.52 ? 90  VAL A CA  1 
ATOM   391  C  C   . VAL A 1 48  ? -9.462  -17.907 1.865   1.00 13.36 ? 90  VAL A C   1 
ATOM   392  O  O   . VAL A 1 48  ? -9.236  -18.980 2.437   1.00 14.52 ? 90  VAL A O   1 
ATOM   393  C  CB  . VAL A 1 48  ? -11.770 -17.180 1.134   1.00 15.22 ? 90  VAL A CB  1 
ATOM   394  C  CG1 . VAL A 1 48  ? -12.153 -18.636 0.933   1.00 16.77 ? 90  VAL A CG1 1 
ATOM   395  C  CG2 . VAL A 1 48  ? -12.985 -16.333 1.505   1.00 16.09 ? 90  VAL A CG2 1 
ATOM   396  N  N   . LYS A 1 49  ? -8.653  -17.419 0.920   1.00 11.14 ? 91  LYS A N   1 
ATOM   397  C  CA  . LYS A 1 49  ? -7.423  -18.127 0.575   1.00 12.57 ? 91  LYS A CA  1 
ATOM   398  C  C   . LYS A 1 49  ? -6.521  -18.288 1.792   1.00 13.00 ? 91  LYS A C   1 
ATOM   399  O  O   . LYS A 1 49  ? -6.050  -19.392 2.089   1.00 13.74 ? 91  LYS A O   1 
ATOM   400  C  CB  . LYS A 1 49  ? -6.664  -17.405 -0.541  1.00 12.22 ? 91  LYS A CB  1 
ATOM   401  C  CG  . LYS A 1 49  ? -5.361  -18.137 -0.878  1.00 18.72 ? 91  LYS A CG  1 
ATOM   402  C  CD  . LYS A 1 49  ? -4.568  -17.526 -2.009  1.00 23.57 ? 91  LYS A CD  1 
ATOM   403  C  CE  . LYS A 1 49  ? -3.381  -18.438 -2.367  1.00 24.47 ? 91  LYS A CE  1 
ATOM   404  N  NZ  . LYS A 1 49  ? -3.790  -19.799 -2.850  1.00 22.28 ? 91  LYS A NZ  1 
ATOM   405  N  N   . LEU A 1 50  ? -6.282  -17.195 2.514   1.00 11.22 ? 92  LEU A N   1 
ATOM   406  C  CA  . LEU A 1 50  ? -5.305  -17.168 3.592   1.00 12.04 ? 92  LEU A CA  1 
ATOM   407  C  C   . LEU A 1 50  ? -5.858  -17.657 4.922   1.00 14.01 ? 92  LEU A C   1 
ATOM   408  O  O   . LEU A 1 50  ? -5.088  -17.737 5.885   1.00 14.96 ? 92  LEU A O   1 
ATOM   409  C  CB  . LEU A 1 50  ? -4.733  -15.759 3.754   1.00 11.96 ? 92  LEU A CB  1 
ATOM   410  C  CG  . LEU A 1 50  ? -3.873  -15.277 2.586   1.00 12.82 ? 92  LEU A CG  1 
ATOM   411  C  CD1 . LEU A 1 50  ? -3.567  -13.785 2.747   1.00 13.62 ? 92  LEU A CD1 1 
ATOM   412  C  CD2 . LEU A 1 50  ? -2.586  -16.089 2.511   1.00 16.13 ? 92  LEU A CD2 1 
ATOM   413  N  N   . ASN A 1 51  ? -7.153  -17.978 4.986   1.00 12.79 ? 93  ASN A N   1 
ATOM   414  C  CA  . ASN A 1 51  ? -7.779  -18.517 6.193   1.00 11.52 ? 93  ASN A CA  1 
ATOM   415  C  C   . ASN A 1 51  ? -7.706  -17.517 7.342   1.00 13.01 ? 93  ASN A C   1 
ATOM   416  O  O   . ASN A 1 51  ? -7.330  -17.846 8.469   1.00 14.44 ? 93  ASN A O   1 
ATOM   417  C  CB  . ASN A 1 51  ? -7.176  -19.871 6.556   1.00 13.42 ? 93  ASN A CB  1 
ATOM   418  C  CG  . ASN A 1 51  ? -7.001  -20.748 5.339   1.00 13.51 ? 93  ASN A CG  1 
ATOM   419  O  OD1 . ASN A 1 51  ? -7.901  -20.837 4.508   1.00 13.10 ? 93  ASN A OD1 1 
ATOM   420  N  ND2 . ASN A 1 51  ? -5.827  -21.371 5.206   1.00 15.40 ? 93  ASN A ND2 1 
ATOM   421  N  N   . LEU A 1 52  ? -8.070  -16.273 7.032   1.00 12.42 ? 94  LEU A N   1 
ATOM   422  C  CA  . LEU A 1 52  ? -8.102  -15.174 7.998   1.00 13.57 ? 94  LEU A CA  1 
ATOM   423  C  C   . LEU A 1 52  ? -9.533  -14.653 8.070   1.00 12.07 ? 94  LEU A C   1 
ATOM   424  O  O   . LEU A 1 52  ? -9.824  -13.536 7.621   1.00 12.05 ? 94  LEU A O   1 
ATOM   425  C  CB  . LEU A 1 52  ? -7.145  -14.057 7.585   1.00 14.10 ? 94  LEU A CB  1 
ATOM   426  C  CG  . LEU A 1 52  ? -5.715  -14.469 7.239   1.00 12.70 ? 94  LEU A CG  1 
ATOM   427  C  CD1 . LEU A 1 52  ? -4.967  -13.308 6.613   1.00 13.73 ? 94  LEU A CD1 1 
ATOM   428  C  CD2 . LEU A 1 52  ? -4.983  -14.977 8.464   1.00 14.46 ? 94  LEU A CD2 1 
ATOM   429  N  N   . PRO A 1 53  ? -10.459 -15.441 8.624   1.00 12.99 ? 95  PRO A N   1 
ATOM   430  C  CA  . PRO A 1 53  ? -11.868 -15.031 8.595   1.00 12.18 ? 95  PRO A CA  1 
ATOM   431  C  C   . PRO A 1 53  ? -12.136 -13.775 9.396   1.00 13.25 ? 95  PRO A C   1 
ATOM   432  O  O   . PRO A 1 53  ? -13.190 -13.150 9.214   1.00 17.19 ? 95  PRO A O   1 
ATOM   433  C  CB  . PRO A 1 53  ? -12.609 -16.250 9.169   1.00 13.63 ? 95  PRO A CB  1 
ATOM   434  C  CG  . PRO A 1 53  ? -11.592 -16.973 9.955   1.00 15.51 ? 95  PRO A CG  1 
ATOM   435  C  CD  . PRO A 1 53  ? -10.278 -16.756 9.265   1.00 14.89 ? 95  PRO A CD  1 
ATOM   436  N  N   . ASP A 1 54  ? -11.220 -13.378 10.267  1.00 13.00 ? 96  ASP A N   1 
ATOM   437  C  CA  . ASP A 1 54  ? -11.378 -12.152 11.035  1.00 14.19 ? 96  ASP A CA  1 
ATOM   438  C  C   . ASP A 1 54  ? -10.636 -10.957 10.444  1.00 14.31 ? 96  ASP A C   1 
ATOM   439  O  O   . ASP A 1 54  ? -10.721 -9.868  11.012  1.00 14.10 ? 96  ASP A O   1 
ATOM   440  C  CB  . ASP A 1 54  ? -10.936 -12.370 12.482  1.00 16.23 ? 96  ASP A CB  1 
ATOM   441  C  CG  . ASP A 1 54  ? -9.509  -12.856 12.589  1.00 18.54 ? 96  ASP A CG  1 
ATOM   442  O  OD1 . ASP A 1 54  ? -8.878  -13.155 11.549  1.00 15.07 ? 96  ASP A OD1 1 
ATOM   443  O  OD2 . ASP A 1 54  ? -9.010  -12.947 13.728  1.00 22.61 ? 96  ASP A OD2 1 
ATOM   444  N  N   . TYR A 1 55  ? -9.942  -11.117 9.311   1.00 11.42 ? 97  TYR A N   1 
ATOM   445  C  CA  . TYR A 1 55  ? -9.112  -10.018 8.817   1.00 11.48 ? 97  TYR A CA  1 
ATOM   446  C  C   . TYR A 1 55  ? -9.928  -8.755  8.584   1.00 12.14 ? 97  TYR A C   1 
ATOM   447  O  O   . TYR A 1 55  ? -9.563  -7.673  9.058   1.00 12.21 ? 97  TYR A O   1 
ATOM   448  C  CB  . TYR A 1 55  ? -8.357  -10.395 7.546   1.00 10.13 ? 97  TYR A CB  1 
ATOM   449  C  CG  . TYR A 1 55  ? -7.430  -9.264  7.141   1.00 10.75 ? 97  TYR A CG  1 
ATOM   450  C  CD1 . TYR A 1 55  ? -6.190  -9.123  7.741   1.00 10.56 ? 97  TYR A CD1 1 
ATOM   451  C  CD2 . TYR A 1 55  ? -7.815  -8.318  6.193   1.00 10.21 ? 97  TYR A CD2 1 
ATOM   452  C  CE1 . TYR A 1 55  ? -5.344  -8.092  7.396   1.00 11.32 ? 97  TYR A CE1 1 
ATOM   453  C  CE2 . TYR A 1 55  ? -6.975  -7.282  5.849   1.00 9.72  ? 97  TYR A CE2 1 
ATOM   454  C  CZ  . TYR A 1 55  ? -5.746  -7.174  6.453   1.00 10.62 ? 97  TYR A CZ  1 
ATOM   455  O  OH  . TYR A 1 55  ? -4.908  -6.138  6.100   1.00 11.40 ? 97  TYR A OH  1 
ATOM   456  N  N   . TYR A 1 56  ? -11.037 -8.870  7.867   1.00 10.63 ? 98  TYR A N   1 
ATOM   457  C  CA  . TYR A 1 56  ? -11.878 -7.723  7.564   1.00 10.68 ? 98  TYR A CA  1 
ATOM   458  C  C   . TYR A 1 56  ? -12.884 -7.437  8.667   1.00 11.67 ? 98  TYR A C   1 
ATOM   459  O  O   . TYR A 1 56  ? -13.590 -6.430  8.595   1.00 13.39 ? 98  TYR A O   1 
ATOM   460  C  CB  . TYR A 1 56  ? -12.556 -7.909  6.204   1.00 12.71 ? 98  TYR A CB  1 
ATOM   461  C  CG  . TYR A 1 56  ? -11.548 -7.893  5.079   1.00 11.20 ? 98  TYR A CG  1 
ATOM   462  C  CD1 . TYR A 1 56  ? -10.939 -6.707  4.696   1.00 12.31 ? 98  TYR A CD1 1 
ATOM   463  C  CD2 . TYR A 1 56  ? -11.176 -9.065  4.428   1.00 11.20 ? 98  TYR A CD2 1 
ATOM   464  C  CE1 . TYR A 1 56  ? -10.009 -6.678  3.681   1.00 12.38 ? 98  TYR A CE1 1 
ATOM   465  C  CE2 . TYR A 1 56  ? -10.243 -9.046  3.397   1.00 10.76 ? 98  TYR A CE2 1 
ATOM   466  C  CZ  . TYR A 1 56  ? -9.658  -7.844  3.032   1.00 12.18 ? 98  TYR A CZ  1 
ATOM   467  O  OH  . TYR A 1 56  ? -8.726  -7.790  2.012   1.00 12.40 ? 98  TYR A OH  1 
ATOM   468  N  N   . LYS A 1 57  ? -12.949 -8.282  9.694   1.00 11.52 ? 99  LYS A N   1 
ATOM   469  C  CA  . LYS A 1 57  ? -13.609 -7.869  10.925  1.00 12.84 ? 99  LYS A CA  1 
ATOM   470  C  C   . LYS A 1 57  ? -12.765 -6.884  11.706  1.00 12.83 ? 99  LYS A C   1 
ATOM   471  O  O   . LYS A 1 57  ? -13.313 -6.094  12.482  1.00 16.00 ? 99  LYS A O   1 
ATOM   472  C  CB  . LYS A 1 57  ? -13.920 -9.078  11.799  1.00 16.17 ? 99  LYS A CB  1 
ATOM   473  C  CG  . LYS A 1 57  ? -14.828 -10.067 11.112  1.00 16.42 ? 99  LYS A CG  1 
ATOM   474  C  CD  . LYS A 1 57  ? -15.328 -11.099 12.082  1.00 18.51 ? 99  LYS A CD  1 
ATOM   475  C  CE  . LYS A 1 57  ? -16.189 -12.128 11.401  1.00 18.51 ? 99  LYS A CE  1 
ATOM   476  N  NZ  . LYS A 1 57  ? -17.355 -11.498 10.732  1.00 19.77 ? 99  LYS A NZ  1 
ATOM   477  N  N   . ILE A 1 58  ? -11.453 -6.894  11.501  1.00 10.46 ? 100 ILE A N   1 
ATOM   478  C  CA  . ILE A 1 58  ? -10.539 -6.019  12.217  1.00 12.66 ? 100 ILE A CA  1 
ATOM   479  C  C   . ILE A 1 58  ? -10.086 -4.847  11.357  1.00 12.91 ? 100 ILE A C   1 
ATOM   480  O  O   . ILE A 1 58  ? -9.991  -3.721  11.849  1.00 13.57 ? 100 ILE A O   1 
ATOM   481  C  CB  . ILE A 1 58  ? -9.351  -6.849  12.744  1.00 13.42 ? 100 ILE A CB  1 
ATOM   482  C  CG1 . ILE A 1 58  ? -9.839  -7.758  13.878  1.00 16.95 ? 100 ILE A CG1 1 
ATOM   483  C  CG2 . ILE A 1 58  ? -8.201  -5.966  13.209  1.00 14.22 ? 100 ILE A CG2 1 
ATOM   484  C  CD1 . ILE A 1 58  ? -9.056  -9.017  14.010  1.00 22.80 ? 100 ILE A CD1 1 
ATOM   485  N  N   . ILE A 1 59  ? -9.829  -5.099  10.076  1.00 10.89 ? 101 ILE A N   1 
ATOM   486  C  CA  . ILE A 1 59  ? -9.245  -4.118  9.168   1.00 9.81  ? 101 ILE A CA  1 
ATOM   487  C  C   . ILE A 1 59  ? -10.361 -3.521  8.311   1.00 12.50 ? 101 ILE A C   1 
ATOM   488  O  O   . ILE A 1 59  ? -10.918 -4.190  7.433   1.00 11.66 ? 101 ILE A O   1 
ATOM   489  C  CB  . ILE A 1 59  ? -8.129  -4.742  8.317   1.00 9.18  ? 101 ILE A CB  1 
ATOM   490  C  CG1 . ILE A 1 59  ? -6.959  -5.205  9.203   1.00 11.34 ? 101 ILE A CG1 1 
ATOM   491  C  CG2 . ILE A 1 59  ? -7.656  -3.755  7.225   1.00 11.46 ? 101 ILE A CG2 1 
ATOM   492  C  CD1 . ILE A 1 59  ? -6.402  -4.137  10.132  1.00 11.57 ? 101 ILE A CD1 1 
ATOM   493  N  N   . LYS A 1 60  ? -10.685 -2.249  8.566   1.00 11.74 ? 102 LYS A N   1 
ATOM   494  C  CA  . LYS A 1 60  ? -11.804 -1.585  7.909   1.00 12.88 ? 102 LYS A CA  1 
ATOM   495  C  C   . LYS A 1 60  ? -11.386 -0.681  6.756   1.00 12.60 ? 102 LYS A C   1 
ATOM   496  O  O   . LYS A 1 60  ? -12.244 -0.309  5.946   1.00 13.42 ? 102 LYS A O   1 
ATOM   497  C  CB  . LYS A 1 60  ? -12.622 -0.780  8.929   1.00 13.74 ? 102 LYS A CB  1 
ATOM   498  C  CG  . LYS A 1 60  ? -13.118 -1.614  10.092  1.00 14.29 ? 102 LYS A CG  1 
ATOM   499  C  CD  . LYS A 1 60  ? -13.932 -2.797  9.599   1.00 14.70 ? 102 LYS A CD  1 
ATOM   500  C  CE  . LYS A 1 60  ? -14.549 -3.559  10.769  1.00 15.62 ? 102 LYS A CE  1 
ATOM   501  N  NZ  . LYS A 1 60  ? -15.255 -4.799  10.338  1.00 13.60 ? 102 LYS A NZ  1 
ATOM   502  N  N   . THR A 1 61  ? -10.109 -0.324  6.645   1.00 12.64 ? 103 THR A N   1 
ATOM   503  C  CA  . THR A 1 61  ? -9.599  0.429   5.499   1.00 13.17 ? 103 THR A CA  1 
ATOM   504  C  C   . THR A 1 61  ? -8.417  -0.335  4.916   1.00 11.23 ? 103 THR A C   1 
ATOM   505  O  O   . THR A 1 61  ? -7.259  0.064   5.078   1.00 12.45 ? 103 THR A O   1 
ATOM   506  C  CB  . THR A 1 61  ? -9.217  1.867   5.869   1.00 15.13 ? 103 THR A CB  1 
ATOM   507  O  OG1 . THR A 1 61  ? -8.043  1.868   6.676   1.00 22.58 ? 103 THR A OG1 1 
ATOM   508  C  CG2 . THR A 1 61  ? -10.334 2.547   6.647   1.00 16.30 ? 103 THR A CG2 1 
ATOM   509  N  N   . PRO A 1 62  ? -8.677  -1.446  4.232   1.00 10.67 ? 104 PRO A N   1 
ATOM   510  C  CA  . PRO A 1 62  ? -7.573  -2.261  3.711   1.00 10.83 ? 104 PRO A CA  1 
ATOM   511  C  C   . PRO A 1 62  ? -6.804  -1.521  2.629   1.00 11.90 ? 104 PRO A C   1 
ATOM   512  O  O   . PRO A 1 62  ? -7.335  -0.649  1.936   1.00 11.49 ? 104 PRO A O   1 
ATOM   513  C  CB  . PRO A 1 62  ? -8.280  -3.493  3.135   1.00 14.01 ? 104 PRO A CB  1 
ATOM   514  C  CG  . PRO A 1 62  ? -9.702  -3.065  2.914   1.00 13.66 ? 104 PRO A CG  1 
ATOM   515  C  CD  . PRO A 1 62  ? -9.994  -2.062  3.987   1.00 13.05 ? 104 PRO A CD  1 
ATOM   516  N  N   . MET A 1 63  ? -5.525  -1.863  2.510   1.00 9.73  ? 105 MET A N   1 
ATOM   517  C  CA  . MET A 1 63  ? -4.695  -1.293  1.457   1.00 10.52 ? 105 MET A CA  1 
ATOM   518  C  C   . MET A 1 63  ? -3.518  -2.218  1.183   1.00 9.55  ? 105 MET A C   1 
ATOM   519  O  O   . MET A 1 63  ? -3.041  -2.921  2.076   1.00 10.63 ? 105 MET A O   1 
ATOM   520  C  CB  . MET A 1 63  ? -4.202  0.117   1.823   1.00 11.36 ? 105 MET A CB  1 
ATOM   521  C  CG  . MET A 1 63  ? -3.489  0.863   0.682   1.00 11.64 ? 105 MET A CG  1 
ATOM   522  S  SD  . MET A 1 63  ? -4.404  0.932   -0.882  1.00 11.04 ? 105 MET A SD  1 
ATOM   523  C  CE  . MET A 1 63  ? -5.996  1.583   -0.374  1.00 12.93 ? 105 MET A CE  1 
ATOM   524  N  N   . ASP A 1 64  ? -3.059  -2.215  -0.065  1.00 10.66 ? 106 ASP A N   1 
ATOM   525  C  CA  . ASP A 1 64  ? -1.954  -3.069  -0.480  1.00 9.52  ? 106 ASP A CA  1 
ATOM   526  C  C   . ASP A 1 64  ? -1.245  -2.403  -1.654  1.00 10.49 ? 106 ASP A C   1 
ATOM   527  O  O   . ASP A 1 64  ? -1.777  -1.495  -2.298  1.00 10.33 ? 106 ASP A O   1 
ATOM   528  C  CB  . ASP A 1 64  ? -2.472  -4.433  -0.920  1.00 11.06 ? 106 ASP A CB  1 
ATOM   529  C  CG  . ASP A 1 64  ? -3.341  -4.323  -2.149  1.00 10.82 ? 106 ASP A CG  1 
ATOM   530  O  OD1 . ASP A 1 64  ? -4.531  -3.945  -2.013  1.00 11.83 ? 106 ASP A OD1 1 
ATOM   531  O  OD2 . ASP A 1 64  ? -2.812  -4.533  -3.266  1.00 11.87 ? 106 ASP A OD2 1 
ATOM   532  N  N   . MET A 1 65  ? -0.048  -2.900  -1.964  1.00 11.86 ? 107 MET A N   1 
ATOM   533  C  CA  . MET A 1 65  ? 0.761   -2.272  -3.005  1.00 10.93 ? 107 MET A CA  1 
ATOM   534  C  C   . MET A 1 65  ? 0.247   -2.541  -4.416  1.00 11.56 ? 107 MET A C   1 
ATOM   535  O  O   . MET A 1 65  ? 0.560   -1.762  -5.319  1.00 12.07 ? 107 MET A O   1 
ATOM   536  C  CB  . MET A 1 65  ? 2.226   -2.705  -2.884  1.00 11.50 ? 107 MET A CB  1 
ATOM   537  C  CG  . MET A 1 65  ? 2.953   -2.100  -1.705  1.00 12.11 ? 107 MET A CG  1 
ATOM   538  S  SD  . MET A 1 65  ? 4.747   -2.094  -1.911  1.00 14.63 ? 107 MET A SD  1 
ATOM   539  C  CE  . MET A 1 65  ? 5.058   -3.854  -1.951  1.00 13.10 ? 107 MET A CE  1 
ATOM   540  N  N   . GLY A 1 66  ? -0.512  -3.618  -4.633  1.00 10.90 ? 108 GLY A N   1 
ATOM   541  C  CA  . GLY A 1 66  ? -1.115  -3.814  -5.942  1.00 12.38 ? 108 GLY A CA  1 
ATOM   542  C  C   . GLY A 1 66  ? -2.157  -2.754  -6.226  1.00 10.37 ? 108 GLY A C   1 
ATOM   543  O  O   . GLY A 1 66  ? -2.197  -2.173  -7.316  1.00 12.07 ? 108 GLY A O   1 
ATOM   544  N  N   . THR A 1 67  ? -2.988  -2.459  -5.228  1.00 10.67 ? 109 THR A N   1 
ATOM   545  C  CA  . THR A 1 67  ? -3.936  -1.355  -5.344  1.00 11.07 ? 109 THR A CA  1 
ATOM   546  C  C   . THR A 1 67  ? -3.217  -0.029  -5.566  1.00 11.99 ? 109 THR A C   1 
ATOM   547  O  O   . THR A 1 67  ? -3.598  0.754   -6.443  1.00 11.26 ? 109 THR A O   1 
ATOM   548  C  CB  . THR A 1 67  ? -4.793  -1.295  -4.083  1.00 11.85 ? 109 THR A CB  1 
ATOM   549  O  OG1 . THR A 1 67  ? -5.536  -2.513  -3.972  1.00 12.33 ? 109 THR A OG1 1 
ATOM   550  C  CG2 . THR A 1 67  ? -5.750  -0.112  -4.145  1.00 12.30 ? 109 THR A CG2 1 
ATOM   551  N  N   . ILE A 1 68  ? -2.169  0.243   -4.780  1.00 10.79 ? 110 ILE A N   1 
ATOM   552  C  CA  . ILE A 1 68  ? -1.434  1.499   -4.928  1.00 9.40  ? 110 ILE A CA  1 
ATOM   553  C  C   . ILE A 1 68  ? -0.839  1.615   -6.325  1.00 10.60 ? 110 ILE A C   1 
ATOM   554  O  O   . ILE A 1 68  ? -0.932  2.668   -6.968  1.00 11.46 ? 110 ILE A O   1 
ATOM   555  C  CB  . ILE A 1 68  ? -0.354  1.627   -3.837  1.00 10.37 ? 110 ILE A CB  1 
ATOM   556  C  CG1 . ILE A 1 68  ? -0.997  1.736   -2.452  1.00 11.04 ? 110 ILE A CG1 1 
ATOM   557  C  CG2 . ILE A 1 68  ? 0.537   2.832   -4.116  1.00 11.17 ? 110 ILE A CG2 1 
ATOM   558  C  CD1 . ILE A 1 68  ? -0.015  1.592   -1.299  1.00 10.55 ? 110 ILE A CD1 1 
ATOM   559  N  N   . LYS A 1 69  ? -0.233  0.531   -6.821  1.00 11.64 ? 111 LYS A N   1 
ATOM   560  C  CA  . LYS A 1 69  ? 0.348   0.545   -8.162  1.00 12.75 ? 111 LYS A CA  1 
ATOM   561  C  C   . LYS A 1 69  ? -0.703  0.879   -9.215  1.00 12.72 ? 111 LYS A C   1 
ATOM   562  O  O   . LYS A 1 69  ? -0.474  1.718   -10.096 1.00 13.27 ? 111 LYS A O   1 
ATOM   563  C  CB  . LYS A 1 69  ? 0.982   -0.813  -8.454  1.00 12.24 ? 111 LYS A CB  1 
ATOM   564  C  CG  . LYS A 1 69  ? 1.604   -0.948  -9.843  1.00 16.71 ? 111 LYS A CG  1 
ATOM   565  C  CD  . LYS A 1 69  ? 2.256   -2.314  -9.979  1.00 20.63 ? 111 LYS A CD  1 
ATOM   566  C  CE  . LYS A 1 69  ? 2.869   -2.521  -11.355 1.00 29.04 ? 111 LYS A CE  1 
ATOM   567  N  NZ  . LYS A 1 69  ? 1.810   -2.789  -12.372 1.00 32.88 ? 111 LYS A NZ  1 
ATOM   568  N  N   . LYS A 1 70  ? -1.870  0.235   -9.128  1.00 13.05 ? 112 LYS A N   1 
ATOM   569  C  CA  . LYS A 1 70  ? -2.933  0.499   -10.096 1.00 14.20 ? 112 LYS A CA  1 
ATOM   570  C  C   . LYS A 1 70  ? -3.457  1.928   -9.973  1.00 15.04 ? 112 LYS A C   1 
ATOM   571  O  O   . LYS A 1 70  ? -3.735  2.586   -10.983 1.00 14.90 ? 112 LYS A O   1 
ATOM   572  C  CB  . LYS A 1 70  ? -4.058  -0.529  -9.939  1.00 14.67 ? 112 LYS A CB  1 
ATOM   573  N  N   . ARG A 1 71  ? -3.585  2.437   -8.742  1.00 13.57 ? 113 ARG A N   1 
ATOM   574  C  CA  . ARG A 1 71  ? -3.988  3.826   -8.560  1.00 13.38 ? 113 ARG A CA  1 
ATOM   575  C  C   . ARG A 1 71  ? -2.998  4.790   -9.205  1.00 13.42 ? 113 ARG A C   1 
ATOM   576  O  O   . ARG A 1 71  ? -3.403  5.759   -9.859  1.00 14.53 ? 113 ARG A O   1 
ATOM   577  C  CB  . ARG A 1 71  ? -4.149  4.131   -7.070  1.00 11.05 ? 113 ARG A CB  1 
ATOM   578  C  CG  . ARG A 1 71  ? -5.378  3.498   -6.459  1.00 11.21 ? 113 ARG A CG  1 
ATOM   579  C  CD  . ARG A 1 71  ? -5.514  3.782   -4.960  1.00 11.18 ? 113 ARG A CD  1 
ATOM   580  N  NE  . ARG A 1 71  ? -6.834  3.347   -4.499  1.00 10.37 ? 113 ARG A NE  1 
ATOM   581  C  CZ  . ARG A 1 71  ? -7.409  3.687   -3.350  1.00 10.60 ? 113 ARG A CZ  1 
ATOM   582  N  NH1 . ARG A 1 71  ? -6.794  4.471   -2.474  1.00 13.11 ? 113 ARG A NH1 1 
ATOM   583  N  NH2 . ARG A 1 71  ? -8.633  3.240   -3.096  1.00 11.66 ? 113 ARG A NH2 1 
ATOM   584  N  N   . LEU A 1 72  ? -1.694  4.554   -9.021  1.00 12.33 ? 114 LEU A N   1 
ATOM   585  C  CA  . LEU A 1 72  ? -0.702  5.427   -9.646  1.00 13.02 ? 114 LEU A CA  1 
ATOM   586  C  C   . LEU A 1 72  ? -0.758  5.314   -11.163 1.00 15.10 ? 114 LEU A C   1 
ATOM   587  O  O   . LEU A 1 72  ? -0.700  6.325   -11.873 1.00 16.00 ? 114 LEU A O   1 
ATOM   588  C  CB  . LEU A 1 72  ? 0.701   5.075   -9.154  1.00 12.03 ? 114 LEU A CB  1 
ATOM   589  C  CG  . LEU A 1 72  ? 1.013   5.449   -7.701  1.00 11.16 ? 114 LEU A CG  1 
ATOM   590  C  CD1 . LEU A 1 72  ? 2.219   4.658   -7.146  1.00 10.56 ? 114 LEU A CD1 1 
ATOM   591  C  CD2 . LEU A 1 72  ? 1.224   6.948   -7.542  1.00 14.36 ? 114 LEU A CD2 1 
ATOM   592  N  N   . GLU A 1 73  ? -0.879  4.087   -11.676 1.00 16.18 ? 115 GLU A N   1 
ATOM   593  C  CA  . GLU A 1 73  ? -0.943  3.896   -13.122 1.00 19.02 ? 115 GLU A CA  1 
ATOM   594  C  C   . GLU A 1 73  ? -2.178  4.551   -13.725 1.00 19.02 ? 115 GLU A C   1 
ATOM   595  O  O   . GLU A 1 73  ? -2.156  4.953   -14.893 1.00 22.62 ? 115 GLU A O   1 
ATOM   596  C  CB  . GLU A 1 73  ? -0.907  2.406   -13.454 1.00 15.86 ? 115 GLU A CB  1 
ATOM   597  C  CG  . GLU A 1 73  ? 0.447   1.763   -13.201 1.00 18.33 ? 115 GLU A CG  1 
ATOM   598  C  CD  . GLU A 1 73  ? 0.407   0.245   -13.280 1.00 22.48 ? 115 GLU A CD  1 
ATOM   599  O  OE1 . GLU A 1 73  ? -0.698  -0.336  -13.185 1.00 24.98 ? 115 GLU A OE1 1 
ATOM   600  O  OE2 . GLU A 1 73  ? 1.490   -0.367  -13.422 1.00 27.07 ? 115 GLU A OE2 1 
ATOM   601  N  N   . ASN A 1 74  ? -3.251  4.676   -12.953 1.00 15.97 ? 116 ASN A N   1 
ATOM   602  C  CA  . ASN A 1 74  ? -4.488  5.290   -13.421 1.00 17.18 ? 116 ASN A CA  1 
ATOM   603  C  C   . ASN A 1 74  ? -4.581  6.780   -13.106 1.00 20.44 ? 116 ASN A C   1 
ATOM   604  O  O   . ASN A 1 74  ? -5.615  7.398   -13.399 1.00 26.13 ? 116 ASN A O   1 
ATOM   605  C  CB  . ASN A 1 74  ? -5.693  4.562   -12.812 1.00 19.44 ? 116 ASN A CB  1 
ATOM   606  C  CG  . ASN A 1 74  ? -5.777  3.102   -13.225 1.00 22.69 ? 116 ASN A CG  1 
ATOM   607  O  OD1 . ASN A 1 74  ? -5.160  2.679   -14.202 1.00 30.57 ? 116 ASN A OD1 1 
ATOM   608  N  ND2 . ASN A 1 74  ? -6.553  2.324   -12.477 1.00 23.29 ? 116 ASN A ND2 1 
ATOM   609  N  N   . ASN A 1 75  ? -3.540  7.373   -12.523 1.00 17.91 ? 117 ASN A N   1 
ATOM   610  C  CA  . ASN A 1 75  ? -3.545  8.784   -12.119 1.00 18.46 ? 117 ASN A CA  1 
ATOM   611  C  C   . ASN A 1 75  ? -4.681  9.099   -11.144 1.00 19.62 ? 117 ASN A C   1 
ATOM   612  O  O   . ASN A 1 75  ? -5.216  10.213  -11.124 1.00 20.13 ? 117 ASN A O   1 
ATOM   613  C  CB  . ASN A 1 75  ? -3.520  9.744   -13.314 1.00 22.95 ? 117 ASN A CB  1 
ATOM   614  C  CG  . ASN A 1 75  ? -2.217  9.662   -14.097 1.00 26.30 ? 117 ASN A CG  1 
ATOM   615  O  OD1 . ASN A 1 75  ? -1.130  9.767   -13.531 1.00 27.50 ? 117 ASN A OD1 1 
ATOM   616  N  ND2 . ASN A 1 75  ? -2.325  9.469   -15.407 1.00 32.52 ? 117 ASN A ND2 1 
ATOM   617  N  N   . TYR A 1 76  ? -4.998  8.120   -10.290 1.00 15.15 ? 118 TYR A N   1 
ATOM   618  C  CA  . TYR A 1 76  ? -6.125  8.208   -9.358  1.00 14.03 ? 118 TYR A CA  1 
ATOM   619  C  C   . TYR A 1 76  ? -5.942  9.296   -8.308  1.00 13.97 ? 118 TYR A C   1 
ATOM   620  O  O   . TYR A 1 76  ? -6.934  9.832   -7.792  1.00 14.01 ? 118 TYR A O   1 
ATOM   621  C  CB  . TYR A 1 76  ? -6.282  6.852   -8.669  1.00 12.76 ? 118 TYR A CB  1 
ATOM   622  C  CG  . TYR A 1 76  ? -7.305  6.767   -7.566  1.00 11.46 ? 118 TYR A CG  1 
ATOM   623  C  CD1 . TYR A 1 76  ? -8.615  6.391   -7.844  1.00 12.20 ? 118 TYR A CD1 1 
ATOM   624  C  CD2 . TYR A 1 76  ? -6.946  6.981   -6.234  1.00 12.72 ? 118 TYR A CD2 1 
ATOM   625  C  CE1 . TYR A 1 76  ? -9.549  6.270   -6.830  1.00 12.51 ? 118 TYR A CE1 1 
ATOM   626  C  CE2 . TYR A 1 76  ? -7.872  6.870   -5.220  1.00 12.06 ? 118 TYR A CE2 1 
ATOM   627  C  CZ  . TYR A 1 76  ? -9.171  6.518   -5.527  1.00 12.16 ? 118 TYR A CZ  1 
ATOM   628  O  OH  . TYR A 1 76  ? -10.090 6.404   -4.513  1.00 14.42 ? 118 TYR A OH  1 
ATOM   629  N  N   . TYR A 1 77  ? -4.700  9.605   -7.942  1.00 12.02 ? 119 TYR A N   1 
ATOM   630  C  CA  . TYR A 1 77  ? -4.418  10.471  -6.811  1.00 12.16 ? 119 TYR A CA  1 
ATOM   631  C  C   . TYR A 1 77  ? -4.370  11.934  -7.231  1.00 13.84 ? 119 TYR A C   1 
ATOM   632  O  O   . TYR A 1 77  ? -4.036  12.263  -8.374  1.00 14.95 ? 119 TYR A O   1 
ATOM   633  C  CB  . TYR A 1 77  ? -3.060  10.117  -6.214  1.00 12.72 ? 119 TYR A CB  1 
ATOM   634  C  CG  . TYR A 1 77  ? -2.963  8.748   -5.574  1.00 11.68 ? 119 TYR A CG  1 
ATOM   635  C  CD1 . TYR A 1 77  ? -3.642  8.457   -4.395  1.00 11.76 ? 119 TYR A CD1 1 
ATOM   636  C  CD2 . TYR A 1 77  ? -2.159  7.765   -6.130  1.00 12.12 ? 119 TYR A CD2 1 
ATOM   637  C  CE1 . TYR A 1 77  ? -3.528  7.209   -3.792  1.00 11.04 ? 119 TYR A CE1 1 
ATOM   638  C  CE2 . TYR A 1 77  ? -2.039  6.523   -5.538  1.00 10.31 ? 119 TYR A CE2 1 
ATOM   639  C  CZ  . TYR A 1 77  ? -2.719  6.252   -4.375  1.00 10.93 ? 119 TYR A CZ  1 
ATOM   640  O  OH  . TYR A 1 77  ? -2.571  5.015   -3.798  1.00 11.45 ? 119 TYR A OH  1 
ATOM   641  N  N   . TRP A 1 78  ? -4.670  12.813  -6.268  1.00 11.00 ? 120 TRP A N   1 
ATOM   642  C  CA  . TRP A 1 78  ? -4.487  14.246  -6.462  1.00 13.62 ? 120 TRP A CA  1 
ATOM   643  C  C   . TRP A 1 78  ? -3.049  14.668  -6.181  1.00 12.85 ? 120 TRP A C   1 
ATOM   644  O  O   . TRP A 1 78  ? -2.489  15.500  -6.902  1.00 13.89 ? 120 TRP A O   1 
ATOM   645  C  CB  . TRP A 1 78  ? -5.438  15.015  -5.549  1.00 14.90 ? 120 TRP A CB  1 
ATOM   646  C  CG  . TRP A 1 78  ? -5.322  16.500  -5.722  1.00 14.07 ? 120 TRP A CG  1 
ATOM   647  C  CD1 . TRP A 1 78  ? -4.664  17.386  -4.913  1.00 13.69 ? 120 TRP A CD1 1 
ATOM   648  C  CD2 . TRP A 1 78  ? -5.878  17.267  -6.790  1.00 13.45 ? 120 TRP A CD2 1 
ATOM   649  N  NE1 . TRP A 1 78  ? -4.781  18.663  -5.418  1.00 14.47 ? 120 TRP A NE1 1 
ATOM   650  C  CE2 . TRP A 1 78  ? -5.516  18.613  -6.575  1.00 12.79 ? 120 TRP A CE2 1 
ATOM   651  C  CE3 . TRP A 1 78  ? -6.644  16.945  -7.917  1.00 13.76 ? 120 TRP A CE3 1 
ATOM   652  C  CZ2 . TRP A 1 78  ? -5.915  19.637  -7.439  1.00 14.84 ? 120 TRP A CZ2 1 
ATOM   653  C  CZ3 . TRP A 1 78  ? -7.032  17.959  -8.774  1.00 15.95 ? 120 TRP A CZ3 1 
ATOM   654  C  CH2 . TRP A 1 78  ? -6.667  19.288  -8.527  1.00 13.65 ? 120 TRP A CH2 1 
ATOM   655  N  N   . ASN A 1 79  ? -2.430  14.120  -5.138  1.00 12.35 ? 121 ASN A N   1 
ATOM   656  C  CA  . ASN A 1 79  ? -1.071  14.518  -4.815  1.00 12.71 ? 121 ASN A CA  1 
ATOM   657  C  C   . ASN A 1 79  ? -0.325  13.359  -4.170  1.00 11.65 ? 121 ASN A C   1 
ATOM   658  O  O   . ASN A 1 79  ? -0.901  12.319  -3.839  1.00 13.13 ? 121 ASN A O   1 
ATOM   659  C  CB  . ASN A 1 79  ? -1.021  15.806  -3.977  1.00 12.94 ? 121 ASN A CB  1 
ATOM   660  C  CG  . ASN A 1 79  ? -1.703  15.672  -2.623  1.00 15.07 ? 121 ASN A CG  1 
ATOM   661  O  OD1 . ASN A 1 79  ? -1.911  14.571  -2.115  1.00 15.31 ? 121 ASN A OD1 1 
ATOM   662  N  ND2 . ASN A 1 79  ? -2.037  16.815  -2.019  1.00 18.19 ? 121 ASN A ND2 1 
ATOM   663  N  N   . ALA A 1 80  ? 0.977   13.563  -3.989  1.00 12.28 ? 122 ALA A N   1 
ATOM   664  C  CA  . ALA A 1 80  ? 1.827   12.519  -3.426  1.00 11.24 ? 122 ALA A CA  1 
ATOM   665  C  C   . ALA A 1 80  ? 1.422   12.176  -2.004  1.00 11.66 ? 122 ALA A C   1 
ATOM   666  O  O   . ALA A 1 80  ? 1.510   11.011  -1.603  1.00 11.90 ? 122 ALA A O   1 
ATOM   667  C  CB  . ALA A 1 80  ? 3.282   12.973  -3.446  1.00 13.56 ? 122 ALA A CB  1 
ATOM   668  N  N   . GLN A 1 81  ? 0.985   13.168  -1.226  1.00 11.98 ? 123 GLN A N   1 
ATOM   669  C  CA  . GLN A 1 81  ? 0.585   12.907  0.152   1.00 12.45 ? 123 GLN A CA  1 
ATOM   670  C  C   . GLN A 1 81  ? -0.537  11.882  0.225   1.00 13.81 ? 123 GLN A C   1 
ATOM   671  O  O   . GLN A 1 81  ? -0.535  11.009  1.102   1.00 11.85 ? 123 GLN A O   1 
ATOM   672  C  CB  . GLN A 1 81  ? 0.166   14.214  0.828   1.00 15.61 ? 123 GLN A CB  1 
ATOM   673  C  CG  . GLN A 1 81  ? -0.126  14.071  2.316   1.00 23.16 ? 123 GLN A CG  1 
ATOM   674  C  CD  . GLN A 1 81  ? 1.044   13.477  3.090   1.00 28.39 ? 123 GLN A CD  1 
ATOM   675  O  OE1 . GLN A 1 81  ? 2.207   13.782  2.816   1.00 30.85 ? 123 GLN A OE1 1 
ATOM   676  N  NE2 . GLN A 1 81  ? 0.739   12.618  4.064   1.00 32.06 ? 123 GLN A NE2 1 
ATOM   677  N  N   . GLU A 1 82  ? -1.506  11.973  -0.684  1.00 11.79 ? 124 GLU A N   1 
ATOM   678  C  CA  . GLU A 1 82  ? -2.593  10.999  -0.722  1.00 11.22 ? 124 GLU A CA  1 
ATOM   679  C  C   . GLU A 1 82  ? -2.067  9.584   -0.947  1.00 10.85 ? 124 GLU A C   1 
ATOM   680  O  O   . GLU A 1 82  ? -2.532  8.626   -0.315  1.00 11.26 ? 124 GLU A O   1 
ATOM   681  C  CB  . GLU A 1 82  ? -3.568  11.392  -1.835  1.00 12.95 ? 124 GLU A CB  1 
ATOM   682  C  CG  . GLU A 1 82  ? -4.905  10.702  -1.778  1.00 15.03 ? 124 GLU A CG  1 
ATOM   683  C  CD  . GLU A 1 82  ? -5.773  11.022  -2.986  1.00 15.28 ? 124 GLU A CD  1 
ATOM   684  O  OE1 . GLU A 1 82  ? -5.458  11.993  -3.708  1.00 15.31 ? 124 GLU A OE1 1 
ATOM   685  O  OE2 . GLU A 1 82  ? -6.772  10.301  -3.206  1.00 17.16 ? 124 GLU A OE2 1 
ATOM   686  N  N   . CYS A 1 83  ? -1.087  9.430   -1.843  1.00 10.60 ? 125 CYS A N   1 
ATOM   687  C  CA  . CYS A 1 83  ? -0.525  8.106   -2.078  1.00 10.77 ? 125 CYS A CA  1 
ATOM   688  C  C   . CYS A 1 83  ? 0.282   7.636   -0.869  1.00 11.42 ? 125 CYS A C   1 
ATOM   689  O  O   . CYS A 1 83  ? 0.178   6.477   -0.454  1.00 9.95  ? 125 CYS A O   1 
ATOM   690  C  CB  . CYS A 1 83  ? 0.322   8.152   -3.351  1.00 11.32 ? 125 CYS A CB  1 
ATOM   691  S  SG  . CYS A 1 83  ? 1.277   6.652   -3.669  1.00 13.02 ? 125 CYS A SG  1 
ATOM   692  N  N   . ILE A 1 84  ? 1.077   8.531   -0.284  1.00 10.72 ? 126 ILE A N   1 
ATOM   693  C  CA  . ILE A 1 84  ? 1.837   8.198   0.917   1.00 10.20 ? 126 ILE A CA  1 
ATOM   694  C  C   . ILE A 1 84  ? 0.903   7.735   2.028   1.00 11.01 ? 126 ILE A C   1 
ATOM   695  O  O   . ILE A 1 84  ? 1.211   6.795   2.770   1.00 9.42  ? 126 ILE A O   1 
ATOM   696  C  CB  . ILE A 1 84  ? 2.703   9.404   1.327   1.00 10.96 ? 126 ILE A CB  1 
ATOM   697  C  CG1 . ILE A 1 84  ? 3.834   9.588   0.316   1.00 12.41 ? 126 ILE A CG1 1 
ATOM   698  C  CG2 . ILE A 1 84  ? 3.231   9.251   2.754   1.00 12.49 ? 126 ILE A CG2 1 
ATOM   699  C  CD1 . ILE A 1 84  ? 4.436   10.980  0.348   1.00 12.37 ? 126 ILE A CD1 1 
ATOM   700  N  N   . GLN A 1 85  ? -0.264  8.371   2.148   1.00 10.02 ? 127 GLN A N   1 
ATOM   701  C  CA  . GLN A 1 85  ? -1.240  7.928   3.137   1.00 10.90 ? 127 GLN A CA  1 
ATOM   702  C  C   . GLN A 1 85  ? -1.666  6.481   2.902   1.00 12.32 ? 127 GLN A C   1 
ATOM   703  O  O   . GLN A 1 85  ? -1.861  5.727   3.863   1.00 11.27 ? 127 GLN A O   1 
ATOM   704  C  CB  . GLN A 1 85  ? -2.443  8.874   3.126   1.00 13.83 ? 127 GLN A CB  1 
ATOM   705  C  CG  . GLN A 1 85  ? -2.166  10.209  3.811   1.00 22.49 ? 127 GLN A CG  1 
ATOM   706  C  CD  . GLN A 1 85  ? -3.307  11.207  3.661   1.00 31.43 ? 127 GLN A CD  1 
ATOM   707  O  OE1 . GLN A 1 85  ? -4.325  10.925  3.023   1.00 34.42 ? 127 GLN A OE1 1 
ATOM   708  N  NE2 . GLN A 1 85  ? -3.137  12.384  4.255   1.00 33.51 ? 127 GLN A NE2 1 
ATOM   709  N  N   . ASP A 1 86  ? -1.791  6.063   1.634   1.00 10.74 ? 128 ASP A N   1 
ATOM   710  C  CA  . ASP A 1 86  ? -2.141  4.670   1.356   1.00 9.53  ? 128 ASP A CA  1 
ATOM   711  C  C   . ASP A 1 86  ? -1.042  3.710   1.819   1.00 11.60 ? 128 ASP A C   1 
ATOM   712  O  O   . ASP A 1 86  ? -1.335  2.670   2.429   1.00 10.14 ? 128 ASP A O   1 
ATOM   713  C  CB  . ASP A 1 86  ? -2.442  4.459   -0.130  1.00 10.31 ? 128 ASP A CB  1 
ATOM   714  C  CG  . ASP A 1 86  ? -3.851  4.851   -0.511  1.00 11.78 ? 128 ASP A CG  1 
ATOM   715  O  OD1 . ASP A 1 86  ? -4.680  5.124   0.384   1.00 12.82 ? 128 ASP A OD1 1 
ATOM   716  O  OD2 . ASP A 1 86  ? -4.105  4.905   -1.724  1.00 12.01 ? 128 ASP A OD2 1 
ATOM   717  N  N   . PHE A 1 87  ? 0.228   4.038   1.551   1.00 9.94  ? 129 PHE A N   1 
ATOM   718  C  CA  . PHE A 1 87  ? 1.308   3.203   2.071   1.00 9.16  ? 129 PHE A CA  1 
ATOM   719  C  C   . PHE A 1 87  ? 1.242   3.134   3.588   1.00 9.79  ? 129 PHE A C   1 
ATOM   720  O  O   . PHE A 1 87  ? 1.385   2.059   4.176   1.00 10.22 ? 129 PHE A O   1 
ATOM   721  C  CB  . PHE A 1 87  ? 2.662   3.779   1.676   1.00 8.71  ? 129 PHE A CB  1 
ATOM   722  C  CG  . PHE A 1 87  ? 3.132   3.394   0.299   1.00 10.33 ? 129 PHE A CG  1 
ATOM   723  C  CD1 . PHE A 1 87  ? 3.781   2.190   0.077   1.00 10.90 ? 129 PHE A CD1 1 
ATOM   724  C  CD2 . PHE A 1 87  ? 2.959   4.264   -0.767  1.00 11.12 ? 129 PHE A CD2 1 
ATOM   725  C  CE1 . PHE A 1 87  ? 4.249   1.863   -1.175  1.00 12.50 ? 129 PHE A CE1 1 
ATOM   726  C  CE2 . PHE A 1 87  ? 3.417   3.942   -2.023  1.00 10.86 ? 129 PHE A CE2 1 
ATOM   727  C  CZ  . PHE A 1 87  ? 4.068   2.728   -2.228  1.00 11.49 ? 129 PHE A CZ  1 
ATOM   728  N  N   . ASN A 1 88  ? 1.018   4.278   4.241   1.00 10.12 ? 130 ASN A N   1 
ATOM   729  C  CA  . ASN A 1 88  ? 0.966   4.283   5.699   1.00 14.13 ? 130 ASN A CA  1 
ATOM   730  C  C   . ASN A 1 88  ? -0.181  3.428   6.220   1.00 12.44 ? 130 ASN A C   1 
ATOM   731  O  O   . ASN A 1 88  ? -0.017  2.700   7.205   1.00 11.99 ? 130 ASN A O   1 
ATOM   732  C  CB  . ASN A 1 88  ? 0.884   5.717   6.214   1.00 13.66 ? 130 ASN A CB  1 
ATOM   733  C  CG  . ASN A 1 88  ? 2.212   6.448   6.065   1.00 20.14 ? 130 ASN A CG  1 
ATOM   734  O  OD1 . ASN A 1 88  ? 3.268   5.809   5.990   1.00 23.96 ? 130 ASN A OD1 1 
ATOM   735  N  ND2 . ASN A 1 88  ? 2.171   7.777   6.029   1.00 25.89 ? 130 ASN A ND2 1 
ATOM   736  N  N   . THR A 1 89  ? -1.344  3.489   5.561   1.00 10.17 ? 131 THR A N   1 
ATOM   737  C  CA  . THR A 1 89  ? -2.462  2.627   5.936   1.00 10.77 ? 131 THR A CA  1 
ATOM   738  C  C   . THR A 1 89  ? -2.101  1.154   5.787   1.00 10.31 ? 131 THR A C   1 
ATOM   739  O  O   . THR A 1 89  ? -2.422  0.333   6.656   1.00 10.49 ? 131 THR A O   1 
ATOM   740  C  CB  . THR A 1 89  ? -3.664  2.966   5.064   1.00 11.70 ? 131 THR A CB  1 
ATOM   741  O  OG1 . THR A 1 89  ? -4.081  4.305   5.354   1.00 14.67 ? 131 THR A OG1 1 
ATOM   742  C  CG2 . THR A 1 89  ? -4.825  2.015   5.332   1.00 13.28 ? 131 THR A CG2 1 
ATOM   743  N  N   . MET A 1 90  ? -1.421  0.800   4.697   1.00 9.40  ? 132 MET A N   1 
ATOM   744  C  CA  . MET A 1 90  ? -0.994  -0.580  4.482   1.00 9.80  ? 132 MET A CA  1 
ATOM   745  C  C   . MET A 1 90  ? -0.102  -1.073  5.618   1.00 8.88  ? 132 MET A C   1 
ATOM   746  O  O   . MET A 1 90  ? -0.291  -2.183  6.128   1.00 10.51 ? 132 MET A O   1 
ATOM   747  C  CB  . MET A 1 90  ? -0.273  -0.689  3.136   1.00 10.34 ? 132 MET A CB  1 
ATOM   748  C  CG  . MET A 1 90  ? 0.264   -2.090  2.840   1.00 9.79  ? 132 MET A CG  1 
ATOM   749  S  SD  . MET A 1 90  ? 1.220   -2.127  1.317   1.00 11.33 ? 132 MET A SD  1 
ATOM   750  C  CE  . MET A 1 90  ? 2.786   -1.493  1.917   1.00 14.64 ? 132 MET A CE  1 
ATOM   751  N  N   . PHE A 1 91  ? 0.870   -0.260  6.032   1.00 8.49  ? 133 PHE A N   1 
ATOM   752  C  CA  . PHE A 1 91  ? 1.769   -0.695  7.090   1.00 8.42  ? 133 PHE A CA  1 
ATOM   753  C  C   . PHE A 1 91  ? 1.026   -0.789  8.408   1.00 10.15 ? 133 PHE A C   1 
ATOM   754  O  O   . PHE A 1 91  ? 1.143   -1.790  9.121   1.00 10.91 ? 133 PHE A O   1 
ATOM   755  C  CB  . PHE A 1 91  ? 2.968   0.251   7.212   1.00 10.47 ? 133 PHE A CB  1 
ATOM   756  C  CG  . PHE A 1 91  ? 3.885   0.234   6.024   1.00 10.49 ? 133 PHE A CG  1 
ATOM   757  C  CD1 . PHE A 1 91  ? 4.385   -0.961  5.538   1.00 12.49 ? 133 PHE A CD1 1 
ATOM   758  C  CD2 . PHE A 1 91  ? 4.242   1.418   5.398   1.00 11.05 ? 133 PHE A CD2 1 
ATOM   759  C  CE1 . PHE A 1 91  ? 5.238   -0.982  4.442   1.00 13.52 ? 133 PHE A CE1 1 
ATOM   760  C  CE2 . PHE A 1 91  ? 5.087   1.401   4.292   1.00 11.44 ? 133 PHE A CE2 1 
ATOM   761  C  CZ  . PHE A 1 91  ? 5.584   0.198   3.821   1.00 11.67 ? 133 PHE A CZ  1 
ATOM   762  N  N   . THR A 1 92  ? 0.239   0.236   8.737   1.00 10.65 ? 134 THR A N   1 
ATOM   763  C  CA  . THR A 1 92  ? -0.449  0.237   10.023  1.00 11.41 ? 134 THR A CA  1 
ATOM   764  C  C   . THR A 1 92  ? -1.491  -0.879  10.117  1.00 10.89 ? 134 THR A C   1 
ATOM   765  O  O   . THR A 1 92  ? -1.655  -1.458  11.197  1.00 11.46 ? 134 THR A O   1 
ATOM   766  C  CB  . THR A 1 92  ? -1.032  1.614   10.334  1.00 15.14 ? 134 THR A CB  1 
ATOM   767  O  OG1 . THR A 1 92  ? -1.994  1.963   9.349   1.00 20.83 ? 134 THR A OG1 1 
ATOM   768  C  CG2 . THR A 1 92  ? 0.067   2.678   10.345  1.00 15.03 ? 134 THR A CG2 1 
ATOM   769  N  N   . ASN A 1 93  ? -2.169  -1.221  9.011   1.00 10.05 ? 135 ASN A N   1 
ATOM   770  C  CA  . ASN A 1 93  ? -3.086  -2.366  9.018   1.00 10.15 ? 135 ASN A CA  1 
ATOM   771  C  C   . ASN A 1 93  ? -2.359  -3.632  9.443   1.00 10.50 ? 135 ASN A C   1 
ATOM   772  O  O   . ASN A 1 93  ? -2.893  -4.448  10.202  1.00 10.90 ? 135 ASN A O   1 
ATOM   773  C  CB  . ASN A 1 93  ? -3.682  -2.604  7.626   1.00 10.85 ? 135 ASN A CB  1 
ATOM   774  C  CG  . ASN A 1 93  ? -4.732  -1.586  7.245   1.00 10.78 ? 135 ASN A CG  1 
ATOM   775  O  OD1 . ASN A 1 93  ? -5.211  -0.841  8.087   1.00 11.24 ? 135 ASN A OD1 1 
ATOM   776  N  ND2 . ASN A 1 93  ? -5.079  -1.538  5.961   1.00 11.16 ? 135 ASN A ND2 1 
ATOM   777  N  N   . CYS A 1 94  ? -1.132  -3.808  8.964   1.00 10.80 ? 136 CYS A N   1 
ATOM   778  C  CA  . CYS A 1 94  ? -0.382  -4.999  9.318   1.00 11.16 ? 136 CYS A CA  1 
ATOM   779  C  C   . CYS A 1 94  ? -0.066  -5.017  10.808  1.00 12.42 ? 136 CYS A C   1 
ATOM   780  O  O   . CYS A 1 94  ? -0.219  -6.050  11.475  1.00 10.87 ? 136 CYS A O   1 
ATOM   781  C  CB  . CYS A 1 94  ? 0.888   -5.064  8.468   1.00 9.78  ? 136 CYS A CB  1 
ATOM   782  S  SG  . CYS A 1 94  ? 1.819   -6.592  8.696   1.00 11.71 ? 136 CYS A SG  1 
ATOM   783  N  N   . TYR A 1 95  ? 0.345   -3.873  11.358  1.00 11.30 ? 137 TYR A N   1 
ATOM   784  C  CA  . TYR A 1 95  ? 0.637   -3.813  12.785  1.00 9.98  ? 137 TYR A CA  1 
ATOM   785  C  C   . TYR A 1 95  ? -0.623  -4.049  13.603  1.00 12.31 ? 137 TYR A C   1 
ATOM   786  O  O   . TYR A 1 95  ? -0.575  -4.673  14.671  1.00 13.10 ? 137 TYR A O   1 
ATOM   787  C  CB  . TYR A 1 95  ? 1.266   -2.457  13.130  1.00 10.64 ? 137 TYR A CB  1 
ATOM   788  C  CG  . TYR A 1 95  ? 2.475   -2.121  12.285  1.00 10.68 ? 137 TYR A CG  1 
ATOM   789  C  CD1 . TYR A 1 95  ? 3.363   -3.108  11.883  1.00 12.85 ? 137 TYR A CD1 1 
ATOM   790  C  CD2 . TYR A 1 95  ? 2.714   -0.808  11.873  1.00 11.01 ? 137 TYR A CD2 1 
ATOM   791  C  CE1 . TYR A 1 95  ? 4.470   -2.806  11.103  1.00 11.07 ? 137 TYR A CE1 1 
ATOM   792  C  CE2 . TYR A 1 95  ? 3.823   -0.494  11.100  1.00 11.13 ? 137 TYR A CE2 1 
ATOM   793  C  CZ  . TYR A 1 95  ? 4.694   -1.492  10.719  1.00 12.20 ? 137 TYR A CZ  1 
ATOM   794  O  OH  . TYR A 1 95  ? 5.784   -1.188  9.945   1.00 14.17 ? 137 TYR A OH  1 
ATOM   795  N  N   . ILE A 1 96  ? -1.765  -3.576  13.109  1.00 11.97 ? 138 ILE A N   1 
ATOM   796  C  CA  . ILE A 1 96  ? -3.016  -3.715  13.850  1.00 12.63 ? 138 ILE A CA  1 
ATOM   797  C  C   . ILE A 1 96  ? -3.480  -5.168  13.869  1.00 11.05 ? 138 ILE A C   1 
ATOM   798  O  O   . ILE A 1 96  ? -3.903  -5.690  14.910  1.00 12.95 ? 138 ILE A O   1 
ATOM   799  C  CB  . ILE A 1 96  ? -4.081  -2.773  13.265  1.00 10.80 ? 138 ILE A CB  1 
ATOM   800  C  CG1 . ILE A 1 96  ? -3.733  -1.330  13.628  1.00 12.91 ? 138 ILE A CG1 1 
ATOM   801  C  CG2 . ILE A 1 96  ? -5.449  -3.122  13.803  1.00 13.13 ? 138 ILE A CG2 1 
ATOM   802  C  CD1 . ILE A 1 96  ? -4.525  -0.311  12.826  1.00 17.28 ? 138 ILE A CD1 1 
ATOM   803  N  N   . TYR A 1 97  ? -3.428  -5.841  12.718  1.00 11.41 ? 139 TYR A N   1 
ATOM   804  C  CA  . TYR A 1 97  ? -3.982  -7.185  12.632  1.00 11.58 ? 139 TYR A CA  1 
ATOM   805  C  C   . TYR A 1 97  ? -3.104  -8.214  13.317  1.00 11.92 ? 139 TYR A C   1 
ATOM   806  O  O   . TYR A 1 97  ? -3.615  -9.249  13.755  1.00 13.25 ? 139 TYR A O   1 
ATOM   807  C  CB  . TYR A 1 97  ? -4.251  -7.574  11.169  1.00 11.61 ? 139 TYR A CB  1 
ATOM   808  C  CG  . TYR A 1 97  ? -4.836  -8.955  11.053  1.00 11.32 ? 139 TYR A CG  1 
ATOM   809  C  CD1 . TYR A 1 97  ? -6.134  -9.208  11.469  1.00 12.76 ? 139 TYR A CD1 1 
ATOM   810  C  CD2 . TYR A 1 97  ? -4.071  -10.024 10.602  1.00 10.86 ? 139 TYR A CD2 1 
ATOM   811  C  CE1 . TYR A 1 97  ? -6.677  -10.489 11.405  1.00 13.09 ? 139 TYR A CE1 1 
ATOM   812  C  CE2 . TYR A 1 97  ? -4.597  -11.302 10.538  1.00 13.33 ? 139 TYR A CE2 1 
ATOM   813  C  CZ  . TYR A 1 97  ? -5.899  -11.525 10.944  1.00 13.36 ? 139 TYR A CZ  1 
ATOM   814  O  OH  . TYR A 1 97  ? -6.428  -12.791 10.889  1.00 14.58 ? 139 TYR A OH  1 
ATOM   815  N  N   . ASN A 1 98  ? -1.807  -7.946  13.448  1.00 11.25 ? 140 ASN A N   1 
ATOM   816  C  CA  . ASN A 1 98  ? -0.873  -8.901  14.005  1.00 12.56 ? 140 ASN A CA  1 
ATOM   817  C  C   . ASN A 1 98  ? -0.395  -8.407  15.372  1.00 13.09 ? 140 ASN A C   1 
ATOM   818  O  O   . ASN A 1 98  ? -1.174  -7.773  16.107  1.00 14.06 ? 140 ASN A O   1 
ATOM   819  C  CB  . ASN A 1 98  ? 0.221   -9.138  12.977  1.00 11.42 ? 140 ASN A CB  1 
ATOM   820  C  CG  . ASN A 1 98  ? -0.350  -9.577  11.644  1.00 12.70 ? 140 ASN A CG  1 
ATOM   821  O  OD1 . ASN A 1 98  ? -0.457  -8.787  10.692  1.00 13.06 ? 140 ASN A OD1 1 
ATOM   822  N  ND2 . ASN A 1 98  ? -0.777  -10.820 11.584  1.00 10.93 ? 140 ASN A ND2 1 
ATOM   823  N  N   . LYS A 1 99  ? 0.849   -8.707  15.728  1.00 14.96 ? 141 LYS A N   1 
ATOM   824  C  CA  . LYS A 1 99  ? 1.377   -8.234  16.998  1.00 16.44 ? 141 LYS A CA  1 
ATOM   825  C  C   . LYS A 1 99  ? 2.891   -8.144  16.894  1.00 15.32 ? 141 LYS A C   1 
ATOM   826  O  O   . LYS A 1 99  ? 3.487   -8.694  15.954  1.00 14.26 ? 141 LYS A O   1 
ATOM   827  C  CB  . LYS A 1 99  ? 0.932   -9.139  18.157  1.00 19.73 ? 141 LYS A CB  1 
ATOM   828  C  CG  . LYS A 1 99  ? 1.367   -10.562 18.066  1.00 21.07 ? 141 LYS A CG  1 
ATOM   829  C  CD  . LYS A 1 99  ? 0.708   -11.332 19.199  1.00 22.32 ? 141 LYS A CD  1 
ATOM   830  C  CE  . LYS A 1 99  ? 1.394   -12.638 19.468  1.00 26.71 ? 141 LYS A CE  1 
ATOM   831  N  NZ  . LYS A 1 99  ? 1.113   -13.092 20.862  1.00 23.89 ? 141 LYS A NZ  1 
ATOM   832  N  N   . PRO A 1 100 ? 3.547   -7.436  17.818  1.00 16.31 ? 142 PRO A N   1 
ATOM   833  C  CA  . PRO A 1 100 ? 4.999   -7.250  17.708  1.00 15.84 ? 142 PRO A CA  1 
ATOM   834  C  C   . PRO A 1 100 ? 5.743   -8.574  17.632  1.00 13.42 ? 142 PRO A C   1 
ATOM   835  O  O   . PRO A 1 100 ? 5.403   -9.541  18.317  1.00 17.89 ? 142 PRO A O   1 
ATOM   836  C  CB  . PRO A 1 100 ? 5.358   -6.494  18.990  1.00 18.07 ? 142 PRO A CB  1 
ATOM   837  C  CG  . PRO A 1 100 ? 4.105   -5.783  19.356  1.00 19.65 ? 142 PRO A CG  1 
ATOM   838  C  CD  . PRO A 1 100 ? 2.988   -6.685  18.963  1.00 17.91 ? 142 PRO A CD  1 
ATOM   839  N  N   . GLY A 1 101 ? 6.768   -8.605  16.781  1.00 14.10 ? 143 GLY A N   1 
ATOM   840  C  CA  . GLY A 1 101 ? 7.620   -9.761  16.658  1.00 13.78 ? 143 GLY A CA  1 
ATOM   841  C  C   . GLY A 1 101 ? 7.164   -10.802 15.660  1.00 14.32 ? 143 GLY A C   1 
ATOM   842  O  O   . GLY A 1 101 ? 7.965   -11.667 15.295  1.00 15.76 ? 143 GLY A O   1 
ATOM   843  N  N   . ASP A 1 102 ? 5.915   -10.751 15.195  1.00 13.04 ? 144 ASP A N   1 
ATOM   844  C  CA  . ASP A 1 102 ? 5.467   -11.698 14.181  1.00 12.99 ? 144 ASP A CA  1 
ATOM   845  C  C   . ASP A 1 102 ? 6.300   -11.524 12.917  1.00 13.00 ? 144 ASP A C   1 
ATOM   846  O  O   . ASP A 1 102 ? 6.730   -10.414 12.582  1.00 11.95 ? 144 ASP A O   1 
ATOM   847  C  CB  . ASP A 1 102 ? 4.005   -11.443 13.809  1.00 12.65 ? 144 ASP A CB  1 
ATOM   848  C  CG  . ASP A 1 102 ? 3.026   -11.900 14.862  1.00 17.04 ? 144 ASP A CG  1 
ATOM   849  O  OD1 . ASP A 1 102 ? 3.423   -12.648 15.784  1.00 18.82 ? 144 ASP A OD1 1 
ATOM   850  O  OD2 . ASP A 1 102 ? 1.842   -11.503 14.756  1.00 15.94 ? 144 ASP A OD2 1 
ATOM   851  N  N   . ASP A 1 103 ? 6.513   -12.636 12.203  1.00 11.82 ? 145 ASP A N   1 
ATOM   852  C  CA  . ASP A 1 103 ? 7.280   -12.583 10.960  1.00 10.34 ? 145 ASP A CA  1 
ATOM   853  C  C   . ASP A 1 103 ? 6.730   -11.527 9.997   1.00 10.77 ? 145 ASP A C   1 
ATOM   854  O  O   . ASP A 1 103 ? 7.497   -10.755 9.413   1.00 11.33 ? 145 ASP A O   1 
ATOM   855  C  CB  . ASP A 1 103 ? 7.306   -13.963 10.293  1.00 11.21 ? 145 ASP A CB  1 
ATOM   856  C  CG  . ASP A 1 103 ? 8.388   -14.862 10.852  1.00 15.94 ? 145 ASP A CG  1 
ATOM   857  O  OD1 . ASP A 1 103 ? 9.237   -14.377 11.632  1.00 13.56 ? 145 ASP A OD1 1 
ATOM   858  O  OD2 . ASP A 1 103 ? 8.375   -16.063 10.502  1.00 17.90 ? 145 ASP A OD2 1 
ATOM   859  N  N   . ILE A 1 104 ? 5.403   -11.454 9.842   1.00 11.63 ? 146 ILE A N   1 
ATOM   860  C  CA  . ILE A 1 104 ? 4.862   -10.498 8.878   1.00 12.00 ? 146 ILE A CA  1 
ATOM   861  C  C   . ILE A 1 104 ? 5.088   -9.071  9.347   1.00 10.31 ? 146 ILE A C   1 
ATOM   862  O  O   . ILE A 1 104 ? 5.238   -8.153  8.529   1.00 9.86  ? 146 ILE A O   1 
ATOM   863  C  CB  . ILE A 1 104 ? 3.384   -10.771 8.558   1.00 12.17 ? 146 ILE A CB  1 
ATOM   864  C  CG1 . ILE A 1 104 ? 2.986   -9.945  7.338   1.00 12.63 ? 146 ILE A CG1 1 
ATOM   865  C  CG2 . ILE A 1 104 ? 2.485   -10.414 9.741   1.00 11.98 ? 146 ILE A CG2 1 
ATOM   866  C  CD1 . ILE A 1 104 ? 2.033   -10.603 6.434   1.00 17.59 ? 146 ILE A CD1 1 
ATOM   867  N  N   . VAL A 1 105 ? 5.118   -8.858  10.660  1.00 10.47 ? 147 VAL A N   1 
ATOM   868  C  CA  . VAL A 1 105 ? 5.379   -7.528  11.194  1.00 10.76 ? 147 VAL A CA  1 
ATOM   869  C  C   . VAL A 1 105 ? 6.836   -7.133  10.981  1.00 11.64 ? 147 VAL A C   1 
ATOM   870  O  O   . VAL A 1 105 ? 7.137   -5.980  10.653  1.00 10.46 ? 147 VAL A O   1 
ATOM   871  C  CB  . VAL A 1 105 ? 4.952   -7.460  12.671  1.00 10.92 ? 147 VAL A CB  1 
ATOM   872  C  CG1 . VAL A 1 105 ? 5.503   -6.213  13.337  1.00 12.71 ? 147 VAL A CG1 1 
ATOM   873  C  CG2 . VAL A 1 105 ? 3.428   -7.505  12.764  1.00 12.55 ? 147 VAL A CG2 1 
ATOM   874  N  N   . LEU A 1 106 ? 7.765   -8.076  11.168  1.00 11.12 ? 148 LEU A N   1 
ATOM   875  C  CA  . LEU A 1 106 ? 9.159   -7.814  10.833  1.00 12.21 ? 148 LEU A CA  1 
ATOM   876  C  C   . LEU A 1 106 ? 9.299   -7.430  9.364   1.00 11.48 ? 148 LEU A C   1 
ATOM   877  O  O   . LEU A 1 106 ? 10.109  -6.565  9.010   1.00 12.15 ? 148 LEU A O   1 
ATOM   878  C  CB  . LEU A 1 106 ? 10.012  -9.045  11.146  1.00 12.00 ? 148 LEU A CB  1 
ATOM   879  C  CG  . LEU A 1 106 ? 10.009  -9.565  12.586  1.00 14.40 ? 148 LEU A CG  1 
ATOM   880  C  CD1 . LEU A 1 106 ? 10.859  -10.829 12.726  1.00 13.50 ? 148 LEU A CD1 1 
ATOM   881  C  CD2 . LEU A 1 106 ? 10.523  -8.492  13.501  1.00 15.69 ? 148 LEU A CD2 1 
ATOM   882  N  N   . MET A 1 107 ? 8.514   -8.057  8.491   1.00 11.58 ? 149 MET A N   1 
ATOM   883  C  CA  . MET A 1 107 ? 8.552   -7.688  7.079   1.00 11.32 ? 149 MET A CA  1 
ATOM   884  C  C   . MET A 1 107 ? 8.056   -6.263  6.871   1.00 11.57 ? 149 MET A C   1 
ATOM   885  O  O   . MET A 1 107 ? 8.703   -5.462  6.182   1.00 11.89 ? 149 MET A O   1 
ATOM   886  C  CB  . MET A 1 107 ? 7.700   -8.657  6.262   1.00 11.54 ? 149 MET A CB  1 
ATOM   887  C  CG  . MET A 1 107 ? 8.289   -10.037 6.131   1.00 11.19 ? 149 MET A CG  1 
ATOM   888  S  SD  . MET A 1 107 ? 7.540   -10.923 4.748   1.00 16.90 ? 149 MET A SD  1 
ATOM   889  C  CE  . MET A 1 107 ? 8.349   -12.513 4.915   1.00 18.36 ? 149 MET A CE  1 
ATOM   890  N  N   . ALA A 1 108 ? 6.893   -5.938  7.445   1.00 10.85 ? 150 ALA A N   1 
ATOM   891  C  CA  . ALA A 1 108 ? 6.340   -4.591  7.312   1.00 10.31 ? 150 ALA A CA  1 
ATOM   892  C  C   . ALA A 1 108 ? 7.295   -3.545  7.869   1.00 10.26 ? 150 ALA A C   1 
ATOM   893  O  O   . ALA A 1 108 ? 7.479   -2.483  7.262   1.00 10.38 ? 150 ALA A O   1 
ATOM   894  C  CB  . ALA A 1 108 ? 4.978   -4.510  8.001   1.00 10.69 ? 150 ALA A CB  1 
ATOM   895  N  N   . GLU A 1 109 ? 7.924   -3.834  9.019   1.00 10.53 ? 151 GLU A N   1 
ATOM   896  C  CA  . GLU A 1 109 ? 8.854   -2.885  9.622   1.00 11.49 ? 151 GLU A CA  1 
ATOM   897  C  C   . GLU A 1 109 ? 10.010  -2.577  8.684   1.00 11.60 ? 151 GLU A C   1 
ATOM   898  O  O   . GLU A 1 109 ? 10.409  -1.413  8.538   1.00 12.39 ? 151 GLU A O   1 
ATOM   899  C  CB  . GLU A 1 109 ? 9.388   -3.440  10.947  1.00 13.74 ? 151 GLU A CB  1 
ATOM   900  C  CG  . GLU A 1 109 ? 8.376   -3.403  12.083  1.00 13.39 ? 151 GLU A CG  1 
ATOM   901  C  CD  . GLU A 1 109 ? 8.788   -4.227  13.299  1.00 14.60 ? 151 GLU A CD  1 
ATOM   902  O  OE1 . GLU A 1 109 ? 9.755   -5.009  13.205  1.00 17.52 ? 151 GLU A OE1 1 
ATOM   903  O  OE2 . GLU A 1 109 ? 8.130   -4.081  14.355  1.00 15.60 ? 151 GLU A OE2 1 
ATOM   904  N  N   . ALA A 1 110 ? 10.553  -3.608  8.027   1.00 11.84 ? 152 ALA A N   1 
ATOM   905  C  CA  . ALA A 1 110 ? 11.655  -3.393  7.102   1.00 12.05 ? 152 ALA A CA  1 
ATOM   906  C  C   . ALA A 1 110 ? 11.200  -2.604  5.882   1.00 11.43 ? 152 ALA A C   1 
ATOM   907  O  O   . ALA A 1 110 ? 11.901  -1.689  5.430   1.00 11.78 ? 152 ALA A O   1 
ATOM   908  C  CB  . ALA A 1 110 ? 12.241  -4.740  6.675   1.00 12.30 ? 152 ALA A CB  1 
ATOM   909  N  N   . LEU A 1 111 ? 10.029  -2.942  5.336   1.00 11.29 ? 153 LEU A N   1 
ATOM   910  C  CA  . LEU A 1 111 ? 9.512   -2.205  4.181   1.00 11.60 ? 153 LEU A CA  1 
ATOM   911  C  C   . LEU A 1 111 ? 9.189   -0.763  4.541   1.00 12.30 ? 153 LEU A C   1 
ATOM   912  O  O   . LEU A 1 111 ? 9.415   0.144   3.735   1.00 12.08 ? 153 LEU A O   1 
ATOM   913  C  CB  . LEU A 1 111 ? 8.264   -2.888  3.621   1.00 13.89 ? 153 LEU A CB  1 
ATOM   914  C  CG  . LEU A 1 111 ? 8.485   -4.219  2.920   1.00 13.85 ? 153 LEU A CG  1 
ATOM   915  C  CD1 . LEU A 1 111 ? 7.137   -4.824  2.593   1.00 15.66 ? 153 LEU A CD1 1 
ATOM   916  C  CD2 . LEU A 1 111 ? 9.276   -3.981  1.650   1.00 16.73 ? 153 LEU A CD2 1 
ATOM   917  N  N   . GLU A 1 112 ? 8.660   -0.523  5.744   1.00 10.12 ? 154 GLU A N   1 
ATOM   918  C  CA  . GLU A 1 112 ? 8.337   0.845   6.130   1.00 10.74 ? 154 GLU A CA  1 
ATOM   919  C  C   . GLU A 1 112 ? 9.598   1.690   6.221   1.00 11.44 ? 154 GLU A C   1 
ATOM   920  O  O   . GLU A 1 112 ? 9.615   2.853   5.794   1.00 12.30 ? 154 GLU A O   1 
ATOM   921  C  CB  . GLU A 1 112 ? 7.580   0.860   7.459   1.00 10.59 ? 154 GLU A CB  1 
ATOM   922  C  CG  . GLU A 1 112 ? 7.177   2.278   7.856   1.00 11.33 ? 154 GLU A CG  1 
ATOM   923  C  CD  . GLU A 1 112 ? 6.454   2.361   9.181   1.00 18.17 ? 154 GLU A CD  1 
ATOM   924  O  OE1 . GLU A 1 112 ? 6.127   1.309   9.754   1.00 20.98 ? 154 GLU A OE1 1 
ATOM   925  O  OE2 . GLU A 1 112 ? 6.221   3.490   9.656   1.00 21.58 ? 154 GLU A OE2 1 
ATOM   926  N  N   . LYS A 1 113 ? 10.673  1.119   6.765   1.00 12.66 ? 155 LYS A N   1 
ATOM   927  C  CA  . LYS A 1 113 ? 11.915  1.877   6.857   1.00 12.21 ? 155 LYS A CA  1 
ATOM   928  C  C   . LYS A 1 113 ? 12.480  2.178   5.471   1.00 11.90 ? 155 LYS A C   1 
ATOM   929  O  O   . LYS A 1 113 ? 12.935  3.299   5.216   1.00 12.55 ? 155 LYS A O   1 
ATOM   930  C  CB  . LYS A 1 113 ? 12.921  1.153   7.756   1.00 14.84 ? 155 LYS A CB  1 
ATOM   931  C  CG  . LYS A 1 113 ? 12.575  1.282   9.244   1.00 14.81 ? 155 LYS A CG  1 
ATOM   932  C  CD  . LYS A 1 113 ? 13.650  0.723   10.165  1.00 19.87 ? 155 LYS A CD  1 
ATOM   933  C  CE  . LYS A 1 113 ? 13.492  -0.755  10.412  1.00 21.05 ? 155 LYS A CE  1 
ATOM   934  N  NZ  . LYS A 1 113 ? 14.754  -1.278  11.038  1.00 22.40 ? 155 LYS A NZ  1 
ATOM   935  N  N   . LEU A 1 114 ? 12.427  1.210   4.555   1.00 10.97 ? 156 LEU A N   1 
ATOM   936  C  CA  . LEU A 1 114 ? 12.858  1.475   3.185   1.00 11.67 ? 156 LEU A CA  1 
ATOM   937  C  C   . LEU A 1 114 ? 11.975  2.534   2.533   1.00 11.04 ? 156 LEU A C   1 
ATOM   938  O  O   . LEU A 1 114 ? 12.476  3.448   1.868   1.00 11.61 ? 156 LEU A O   1 
ATOM   939  C  CB  . LEU A 1 114 ? 12.841  0.181   2.371   1.00 12.15 ? 156 LEU A CB  1 
ATOM   940  C  CG  . LEU A 1 114 ? 13.296  0.308   0.921   1.00 15.96 ? 156 LEU A CG  1 
ATOM   941  C  CD1 . LEU A 1 114 ? 14.705  0.910   0.864   1.00 16.47 ? 156 LEU A CD1 1 
ATOM   942  C  CD2 . LEU A 1 114 ? 13.238  -1.054  0.201   1.00 16.40 ? 156 LEU A CD2 1 
ATOM   943  N  N   . PHE A 1 115 ? 10.657  2.445   2.747   1.00 11.13 ? 157 PHE A N   1 
ATOM   944  C  CA  . PHE A 1 115 ? 9.731   3.428   2.191   1.00 10.17 ? 157 PHE A CA  1 
ATOM   945  C  C   . PHE A 1 115 ? 10.062  4.832   2.679   1.00 10.90 ? 157 PHE A C   1 
ATOM   946  O  O   . PHE A 1 115 ? 10.153  5.775   1.879   1.00 9.57  ? 157 PHE A O   1 
ATOM   947  C  CB  . PHE A 1 115 ? 8.304   3.038   2.580   1.00 11.73 ? 157 PHE A CB  1 
ATOM   948  C  CG  . PHE A 1 115 ? 7.272   4.091   2.262   1.00 9.92  ? 157 PHE A CG  1 
ATOM   949  C  CD1 . PHE A 1 115 ? 6.891   4.341   0.952   1.00 11.83 ? 157 PHE A CD1 1 
ATOM   950  C  CD2 . PHE A 1 115 ? 6.673   4.817   3.282   1.00 14.20 ? 157 PHE A CD2 1 
ATOM   951  C  CE1 . PHE A 1 115 ? 5.930   5.304   0.666   1.00 12.10 ? 157 PHE A CE1 1 
ATOM   952  C  CE2 . PHE A 1 115 ? 5.715   5.778   3.000   1.00 15.98 ? 157 PHE A CE2 1 
ATOM   953  C  CZ  . PHE A 1 115 ? 5.351   6.023   1.699   1.00 12.51 ? 157 PHE A CZ  1 
ATOM   954  N  N   . LEU A 1 116 ? 10.254  4.994   3.993   1.00 11.75 ? 158 LEU A N   1 
ATOM   955  C  CA  . LEU A 1 116 ? 10.619  6.302   4.528   1.00 12.01 ? 158 LEU A CA  1 
ATOM   956  C  C   . LEU A 1 116 ? 11.943  6.784   3.959   1.00 11.91 ? 158 LEU A C   1 
ATOM   957  O  O   . LEU A 1 116 ? 12.093  7.966   3.637   1.00 12.23 ? 158 LEU A O   1 
ATOM   958  C  CB  . LEU A 1 116 ? 10.666  6.257   6.055   1.00 12.22 ? 158 LEU A CB  1 
ATOM   959  C  CG  . LEU A 1 116 ? 9.279   6.202   6.683   1.00 13.04 ? 158 LEU A CG  1 
ATOM   960  C  CD1 . LEU A 1 116 ? 9.423   6.064   8.181   1.00 16.75 ? 158 LEU A CD1 1 
ATOM   961  C  CD2 . LEU A 1 116 ? 8.479   7.443   6.328   1.00 19.48 ? 158 LEU A CD2 1 
ATOM   962  N  N   . GLN A 1 117 ? 12.911  5.882   3.816   1.00 11.97 ? 159 GLN A N   1 
ATOM   963  C  CA  . GLN A 1 117 ? 14.180  6.251   3.201   1.00 12.44 ? 159 GLN A CA  1 
ATOM   964  C  C   . GLN A 1 117 ? 13.968  6.831   1.810   1.00 14.74 ? 159 GLN A C   1 
ATOM   965  O  O   . GLN A 1 117 ? 14.591  7.839   1.443   1.00 13.24 ? 159 GLN A O   1 
ATOM   966  C  CB  . GLN A 1 117 ? 15.090  5.023   3.129   1.00 15.15 ? 159 GLN A CB  1 
ATOM   967  C  CG  . GLN A 1 117 ? 16.491  5.332   2.644   1.00 18.84 ? 159 GLN A CG  1 
ATOM   968  C  CD  . GLN A 1 117 ? 17.223  6.332   3.530   1.00 25.99 ? 159 GLN A CD  1 
ATOM   969  O  OE1 . GLN A 1 117 ? 16.982  6.413   4.740   1.00 28.17 ? 159 GLN A OE1 1 
ATOM   970  N  NE2 . GLN A 1 117 ? 18.132  7.098   2.929   1.00 28.22 ? 159 GLN A NE2 1 
ATOM   971  N  N   . LYS A 1 118 ? 13.075  6.217   1.023   1.00 11.50 ? 160 LYS A N   1 
ATOM   972  C  CA  . LYS A 1 118 ? 12.870  6.642   -0.360  1.00 10.73 ? 160 LYS A CA  1 
ATOM   973  C  C   . LYS A 1 118 ? 12.064  7.933   -0.465  1.00 10.97 ? 160 LYS A C   1 
ATOM   974  O  O   . LYS A 1 118 ? 12.261  8.701   -1.412  1.00 13.60 ? 160 LYS A O   1 
ATOM   975  C  CB  . LYS A 1 118 ? 12.166  5.543   -1.163  1.00 12.72 ? 160 LYS A CB  1 
ATOM   976  C  CG  . LYS A 1 118 ? 12.991  4.277   -1.359  1.00 16.89 ? 160 LYS A CG  1 
ATOM   977  C  CD  . LYS A 1 118 ? 14.303  4.585   -2.040  1.00 19.24 ? 160 LYS A CD  1 
ATOM   978  C  CE  . LYS A 1 118 ? 15.056  3.314   -2.396  1.00 20.20 ? 160 LYS A CE  1 
ATOM   979  N  NZ  . LYS A 1 118 ? 16.418  3.646   -2.880  1.00 22.36 ? 160 LYS A NZ  1 
ATOM   980  N  N   . ILE A 1 119 ? 11.144  8.194   0.470   1.00 11.19 ? 161 ILE A N   1 
ATOM   981  C  CA  . ILE A 1 119 ? 10.357  9.427   0.406   1.00 12.26 ? 161 ILE A CA  1 
ATOM   982  C  C   . ILE A 1 119 ? 10.964  10.559  1.225   1.00 13.69 ? 161 ILE A C   1 
ATOM   983  O  O   . ILE A 1 119 ? 10.391  11.660  1.262   1.00 13.65 ? 161 ILE A O   1 
ATOM   984  C  CB  . ILE A 1 119 ? 8.865   9.231   0.759   1.00 11.98 ? 161 ILE A CB  1 
ATOM   985  C  CG1 . ILE A 1 119 ? 8.692   8.902   2.247   1.00 13.44 ? 161 ILE A CG1 1 
ATOM   986  C  CG2 . ILE A 1 119 ? 8.244   8.169   -0.129  1.00 11.76 ? 161 ILE A CG2 1 
ATOM   987  C  CD1 . ILE A 1 119 ? 7.290   9.182   2.775   1.00 13.46 ? 161 ILE A CD1 1 
ATOM   988  N  N   . ASN A 1 120 ? 12.095  10.319  1.893   1.00 12.73 ? 162 ASN A N   1 
ATOM   989  C  CA  . ASN A 1 120 ? 12.759  11.367  2.662   1.00 13.18 ? 162 ASN A CA  1 
ATOM   990  C  C   . ASN A 1 120 ? 13.064  12.580  1.792   1.00 15.68 ? 162 ASN A C   1 
ATOM   991  O  O   . ASN A 1 120 ? 12.928  13.727  2.238   1.00 17.33 ? 162 ASN A O   1 
ATOM   992  C  CB  . ASN A 1 120 ? 14.038  10.802  3.275   1.00 12.65 ? 162 ASN A CB  1 
ATOM   993  C  CG  . ASN A 1 120 ? 14.819  11.825  4.055   1.00 17.46 ? 162 ASN A CG  1 
ATOM   994  O  OD1 . ASN A 1 120 ? 14.635  11.980  5.265   1.00 19.74 ? 162 ASN A OD1 1 
ATOM   995  N  ND2 . ASN A 1 120 ? 15.724  12.509  3.376   1.00 16.07 ? 162 ASN A ND2 1 
ATOM   996  N  N   . GLU A 1 121 ? 13.466  12.347  0.547   1.00 12.24 ? 163 GLU A N   1 
ATOM   997  C  CA  . GLU A 1 121 ? 13.711  13.414  -0.414  1.00 14.95 ? 163 GLU A CA  1 
ATOM   998  C  C   . GLU A 1 121 ? 12.938  13.085  -1.677  1.00 16.48 ? 163 GLU A C   1 
ATOM   999  O  O   . GLU A 1 121 ? 13.105  11.997  -2.238  1.00 15.38 ? 163 GLU A O   1 
ATOM   1000 C  CB  . GLU A 1 121 ? 15.204  13.505  -0.726  1.00 18.21 ? 163 GLU A CB  1 
ATOM   1001 C  CG  . GLU A 1 121 ? 15.671  14.862  -1.176  1.00 23.31 ? 163 GLU A CG  1 
ATOM   1002 C  CD  . GLU A 1 121 ? 17.171  14.976  -1.101  1.00 23.25 ? 163 GLU A CD  1 
ATOM   1003 O  OE1 . GLU A 1 121 ? 17.841  14.377  -1.975  1.00 19.97 ? 163 GLU A OE1 1 
ATOM   1004 O  OE2 . GLU A 1 121 ? 17.672  15.643  -0.163  1.00 22.27 ? 163 GLU A OE2 1 
ATOM   1005 N  N   . LEU A 1 122 ? 12.100  14.012  -2.122  1.00 15.00 ? 164 LEU A N   1 
ATOM   1006 C  CA  . LEU A 1 122 ? 11.285  13.836  -3.310  1.00 13.96 ? 164 LEU A CA  1 
ATOM   1007 C  C   . LEU A 1 122 ? 11.673  14.876  -4.353  1.00 17.15 ? 164 LEU A C   1 
ATOM   1008 O  O   . LEU A 1 122 ? 12.272  15.906  -4.018  1.00 16.35 ? 164 LEU A O   1 
ATOM   1009 C  CB  . LEU A 1 122 ? 9.797   14.003  -2.962  1.00 15.90 ? 164 LEU A CB  1 
ATOM   1010 C  CG  . LEU A 1 122 ? 9.212   13.027  -1.942  1.00 16.32 ? 164 LEU A CG  1 
ATOM   1011 C  CD1 . LEU A 1 122 ? 7.808   13.478  -1.571  1.00 20.92 ? 164 LEU A CD1 1 
ATOM   1012 C  CD2 . LEU A 1 122 ? 9.191   11.615  -2.505  1.00 16.95 ? 164 LEU A CD2 1 
ATOM   1013 N  N   . PRO A 1 123 ? 11.356  14.636  -5.628  1.00 16.04 ? 165 PRO A N   1 
ATOM   1014 C  CA  . PRO A 1 123 ? 11.521  15.690  -6.640  1.00 16.70 ? 165 PRO A CA  1 
ATOM   1015 C  C   . PRO A 1 123 ? 10.711  16.931  -6.297  1.00 20.80 ? 165 PRO A C   1 
ATOM   1016 O  O   . PRO A 1 123 ? 9.745   16.892  -5.530  1.00 18.54 ? 165 PRO A O   1 
ATOM   1017 C  CB  . PRO A 1 123 ? 10.976  15.052  -7.924  1.00 21.60 ? 165 PRO A CB  1 
ATOM   1018 C  CG  . PRO A 1 123 ? 10.883  13.604  -7.672  1.00 18.65 ? 165 PRO A CG  1 
ATOM   1019 C  CD  . PRO A 1 123 ? 10.839  13.377  -6.197  1.00 17.54 ? 165 PRO A CD  1 
ATOM   1020 N  N   . THR A 1 124 ? 11.117  18.047  -6.895  1.00 22.31 ? 166 THR A N   1 
ATOM   1021 C  CA  . THR A 1 124 ? 10.378  19.301  -6.768  1.00 24.97 ? 166 THR A CA  1 
ATOM   1022 C  C   . THR A 1 124 ? 9.263   19.351  -7.805  1.00 29.44 ? 166 THR A C   1 
ATOM   1023 O  O   . THR A 1 124 ? 9.402   18.806  -8.901  1.00 28.19 ? 166 THR A O   1 
ATOM   1024 C  CB  . THR A 1 124 ? 11.294  20.521  -6.984  1.00 26.13 ? 166 THR A CB  1 
ATOM   1025 O  OG1 . THR A 1 124 ? 11.836  20.481  -8.310  1.00 35.32 ? 166 THR A OG1 1 
ATOM   1026 C  CG2 . THR A 1 124 ? 12.432  20.517  -5.977  1.00 31.88 ? 166 THR A CG2 1 
HETATM 1027 C  C   . FMT B 2 .   ? -17.150 -6.790  12.310  1.00 17.51 ? 201 FMT A C   1 
HETATM 1028 O  O1  . FMT B 2 .   ? -17.142 -7.322  11.209  1.00 18.62 ? 201 FMT A O1  1 
HETATM 1029 O  O2  . FMT B 2 .   ? -16.697 -5.665  12.544  1.00 23.06 ? 201 FMT A O2  1 
HETATM 1030 C  C   . FMT C 2 .   ? 4.732   -15.903 12.676  1.00 23.76 ? 202 FMT A C   1 
HETATM 1031 O  O1  . FMT C 2 .   ? 4.378   -16.008 11.502  1.00 25.60 ? 202 FMT A O1  1 
HETATM 1032 O  O2  . FMT C 2 .   ? 5.599   -15.124 13.076  1.00 20.77 ? 202 FMT A O2  1 
HETATM 1033 C  C   . FMT D 2 .   ? 2.358   -13.905 10.843  1.00 18.60 ? 203 FMT A C   1 
HETATM 1034 O  O1  . FMT D 2 .   ? 3.491   -13.437 11.028  1.00 14.46 ? 203 FMT A O1  1 
HETATM 1035 O  O2  . FMT D 2 .   ? 1.341   -13.536 11.455  1.00 30.33 ? 203 FMT A O2  1 
HETATM 1036 C  C   . FMT E 2 .   ? 2.600   16.556  -5.429  1.00 18.59 ? 204 FMT A C   1 
HETATM 1037 O  O1  . FMT E 2 .   ? 2.259   15.429  -5.770  1.00 16.56 ? 204 FMT A O1  1 
HETATM 1038 O  O2  . FMT E 2 .   ? 2.400   17.014  -4.308  1.00 23.48 ? 204 FMT A O2  1 
HETATM 1039 NA NA  . NA  F 3 .   ? 13.911  9.868   -2.422  1.00 13.09 ? 205 NA  A NA  1 
HETATM 1040 NA NA  . NA  G 3 .   ? -3.147  -6.664  16.887  1.00 12.76 ? 206 NA  A NA  1 
HETATM 1041 C  C1  . GOL H 4 .   ? -10.418 -8.678  -0.835  1.00 24.30 ? 207 GOL A C1  1 
HETATM 1042 O  O1  . GOL H 4 .   ? -10.761 -7.394  -1.257  1.00 20.98 ? 207 GOL A O1  1 
HETATM 1043 C  C2  . GOL H 4 .   ? -10.495 -9.586  -2.083  1.00 25.07 ? 207 GOL A C2  1 
HETATM 1044 O  O2  . GOL H 4 .   ? -10.488 -8.850  -3.265  1.00 32.24 ? 207 GOL A O2  1 
HETATM 1045 C  C3  . GOL H 4 .   ? -9.261  -10.493 -1.966  1.00 22.79 ? 207 GOL A C3  1 
HETATM 1046 O  O3  . GOL H 4 .   ? -9.002  -10.988 -3.247  1.00 28.01 ? 207 GOL A O3  1 
HETATM 1047 C  C1  . GOL I 4 .   ? 16.835  8.513   -5.069  1.00 16.82 ? 208 GOL A C1  1 
HETATM 1048 O  O1  . GOL I 4 .   ? 15.643  8.032   -5.651  1.00 18.11 ? 208 GOL A O1  1 
HETATM 1049 C  C2  . GOL I 4 .   ? 16.545  9.036   -3.608  1.00 21.65 ? 208 GOL A C2  1 
HETATM 1050 O  O2  . GOL I 4 .   ? 15.941  10.290  -3.594  1.00 29.43 ? 208 GOL A O2  1 
HETATM 1051 C  C3  . GOL I 4 .   ? 15.703  7.923   -2.906  1.00 21.40 ? 208 GOL A C3  1 
HETATM 1052 O  O3  . GOL I 4 .   ? 16.497  7.334   -1.905  1.00 29.89 ? 208 GOL A O3  1 
HETATM 1053 C  C4  . KCL J 5 .   ? 1.234   -16.271 6.573   1.00 19.15 ? 209 KCL A C4  1 
HETATM 1054 C  C14 . KCL J 5 .   ? -1.408  -13.020 7.401   1.00 14.91 ? 209 KCL A C14 1 
HETATM 1055 C  C5  . KCL J 5 .   ? 4.127   -14.710 7.869   1.00 16.04 ? 209 KCL A C5  1 
HETATM 1056 C  C6  . KCL J 5 .   ? 4.918   -13.768 7.261   1.00 16.93 ? 209 KCL A C6  1 
HETATM 1057 C  C11 . KCL J 5 .   ? -1.095  -12.848 6.048   1.00 13.84 ? 209 KCL A C11 1 
HETATM 1058 C  C7  . KCL J 5 .   ? 4.648   -13.288 5.984   1.00 17.03 ? 209 KCL A C7  1 
HETATM 1059 C  C8  . KCL J 5 .   ? 3.546   -13.755 5.266   1.00 16.18 ? 209 KCL A C8  1 
HETATM 1060 C  C9  . KCL J 5 .   ? 0.790   -15.324 4.166   1.00 15.07 ? 209 KCL A C9  1 
HETATM 1061 C  C10 . KCL J 5 .   ? 0.053   -13.987 4.146   1.00 14.90 ? 209 KCL A C10 1 
HETATM 1062 C  C12 . KCL J 5 .   ? -1.459  -10.654 7.583   1.00 12.75 ? 209 KCL A C12 1 
HETATM 1063 C  C13 . KCL J 5 .   ? -1.600  -11.891 8.172   1.00 13.82 ? 209 KCL A C13 1 
HETATM 1064 N  N1  . KCL J 5 .   ? 2.117   -16.038 7.413   1.00 20.20 ? 209 KCL A N1  1 
HETATM 1065 N  N2  . KCL J 5 .   ? -0.886  -14.029 5.248   1.00 15.07 ? 209 KCL A N2  1 
HETATM 1066 C  C3  . KCL J 5 .   ? 1.529   -15.461 5.498   1.00 17.19 ? 209 KCL A C3  1 
HETATM 1067 N  N3  . KCL J 5 .   ? -0.977  -11.631 5.519   1.00 15.34 ? 209 KCL A N3  1 
HETATM 1068 C  C1  . KCL J 5 .   ? 3.032   -15.187 7.187   1.00 16.28 ? 209 KCL A C1  1 
HETATM 1069 C  C15 . KCL J 5 .   ? -1.070  -9.371  5.898   1.00 13.84 ? 209 KCL A C15 1 
HETATM 1070 C  C16 . KCL J 5 .   ? -0.732  -8.893  4.483   1.00 14.46 ? 209 KCL A C16 1 
HETATM 1071 C  C2  . KCL J 5 .   ? 2.728   -14.713 5.862   1.00 16.20 ? 209 KCL A C2  1 
HETATM 1072 N  N4  . KCL J 5 .   ? -1.178  -10.562 6.346   1.00 13.30 ? 209 KCL A N4  1 
HETATM 1073 N  N5  . KCL J 5 .   ? -1.569  -9.399  8.037   1.00 12.19 ? 209 KCL A N5  1 
HETATM 1074 N  N6  . KCL J 5 .   ? -1.306  -8.559  6.929   1.00 13.00 ? 209 KCL A N6  1 
HETATM 1075 O  O   . HOH K 6 .   ? 17.622  6.301   -0.355  1.00 27.83 ? 301 HOH A O   1 
HETATM 1076 O  O   . HOH K 6 .   ? -3.310  5.617   6.991   1.00 34.87 ? 302 HOH A O   1 
HETATM 1077 O  O   . HOH K 6 .   ? 19.706  16.312  0.517   1.00 16.63 ? 303 HOH A O   1 
HETATM 1078 O  O   . HOH K 6 .   ? -17.513 8.382   -9.177  1.00 24.54 ? 304 HOH A O   1 
HETATM 1079 O  O   . HOH K 6 .   ? -18.469 -9.679  12.115  1.00 21.78 ? 305 HOH A O   1 
HETATM 1080 O  O   . HOH K 6 .   ? 15.901  4.901   -5.069  1.00 23.65 ? 306 HOH A O   1 
HETATM 1081 O  O   . HOH K 6 .   ? -4.565  1.730   9.320   1.00 21.49 ? 307 HOH A O   1 
HETATM 1082 O  O   . HOH K 6 .   ? -10.645 -2.942  14.225  1.00 24.07 ? 308 HOH A O   1 
HETATM 1083 O  O   . HOH K 6 .   ? 20.343  14.144  -1.372  1.00 14.25 ? 309 HOH A O   1 
HETATM 1084 O  O   . HOH K 6 .   ? -7.244  8.278   -1.664  1.00 21.42 ? 310 HOH A O   1 
HETATM 1085 O  O   . HOH K 6 .   ? -11.298 -3.927  0.370   1.00 19.94 ? 311 HOH A O   1 
HETATM 1086 O  O   . HOH K 6 .   ? -5.279  5.026   2.913   1.00 20.44 ? 312 HOH A O   1 
HETATM 1087 O  O   . HOH K 6 .   ? -16.654 15.422  -9.885  1.00 24.95 ? 313 HOH A O   1 
HETATM 1088 O  O   . HOH K 6 .   ? -9.500  0.838   1.741   1.00 22.21 ? 314 HOH A O   1 
HETATM 1089 O  O   . HOH K 6 .   ? 4.514   16.066  -1.045  1.00 26.83 ? 315 HOH A O   1 
HETATM 1090 O  O   . HOH K 6 .   ? -2.435  -6.064  7.034   1.00 11.48 ? 316 HOH A O   1 
HETATM 1091 O  O   . HOH K 6 .   ? 2.072   -14.742 16.684  1.00 28.61 ? 317 HOH A O   1 
HETATM 1092 O  O   . HOH K 6 .   ? -5.880  -10.650 -3.622  1.00 18.65 ? 318 HOH A O   1 
HETATM 1093 O  O   . HOH K 6 .   ? -6.103  -9.473  14.658  1.00 19.68 ? 319 HOH A O   1 
HETATM 1094 O  O   . HOH K 6 .   ? -0.563  -12.398 15.469  1.00 22.83 ? 320 HOH A O   1 
HETATM 1095 O  O   . HOH K 6 .   ? 14.574  -1.811  5.597   1.00 17.67 ? 321 HOH A O   1 
HETATM 1096 O  O   . HOH K 6 .   ? 9.065   -13.895 14.283  1.00 21.28 ? 322 HOH A O   1 
HETATM 1097 O  O   . HOH K 6 .   ? -8.528  13.584  -5.971  1.00 18.73 ? 323 HOH A O   1 
HETATM 1098 O  O   . HOH K 6 .   ? 11.372  -15.935 12.164  1.00 18.06 ? 324 HOH A O   1 
HETATM 1099 O  O   . HOH K 6 .   ? -1.524  -4.355  5.086   1.00 16.95 ? 325 HOH A O   1 
HETATM 1100 O  O   . HOH K 6 .   ? -4.547  -4.067  4.381   1.00 12.27 ? 326 HOH A O   1 
HETATM 1101 O  O   . HOH K 6 .   ? -6.664  -14.537 -4.308  1.00 23.77 ? 327 HOH A O   1 
HETATM 1102 O  O   . HOH K 6 .   ? 12.615  -6.429  10.051  1.00 21.96 ? 328 HOH A O   1 
HETATM 1103 O  O   . HOH K 6 .   ? 7.854   -6.141  16.117  1.00 18.89 ? 329 HOH A O   1 
HETATM 1104 O  O   . HOH K 6 .   ? 14.929  9.890   -0.320  1.00 12.89 ? 330 HOH A O   1 
HETATM 1105 O  O   . HOH K 6 .   ? -0.805  -11.346 2.385   1.00 17.10 ? 331 HOH A O   1 
HETATM 1106 O  O   . HOH K 6 .   ? 15.154  -8.106  -3.351  1.00 14.40 ? 332 HOH A O   1 
HETATM 1107 O  O   . HOH K 6 .   ? 8.918   -10.301 -2.599  1.00 15.57 ? 333 HOH A O   1 
HETATM 1108 O  O   . HOH K 6 .   ? -6.297  -4.041  0.107   1.00 12.98 ? 334 HOH A O   1 
HETATM 1109 O  O   . HOH K 6 .   ? -7.812  -2.954  -5.479  1.00 17.73 ? 335 HOH A O   1 
HETATM 1110 O  O   . HOH K 6 .   ? -1.476  -5.145  2.612   1.00 14.02 ? 336 HOH A O   1 
HETATM 1111 O  O   . HOH K 6 .   ? -7.437  5.296   0.122   1.00 24.54 ? 337 HOH A O   1 
HETATM 1112 O  O   . HOH K 6 .   ? -5.162  7.932   0.321   1.00 19.06 ? 338 HOH A O   1 
HETATM 1113 O  O   . HOH K 6 .   ? -1.684  -7.503  1.383   1.00 12.69 ? 339 HOH A O   1 
HETATM 1114 O  O   . HOH K 6 .   ? 2.614   -11.773 -4.707  1.00 24.52 ? 340 HOH A O   1 
HETATM 1115 O  O   . HOH K 6 .   ? -1.676  -19.767 -4.696  1.00 33.17 ? 341 HOH A O   1 
HETATM 1116 O  O   . HOH K 6 .   ? 11.740  16.412  -0.702  1.00 23.96 ? 342 HOH A O   1 
HETATM 1117 O  O   . HOH K 6 .   ? 5.113   -12.328 18.028  1.00 23.20 ? 343 HOH A O   1 
HETATM 1118 O  O   . HOH K 6 .   ? 15.562  -3.910  3.936   1.00 24.49 ? 344 HOH A O   1 
HETATM 1119 O  O   . HOH K 6 .   ? -7.906  -0.370  8.793   1.00 15.75 ? 345 HOH A O   1 
HETATM 1120 O  O   . HOH K 6 .   ? 5.487   5.894   8.343   1.00 25.43 ? 346 HOH A O   1 
HETATM 1121 O  O   . HOH K 6 .   ? 5.000   18.287  -10.140 1.00 29.34 ? 347 HOH A O   1 
HETATM 1122 O  O   . HOH K 6 .   ? -9.648  6.766   -1.728  1.00 25.19 ? 348 HOH A O   1 
HETATM 1123 O  O   . HOH K 6 .   ? 13.954  -4.001  10.854  1.00 26.58 ? 349 HOH A O   1 
HETATM 1124 O  O   . HOH K 6 .   ? -5.370  4.151   7.887   1.00 28.78 ? 350 HOH A O   1 
HETATM 1125 O  O   . HOH K 6 .   ? 1.641   15.962  -1.766  1.00 15.23 ? 351 HOH A O   1 
HETATM 1126 O  O   . HOH K 6 .   ? -9.636  -0.847  10.820  1.00 21.36 ? 352 HOH A O   1 
HETATM 1127 O  O   . HOH K 6 .   ? 7.518   -16.262 14.861  1.00 29.42 ? 353 HOH A O   1 
HETATM 1128 O  O   . HOH K 6 .   ? 2.409   7.905   -10.924 1.00 23.25 ? 354 HOH A O   1 
HETATM 1129 O  O   . HOH K 6 .   ? 15.502  2.787   -7.155  1.00 19.75 ? 355 HOH A O   1 
HETATM 1130 O  O   . HOH K 6 .   ? 1.935   -5.245  15.980  1.00 23.52 ? 356 HOH A O   1 
HETATM 1131 O  O   . HOH K 6 .   ? 9.295   12.303  -11.532 1.00 26.09 ? 357 HOH A O   1 
HETATM 1132 O  O   . HOH K 6 .   ? -12.649 -11.161 7.109   1.00 19.61 ? 358 HOH A O   1 
HETATM 1133 O  O   . HOH K 6 .   ? -0.040  9.379   -10.866 1.00 24.20 ? 359 HOH A O   1 
HETATM 1134 O  O   . HOH K 6 .   ? 5.337   17.080  -7.721  1.00 23.68 ? 360 HOH A O   1 
HETATM 1135 O  O   . HOH K 6 .   ? -1.310  19.259  -3.451  1.00 28.69 ? 361 HOH A O   1 
HETATM 1136 O  O   . HOH K 6 .   ? -2.162  9.969   -9.363  1.00 18.34 ? 362 HOH A O   1 
HETATM 1137 O  O   . HOH K 6 .   ? -4.067  -12.590 -0.599  1.00 18.35 ? 363 HOH A O   1 
HETATM 1138 O  O   . HOH K 6 .   ? -3.966  -18.659 8.440   1.00 24.14 ? 364 HOH A O   1 
HETATM 1139 O  O   . HOH K 6 .   ? -2.171  -16.395 6.429   1.00 23.05 ? 365 HOH A O   1 
HETATM 1140 O  O   . HOH K 6 .   ? -8.893  -5.468  0.208   1.00 14.68 ? 366 HOH A O   1 
HETATM 1141 O  O   . HOH K 6 .   ? 15.461  -7.695  -0.784  1.00 16.61 ? 367 HOH A O   1 
HETATM 1142 O  O   . HOH K 6 .   ? -1.312  -3.864  -9.571  1.00 23.43 ? 368 HOH A O   1 
HETATM 1143 O  O   . HOH K 6 .   ? -12.030 0.410   -9.378  1.00 20.62 ? 369 HOH A O   1 
HETATM 1144 O  O   . HOH K 6 .   ? -5.235  -5.880  1.854   1.00 13.99 ? 370 HOH A O   1 
HETATM 1145 O  O   . HOH K 6 .   ? -2.399  16.841  -13.930 1.00 21.71 ? 371 HOH A O   1 
HETATM 1146 O  O   . HOH K 6 .   ? -3.744  14.545  0.299   1.00 30.35 ? 372 HOH A O   1 
HETATM 1147 O  O   . HOH K 6 .   ? -4.180  -21.171 7.762   1.00 20.99 ? 373 HOH A O   1 
HETATM 1148 O  O   . HOH K 6 .   ? -8.041  6.306   -11.892 1.00 20.38 ? 374 HOH A O   1 
HETATM 1149 O  O   . HOH K 6 .   ? -2.347  -10.779 0.267   1.00 17.97 ? 375 HOH A O   1 
HETATM 1150 O  O   . HOH K 6 .   ? 1.781   11.516  -11.999 1.00 23.05 ? 376 HOH A O   1 
HETATM 1151 O  O   . HOH K 6 .   ? -9.565  -15.267 15.865  1.00 27.32 ? 377 HOH A O   1 
HETATM 1152 O  O   . HOH K 6 .   ? -3.352  20.317  -3.070  1.00 32.67 ? 378 HOH A O   1 
HETATM 1153 O  O   . HOH K 6 .   ? -9.901  -23.855 5.221   1.00 27.84 ? 379 HOH A O   1 
HETATM 1154 O  O   . HOH K 6 .   ? -3.577  22.039  -4.443  1.00 28.69 ? 380 HOH A O   1 
HETATM 1155 O  O   . HOH K 6 .   ? 16.198  0.686   4.925   1.00 27.53 ? 381 HOH A O   1 
HETATM 1156 O  O   . HOH K 6 .   ? -4.507  14.302  -14.979 1.00 29.38 ? 382 HOH A O   1 
HETATM 1157 O  O   . HOH K 6 .   ? 5.159   8.277   8.730   1.00 31.52 ? 383 HOH A O   1 
HETATM 1158 O  O   . HOH K 6 .   ? -4.476  -13.235 -3.281  1.00 27.22 ? 384 HOH A O   1 
HETATM 1159 O  O   . HOH K 6 .   ? -15.858 -18.649 2.758   1.00 28.62 ? 385 HOH A O   1 
HETATM 1160 O  O   . HOH K 6 .   ? -1.551  -17.470 8.759   1.00 25.90 ? 386 HOH A O   1 
HETATM 1161 O  O   . HOH K 6 .   ? -6.178  -17.055 -5.152  1.00 28.27 ? 387 HOH A O   1 
HETATM 1162 O  O   . HOH K 6 .   ? -5.769  2.977   11.441  1.00 30.68 ? 388 HOH A O   1 
# 
loop_
_pdbx_poly_seq_scheme.asym_id 
_pdbx_poly_seq_scheme.entity_id 
_pdbx_poly_seq_scheme.seq_id 
_pdbx_poly_seq_scheme.mon_id 
_pdbx_poly_seq_scheme.ndb_seq_num 
_pdbx_poly_seq_scheme.pdb_seq_num 
_pdbx_poly_seq_scheme.auth_seq_num 
_pdbx_poly_seq_scheme.pdb_mon_id 
_pdbx_poly_seq_scheme.auth_mon_id 
_pdbx_poly_seq_scheme.pdb_strand_id 
_pdbx_poly_seq_scheme.pdb_ins_code 
_pdbx_poly_seq_scheme.hetero 
A 1 1   MET 1   43  43  MET MET A . n 
A 1 2   ASN 2   44  44  ASN ASN A . n 
A 1 3   PRO 3   45  45  PRO PRO A . n 
A 1 4   PRO 4   46  46  PRO PRO A . n 
A 1 5   PRO 5   47  47  PRO PRO A . n 
A 1 6   PRO 6   48  48  PRO PRO A . n 
A 1 7   GLU 7   49  49  GLU GLU A . n 
A 1 8   THR 8   50  50  THR THR A . n 
A 1 9   SER 9   51  51  SER SER A . n 
A 1 10  ASN 10  52  52  ASN ASN A . n 
A 1 11  PRO 11  53  53  PRO PRO A . n 
A 1 12  ASN 12  54  54  ASN ASN A . n 
A 1 13  LYS 13  55  55  LYS LYS A . n 
A 1 14  PRO 14  56  56  PRO PRO A . n 
A 1 15  LYS 15  57  57  LYS LYS A . n 
A 1 16  ARG 16  58  58  ARG ARG A . n 
A 1 17  GLN 17  59  59  GLN GLN A . n 
A 1 18  THR 18  60  60  THR THR A . n 
A 1 19  ASN 19  61  61  ASN ASN A . n 
A 1 20  GLN 20  62  62  GLN GLN A . n 
A 1 21  LEU 21  63  63  LEU LEU A . n 
A 1 22  GLN 22  64  64  GLN GLN A . n 
A 1 23  TYR 23  65  65  TYR TYR A . n 
A 1 24  LEU 24  66  66  LEU LEU A . n 
A 1 25  LEU 25  67  67  LEU LEU A . n 
A 1 26  ARG 26  68  68  ARG ARG A . n 
A 1 27  VAL 27  69  69  VAL VAL A . n 
A 1 28  VAL 28  70  70  VAL VAL A . n 
A 1 29  LEU 29  71  71  LEU LEU A . n 
A 1 30  LYS 30  72  72  LYS LYS A . n 
A 1 31  THR 31  73  73  THR THR A . n 
A 1 32  LEU 32  74  74  LEU LEU A . n 
A 1 33  TRP 33  75  75  TRP TRP A . n 
A 1 34  LYS 34  76  76  LYS LYS A . n 
A 1 35  HIS 35  77  77  HIS HIS A . n 
A 1 36  GLN 36  78  78  GLN GLN A . n 
A 1 37  PHE 37  79  79  PHE PHE A . n 
A 1 38  ALA 38  80  80  ALA ALA A . n 
A 1 39  TRP 39  81  81  TRP TRP A . n 
A 1 40  PRO 40  82  82  PRO PRO A . n 
A 1 41  PHE 41  83  83  PHE PHE A . n 
A 1 42  GLN 42  84  84  GLN GLN A . n 
A 1 43  GLN 43  85  85  GLN GLN A . n 
A 1 44  PRO 44  86  86  PRO PRO A . n 
A 1 45  VAL 45  87  87  VAL VAL A . n 
A 1 46  ASP 46  88  88  ASP ASP A . n 
A 1 47  ALA 47  89  89  ALA ALA A . n 
A 1 48  VAL 48  90  90  VAL VAL A . n 
A 1 49  LYS 49  91  91  LYS LYS A . n 
A 1 50  LEU 50  92  92  LEU LEU A . n 
A 1 51  ASN 51  93  93  ASN ASN A . n 
A 1 52  LEU 52  94  94  LEU LEU A . n 
A 1 53  PRO 53  95  95  PRO PRO A . n 
A 1 54  ASP 54  96  96  ASP ASP A . n 
A 1 55  TYR 55  97  97  TYR TYR A . n 
A 1 56  TYR 56  98  98  TYR TYR A . n 
A 1 57  LYS 57  99  99  LYS LYS A . n 
A 1 58  ILE 58  100 100 ILE ILE A . n 
A 1 59  ILE 59  101 101 ILE ILE A . n 
A 1 60  LYS 60  102 102 LYS LYS A . n 
A 1 61  THR 61  103 103 THR THR A . n 
A 1 62  PRO 62  104 104 PRO PRO A . n 
A 1 63  MET 63  105 105 MET MET A . n 
A 1 64  ASP 64  106 106 ASP ASP A . n 
A 1 65  MET 65  107 107 MET MET A . n 
A 1 66  GLY 66  108 108 GLY GLY A . n 
A 1 67  THR 67  109 109 THR THR A . n 
A 1 68  ILE 68  110 110 ILE ILE A . n 
A 1 69  LYS 69  111 111 LYS LYS A . n 
A 1 70  LYS 70  112 112 LYS LYS A . n 
A 1 71  ARG 71  113 113 ARG ARG A . n 
A 1 72  LEU 72  114 114 LEU LEU A . n 
A 1 73  GLU 73  115 115 GLU GLU A . n 
A 1 74  ASN 74  116 116 ASN ASN A . n 
A 1 75  ASN 75  117 117 ASN ASN A . n 
A 1 76  TYR 76  118 118 TYR TYR A . n 
A 1 77  TYR 77  119 119 TYR TYR A . n 
A 1 78  TRP 78  120 120 TRP TRP A . n 
A 1 79  ASN 79  121 121 ASN ASN A . n 
A 1 80  ALA 80  122 122 ALA ALA A . n 
A 1 81  GLN 81  123 123 GLN GLN A . n 
A 1 82  GLU 82  124 124 GLU GLU A . n 
A 1 83  CYS 83  125 125 CYS CYS A . n 
A 1 84  ILE 84  126 126 ILE ILE A . n 
A 1 85  GLN 85  127 127 GLN GLN A . n 
A 1 86  ASP 86  128 128 ASP ASP A . n 
A 1 87  PHE 87  129 129 PHE PHE A . n 
A 1 88  ASN 88  130 130 ASN ASN A . n 
A 1 89  THR 89  131 131 THR THR A . n 
A 1 90  MET 90  132 132 MET MET A . n 
A 1 91  PHE 91  133 133 PHE PHE A . n 
A 1 92  THR 92  134 134 THR THR A . n 
A 1 93  ASN 93  135 135 ASN ASN A . n 
A 1 94  CYS 94  136 136 CYS CYS A . n 
A 1 95  TYR 95  137 137 TYR TYR A . n 
A 1 96  ILE 96  138 138 ILE ILE A . n 
A 1 97  TYR 97  139 139 TYR TYR A . n 
A 1 98  ASN 98  140 140 ASN ASN A . n 
A 1 99  LYS 99  141 141 LYS LYS A . n 
A 1 100 PRO 100 142 142 PRO PRO A . n 
A 1 101 GLY 101 143 143 GLY GLY A . n 
A 1 102 ASP 102 144 144 ASP ASP A . n 
A 1 103 ASP 103 145 145 ASP ASP A . n 
A 1 104 ILE 104 146 146 ILE ILE A . n 
A 1 105 VAL 105 147 147 VAL VAL A . n 
A 1 106 LEU 106 148 148 LEU LEU A . n 
A 1 107 MET 107 149 149 MET MET A . n 
A 1 108 ALA 108 150 150 ALA ALA A . n 
A 1 109 GLU 109 151 151 GLU GLU A . n 
A 1 110 ALA 110 152 152 ALA ALA A . n 
A 1 111 LEU 111 153 153 LEU LEU A . n 
A 1 112 GLU 112 154 154 GLU GLU A . n 
A 1 113 LYS 113 155 155 LYS LYS A . n 
A 1 114 LEU 114 156 156 LEU LEU A . n 
A 1 115 PHE 115 157 157 PHE PHE A . n 
A 1 116 LEU 116 158 158 LEU LEU A . n 
A 1 117 GLN 117 159 159 GLN GLN A . n 
A 1 118 LYS 118 160 160 LYS LYS A . n 
A 1 119 ILE 119 161 161 ILE ILE A . n 
A 1 120 ASN 120 162 162 ASN ASN A . n 
A 1 121 GLU 121 163 163 GLU GLU A . n 
A 1 122 LEU 122 164 164 LEU LEU A . n 
A 1 123 PRO 123 165 165 PRO PRO A . n 
A 1 124 THR 124 166 166 THR THR A . n 
# 
_pdbx_contact_author.id                 2 
_pdbx_contact_author.email              bilee@ncc.re.kr 
_pdbx_contact_author.name_first         'Byung Il' 
_pdbx_contact_author.name_last          Lee 
_pdbx_contact_author.name_mi            ? 
_pdbx_contact_author.role               'principal investigator/group leader' 
_pdbx_contact_author.identifier_ORCID   0000-0003-1270-8439 
# 
loop_
_pdbx_nonpoly_scheme.asym_id 
_pdbx_nonpoly_scheme.entity_id 
_pdbx_nonpoly_scheme.mon_id 
_pdbx_nonpoly_scheme.ndb_seq_num 
_pdbx_nonpoly_scheme.pdb_seq_num 
_pdbx_nonpoly_scheme.auth_seq_num 
_pdbx_nonpoly_scheme.pdb_mon_id 
_pdbx_nonpoly_scheme.auth_mon_id 
_pdbx_nonpoly_scheme.pdb_strand_id 
_pdbx_nonpoly_scheme.pdb_ins_code 
B 2 FMT 1  201 1   FMT FMT A . 
C 2 FMT 1  202 2   FMT FMT A . 
D 2 FMT 1  203 3   FMT FMT A . 
E 2 FMT 1  204 4   FMT FMT A . 
F 3 NA  1  205 1   NA  NA  A . 
G 3 NA  1  206 2   NA  NA  A . 
H 4 GOL 1  207 1   GOL GOL A . 
I 4 GOL 1  208 2   GOL GOL A . 
J 5 KCL 1  209 1   KCL DRG A . 
K 6 HOH 1  301 94  HOH HOH A . 
K 6 HOH 2  302 97  HOH HOH A . 
K 6 HOH 3  303 19  HOH HOH A . 
K 6 HOH 4  304 62  HOH HOH A . 
K 6 HOH 5  305 37  HOH HOH A . 
K 6 HOH 6  306 90  HOH HOH A . 
K 6 HOH 7  307 39  HOH HOH A . 
K 6 HOH 8  308 61  HOH HOH A . 
K 6 HOH 9  309 13  HOH HOH A . 
K 6 HOH 10 310 43  HOH HOH A . 
K 6 HOH 11 311 41  HOH HOH A . 
K 6 HOH 12 312 53  HOH HOH A . 
K 6 HOH 13 313 83  HOH HOH A . 
K 6 HOH 14 314 27  HOH HOH A . 
K 6 HOH 15 315 76  HOH HOH A . 
K 6 HOH 16 316 7   HOH HOH A . 
K 6 HOH 17 317 89  HOH HOH A . 
K 6 HOH 18 318 16  HOH HOH A . 
K 6 HOH 19 319 46  HOH HOH A . 
K 6 HOH 20 320 86  HOH HOH A . 
K 6 HOH 21 321 22  HOH HOH A . 
K 6 HOH 22 322 59  HOH HOH A . 
K 6 HOH 23 323 74  HOH HOH A . 
K 6 HOH 24 324 30  HOH HOH A . 
K 6 HOH 25 325 35  HOH HOH A . 
K 6 HOH 26 326 2   HOH HOH A . 
K 6 HOH 27 327 84  HOH HOH A . 
K 6 HOH 28 328 44  HOH HOH A . 
K 6 HOH 29 329 32  HOH HOH A . 
K 6 HOH 30 330 25  HOH HOH A . 
K 6 HOH 31 331 15  HOH HOH A . 
K 6 HOH 32 332 4   HOH HOH A . 
K 6 HOH 33 333 9   HOH HOH A . 
K 6 HOH 34 334 8   HOH HOH A . 
K 6 HOH 35 335 38  HOH HOH A . 
K 6 HOH 36 336 24  HOH HOH A . 
K 6 HOH 37 337 23  HOH HOH A . 
K 6 HOH 38 338 29  HOH HOH A . 
K 6 HOH 39 339 6   HOH HOH A . 
K 6 HOH 40 340 55  HOH HOH A . 
K 6 HOH 41 341 20  HOH HOH A . 
K 6 HOH 42 342 75  HOH HOH A . 
K 6 HOH 43 343 31  HOH HOH A . 
K 6 HOH 44 344 92  HOH HOH A . 
K 6 HOH 45 345 12  HOH HOH A . 
K 6 HOH 46 346 52  HOH HOH A . 
K 6 HOH 47 347 81  HOH HOH A . 
K 6 HOH 48 348 71  HOH HOH A . 
K 6 HOH 49 349 91  HOH HOH A . 
K 6 HOH 50 350 98  HOH HOH A . 
K 6 HOH 51 351 5   HOH HOH A . 
K 6 HOH 52 352 10  HOH HOH A . 
K 6 HOH 53 353 64  HOH HOH A . 
K 6 HOH 54 354 82  HOH HOH A . 
K 6 HOH 55 355 49  HOH HOH A . 
K 6 HOH 56 356 63  HOH HOH A . 
K 6 HOH 57 357 78  HOH HOH A . 
K 6 HOH 58 358 56  HOH HOH A . 
K 6 HOH 59 359 36  HOH HOH A . 
K 6 HOH 60 360 69  HOH HOH A . 
K 6 HOH 61 361 54  HOH HOH A . 
K 6 HOH 62 362 34  HOH HOH A . 
K 6 HOH 63 363 26  HOH HOH A . 
K 6 HOH 64 364 47  HOH HOH A . 
K 6 HOH 65 365 101 HOH HOH A . 
K 6 HOH 66 366 21  HOH HOH A . 
K 6 HOH 67 367 14  HOH HOH A . 
K 6 HOH 68 368 60  HOH HOH A . 
K 6 HOH 69 369 17  HOH HOH A . 
K 6 HOH 70 370 11  HOH HOH A . 
K 6 HOH 71 371 28  HOH HOH A . 
K 6 HOH 72 372 42  HOH HOH A . 
K 6 HOH 73 373 67  HOH HOH A . 
K 6 HOH 74 374 40  HOH HOH A . 
K 6 HOH 75 375 33  HOH HOH A . 
K 6 HOH 76 376 51  HOH HOH A . 
K 6 HOH 77 377 87  HOH HOH A . 
K 6 HOH 78 378 58  HOH HOH A . 
K 6 HOH 79 379 80  HOH HOH A . 
K 6 HOH 80 380 65  HOH HOH A . 
K 6 HOH 81 381 93  HOH HOH A . 
K 6 HOH 82 382 95  HOH HOH A . 
K 6 HOH 83 383 68  HOH HOH A . 
K 6 HOH 84 384 85  HOH HOH A . 
K 6 HOH 85 385 96  HOH HOH A . 
K 6 HOH 86 386 100 HOH HOH A . 
K 6 HOH 87 387 88  HOH HOH A . 
K 6 HOH 88 388 99  HOH HOH A . 
# 
_pdbx_struct_assembly.id                   1 
_pdbx_struct_assembly.details              author_defined_assembly 
_pdbx_struct_assembly.method_details       ? 
_pdbx_struct_assembly.oligomeric_details   monomeric 
_pdbx_struct_assembly.oligomeric_count     1 
# 
_pdbx_struct_assembly_gen.assembly_id       1 
_pdbx_struct_assembly_gen.oper_expression   1 
_pdbx_struct_assembly_gen.asym_id_list      A,B,C,D,E,F,G,H,I,J,K 
# 
loop_
_pdbx_struct_assembly_prop.biol_id 
_pdbx_struct_assembly_prop.type 
_pdbx_struct_assembly_prop.value 
_pdbx_struct_assembly_prop.details 
1 'ABSA (A^2)' 1270 ? 
1 MORE         -17  ? 
1 'SSA (A^2)'  7320 ? 
# 
_pdbx_struct_oper_list.id                   1 
_pdbx_struct_oper_list.type                 'identity operation' 
_pdbx_struct_oper_list.name                 1_555 
_pdbx_struct_oper_list.symmetry_operation   x,y,z 
_pdbx_struct_oper_list.matrix[1][1]         1.0000000000 
_pdbx_struct_oper_list.matrix[1][2]         0.0000000000 
_pdbx_struct_oper_list.matrix[1][3]         0.0000000000 
_pdbx_struct_oper_list.vector[1]            0.0000000000 
_pdbx_struct_oper_list.matrix[2][1]         0.0000000000 
_pdbx_struct_oper_list.matrix[2][2]         1.0000000000 
_pdbx_struct_oper_list.matrix[2][3]         0.0000000000 
_pdbx_struct_oper_list.vector[2]            0.0000000000 
_pdbx_struct_oper_list.matrix[3][1]         0.0000000000 
_pdbx_struct_oper_list.matrix[3][2]         0.0000000000 
_pdbx_struct_oper_list.matrix[3][3]         1.0000000000 
_pdbx_struct_oper_list.vector[3]            0.0000000000 
# 
loop_
_pdbx_struct_conn_angle.id 
_pdbx_struct_conn_angle.ptnr1_label_atom_id 
_pdbx_struct_conn_angle.ptnr1_label_alt_id 
_pdbx_struct_conn_angle.ptnr1_label_asym_id 
_pdbx_struct_conn_angle.ptnr1_label_comp_id 
_pdbx_struct_conn_angle.ptnr1_label_seq_id 
_pdbx_struct_conn_angle.ptnr1_auth_atom_id 
_pdbx_struct_conn_angle.ptnr1_auth_asym_id 
_pdbx_struct_conn_angle.ptnr1_auth_comp_id 
_pdbx_struct_conn_angle.ptnr1_auth_seq_id 
_pdbx_struct_conn_angle.ptnr1_PDB_ins_code 
_pdbx_struct_conn_angle.ptnr1_symmetry 
_pdbx_struct_conn_angle.ptnr2_label_atom_id 
_pdbx_struct_conn_angle.ptnr2_label_alt_id 
_pdbx_struct_conn_angle.ptnr2_label_asym_id 
_pdbx_struct_conn_angle.ptnr2_label_comp_id 
_pdbx_struct_conn_angle.ptnr2_label_seq_id 
_pdbx_struct_conn_angle.ptnr2_auth_atom_id 
_pdbx_struct_conn_angle.ptnr2_auth_asym_id 
_pdbx_struct_conn_angle.ptnr2_auth_comp_id 
_pdbx_struct_conn_angle.ptnr2_auth_seq_id 
_pdbx_struct_conn_angle.ptnr2_PDB_ins_code 
_pdbx_struct_conn_angle.ptnr2_symmetry 
_pdbx_struct_conn_angle.ptnr3_label_atom_id 
_pdbx_struct_conn_angle.ptnr3_label_alt_id 
_pdbx_struct_conn_angle.ptnr3_label_asym_id 
_pdbx_struct_conn_angle.ptnr3_label_comp_id 
_pdbx_struct_conn_angle.ptnr3_label_seq_id 
_pdbx_struct_conn_angle.ptnr3_auth_atom_id 
_pdbx_struct_conn_angle.ptnr3_auth_asym_id 
_pdbx_struct_conn_angle.ptnr3_auth_comp_id 
_pdbx_struct_conn_angle.ptnr3_auth_seq_id 
_pdbx_struct_conn_angle.ptnr3_PDB_ins_code 
_pdbx_struct_conn_angle.ptnr3_symmetry 
_pdbx_struct_conn_angle.value 
_pdbx_struct_conn_angle.value_esd 
1  OH  ? A TYR 23  ? A TYR 65  ? 1_555 NA ? F NA . ? A NA 205 ? 1_555 O   ? A LYS 118 ? A LYS 160 ? 1_555 91.4  ? 
2  OH  ? A TYR 23  ? A TYR 65  ? 1_555 NA ? F NA . ? A NA 205 ? 1_555 O   ? A GLU 121 ? A GLU 163 ? 1_555 112.1 ? 
3  O   ? A LYS 118 ? A LYS 160 ? 1_555 NA ? F NA . ? A NA 205 ? 1_555 O   ? A GLU 121 ? A GLU 163 ? 1_555 100.8 ? 
4  OH  ? A TYR 23  ? A TYR 65  ? 1_555 NA ? F NA . ? A NA 205 ? 1_555 O2  ? I GOL .   ? A GOL 208 ? 1_555 79.9  ? 
5  O   ? A LYS 118 ? A LYS 160 ? 1_555 NA ? F NA . ? A NA 205 ? 1_555 O2  ? I GOL .   ? A GOL 208 ? 1_555 159.1 ? 
6  O   ? A GLU 121 ? A GLU 163 ? 1_555 NA ? F NA . ? A NA 205 ? 1_555 O2  ? I GOL .   ? A GOL 208 ? 1_555 100.1 ? 
7  OH  ? A TYR 23  ? A TYR 65  ? 1_555 NA ? F NA . ? A NA 205 ? 1_555 O   ? K HOH .   ? A HOH 330 ? 1_555 153.6 ? 
8  O   ? A LYS 118 ? A LYS 160 ? 1_555 NA ? F NA . ? A NA 205 ? 1_555 O   ? K HOH .   ? A HOH 330 ? 1_555 85.4  ? 
9  O   ? A GLU 121 ? A GLU 163 ? 1_555 NA ? F NA . ? A NA 205 ? 1_555 O   ? K HOH .   ? A HOH 330 ? 1_555 94.2  ? 
10 O2  ? I GOL .   ? A GOL 208 ? 1_555 NA ? F NA . ? A NA 205 ? 1_555 O   ? K HOH .   ? A HOH 330 ? 1_555 94.0  ? 
11 O   ? A VAL 48  ? A VAL 90  ? 1_555 NA ? G NA . ? A NA 206 ? 4_447 O   ? A LYS 49  ? A LYS 91  ? 1_555 78.8  ? 
12 O   ? A VAL 48  ? A VAL 90  ? 1_555 NA ? G NA . ? A NA 206 ? 4_447 OD1 ? A ASN 51  ? A ASN 93  ? 1_555 74.4  ? 
13 O   ? A LYS 49  ? A LYS 91  ? 1_555 NA ? G NA . ? A NA 206 ? 4_447 OD1 ? A ASN 51  ? A ASN 93  ? 1_555 88.9  ? 
14 O   ? A VAL 48  ? A VAL 90  ? 1_555 NA ? G NA . ? A NA 206 ? 4_447 O   ? A ILE 96  ? A ILE 138 ? 1_555 54.7  ? 
15 O   ? A LYS 49  ? A LYS 91  ? 1_555 NA ? G NA . ? A NA 206 ? 4_447 O   ? A ILE 96  ? A ILE 138 ? 1_555 47.9  ? 
16 OD1 ? A ASN 51  ? A ASN 93  ? 1_555 NA ? G NA . ? A NA 206 ? 4_447 O   ? A ILE 96  ? A ILE 138 ? 1_555 45.7  ? 
17 O   ? A VAL 48  ? A VAL 90  ? 1_555 NA ? G NA . ? A NA 206 ? 4_447 O   ? A ASN 98  ? A ASN 140 ? 1_555 64.8  ? 
18 O   ? A LYS 49  ? A LYS 91  ? 1_555 NA ? G NA . ? A NA 206 ? 4_447 O   ? A ASN 98  ? A ASN 140 ? 1_555 46.6  ? 
19 OD1 ? A ASN 51  ? A ASN 93  ? 1_555 NA ? G NA . ? A NA 206 ? 4_447 O   ? A ASN 98  ? A ASN 140 ? 1_555 43.0  ? 
20 O   ? A ILE 96  ? A ILE 138 ? 1_555 NA ? G NA . ? A NA 206 ? 4_447 O   ? A ASN 98  ? A ASN 140 ? 1_555 10.2  ? 
21 O   ? A VAL 48  ? A VAL 90  ? 1_555 NA ? G NA . ? A NA 206 ? 4_447 O   ? K HOH .   ? A HOH 309 ? 4_557 60.5  ? 
22 O   ? A LYS 49  ? A LYS 91  ? 1_555 NA ? G NA . ? A NA 206 ? 4_447 O   ? K HOH .   ? A HOH 309 ? 4_557 46.5  ? 
23 OD1 ? A ASN 51  ? A ASN 93  ? 1_555 NA ? G NA . ? A NA 206 ? 4_447 O   ? K HOH .   ? A HOH 309 ? 4_557 44.4  ? 
24 O   ? A ILE 96  ? A ILE 138 ? 1_555 NA ? G NA . ? A NA 206 ? 4_447 O   ? K HOH .   ? A HOH 309 ? 4_557 5.8   ? 
25 O   ? A ASN 98  ? A ASN 140 ? 1_555 NA ? G NA . ? A NA 206 ? 4_447 O   ? K HOH .   ? A HOH 309 ? 4_557 4.5   ? 
# 
loop_
_pdbx_audit_revision_history.ordinal 
_pdbx_audit_revision_history.data_content_type 
_pdbx_audit_revision_history.major_revision 
_pdbx_audit_revision_history.minor_revision 
_pdbx_audit_revision_history.revision_date 
1 'Structure model' 1 0 2023-01-18 
2 'Structure model' 1 1 2023-08-02 
3 'Structure model' 1 2 2023-11-29 
# 
_pdbx_audit_revision_details.ordinal             1 
_pdbx_audit_revision_details.revision_ordinal    1 
_pdbx_audit_revision_details.data_content_type   'Structure model' 
_pdbx_audit_revision_details.provider            repository 
_pdbx_audit_revision_details.type                'Initial release' 
_pdbx_audit_revision_details.description         ? 
_pdbx_audit_revision_details.details             ? 
# 
loop_
_pdbx_audit_revision_group.ordinal 
_pdbx_audit_revision_group.revision_ordinal 
_pdbx_audit_revision_group.data_content_type 
_pdbx_audit_revision_group.group 
1 2 'Structure model' 'Database references'    
2 3 'Structure model' 'Data collection'        
3 3 'Structure model' 'Refinement description' 
# 
loop_
_pdbx_audit_revision_category.ordinal 
_pdbx_audit_revision_category.revision_ordinal 
_pdbx_audit_revision_category.data_content_type 
_pdbx_audit_revision_category.category 
1 2 'Structure model' citation                      
2 2 'Structure model' citation_author               
3 3 'Structure model' chem_comp_atom                
4 3 'Structure model' chem_comp_bond                
5 3 'Structure model' pdbx_initial_refinement_model 
# 
loop_
_pdbx_audit_revision_item.ordinal 
_pdbx_audit_revision_item.revision_ordinal 
_pdbx_audit_revision_item.data_content_type 
_pdbx_audit_revision_item.item 
1  2 'Structure model' '_citation.country'                 
2  2 'Structure model' '_citation.journal_abbrev'          
3  2 'Structure model' '_citation.journal_id_CSD'          
4  2 'Structure model' '_citation.journal_id_ISSN'         
5  2 'Structure model' '_citation.journal_volume'          
6  2 'Structure model' '_citation.page_first'              
7  2 'Structure model' '_citation.page_last'               
8  2 'Structure model' '_citation.pdbx_database_id_DOI'    
9  2 'Structure model' '_citation.pdbx_database_id_PubMed' 
10 2 'Structure model' '_citation.title'                   
11 2 'Structure model' '_citation.year'                    
# 
loop_
_software.citation_id 
_software.classification 
_software.compiler_name 
_software.compiler_version 
_software.contact_author 
_software.contact_author_email 
_software.date 
_software.description 
_software.dependencies 
_software.hardware 
_software.language 
_software.location 
_software.mods 
_software.name 
_software.os 
_software.os_version 
_software.type 
_software.version 
_software.pdbx_ordinal 
? refinement        ? ? ? ? ? ? ? ? ? ? ? PHENIX      ? ? ? 1.14_3260 1 
? 'data extraction' ? ? ? ? ? ? ? ? ? ? ? PDB_EXTRACT ? ? ? 3.27      2 
? 'data reduction'  ? ? ? ? ? ? ? ? ? ? ? HKL-2000    ? ? ? .         3 
? 'data scaling'    ? ? ? ? ? ? ? ? ? ? ? HKL-2000    ? ? ? .         4 
? phasing           ? ? ? ? ? ? ? ? ? ? ? PHASER      ? ? ? .         5 
# 
_pdbx_entry_details.entry_id                 8GQ0 
_pdbx_entry_details.has_ligand_of_interest   Y 
_pdbx_entry_details.compound_details         ? 
_pdbx_entry_details.source_details           ? 
_pdbx_entry_details.nonpolymer_details       ? 
_pdbx_entry_details.sequence_details         ? 
# 
_pdbx_validate_close_contact.id               1 
_pdbx_validate_close_contact.PDB_model_num    1 
_pdbx_validate_close_contact.auth_atom_id_1   O3 
_pdbx_validate_close_contact.auth_asym_id_1   A 
_pdbx_validate_close_contact.auth_comp_id_1   GOL 
_pdbx_validate_close_contact.auth_seq_id_1    208 
_pdbx_validate_close_contact.PDB_ins_code_1   ? 
_pdbx_validate_close_contact.label_alt_id_1   ? 
_pdbx_validate_close_contact.auth_atom_id_2   O 
_pdbx_validate_close_contact.auth_asym_id_2   A 
_pdbx_validate_close_contact.auth_comp_id_2   HOH 
_pdbx_validate_close_contact.auth_seq_id_2    301 
_pdbx_validate_close_contact.PDB_ins_code_2   ? 
_pdbx_validate_close_contact.label_alt_id_2   ? 
_pdbx_validate_close_contact.dist             2.18 
# 
loop_
_pdbx_validate_torsion.id 
_pdbx_validate_torsion.PDB_model_num 
_pdbx_validate_torsion.auth_comp_id 
_pdbx_validate_torsion.auth_asym_id 
_pdbx_validate_torsion.auth_seq_id 
_pdbx_validate_torsion.PDB_ins_code 
_pdbx_validate_torsion.label_alt_id 
_pdbx_validate_torsion.phi 
_pdbx_validate_torsion.psi 
1 1 ASN A 52  ? ? -164.64 100.96  
2 1 LEU A 94  ? ? -119.77 69.15   
3 1 ASN A 140 ? ? -110.53 -147.17 
# 
loop_
_pdbx_unobs_or_zero_occ_atoms.id 
_pdbx_unobs_or_zero_occ_atoms.PDB_model_num 
_pdbx_unobs_or_zero_occ_atoms.polymer_flag 
_pdbx_unobs_or_zero_occ_atoms.occupancy_flag 
_pdbx_unobs_or_zero_occ_atoms.auth_asym_id 
_pdbx_unobs_or_zero_occ_atoms.auth_comp_id 
_pdbx_unobs_or_zero_occ_atoms.auth_seq_id 
_pdbx_unobs_or_zero_occ_atoms.PDB_ins_code 
_pdbx_unobs_or_zero_occ_atoms.auth_atom_id 
_pdbx_unobs_or_zero_occ_atoms.label_alt_id 
_pdbx_unobs_or_zero_occ_atoms.label_asym_id 
_pdbx_unobs_or_zero_occ_atoms.label_comp_id 
_pdbx_unobs_or_zero_occ_atoms.label_seq_id 
_pdbx_unobs_or_zero_occ_atoms.label_atom_id 
1  1 Y 1 A MET 43  ? CG  ? A MET 1  CG  
2  1 Y 1 A MET 43  ? SD  ? A MET 1  SD  
3  1 Y 1 A MET 43  ? CE  ? A MET 1  CE  
4  1 Y 1 A GLN 59  ? CG  ? A GLN 17 CG  
5  1 Y 1 A GLN 59  ? CD  ? A GLN 17 CD  
6  1 Y 1 A GLN 59  ? OE1 ? A GLN 17 OE1 
7  1 Y 1 A GLN 59  ? NE2 ? A GLN 17 NE2 
8  1 Y 1 A LYS 112 ? CG  ? A LYS 70 CG  
9  1 Y 1 A LYS 112 ? CD  ? A LYS 70 CD  
10 1 Y 1 A LYS 112 ? CE  ? A LYS 70 CE  
11 1 Y 1 A LYS 112 ? NZ  ? A LYS 70 NZ  
# 
loop_
_chem_comp_atom.comp_id 
_chem_comp_atom.atom_id 
_chem_comp_atom.type_symbol 
_chem_comp_atom.pdbx_aromatic_flag 
_chem_comp_atom.pdbx_stereo_config 
_chem_comp_atom.pdbx_ordinal 
ALA N    N  N N 1   
ALA CA   C  N S 2   
ALA C    C  N N 3   
ALA O    O  N N 4   
ALA CB   C  N N 5   
ALA OXT  O  N N 6   
ALA H    H  N N 7   
ALA H2   H  N N 8   
ALA HA   H  N N 9   
ALA HB1  H  N N 10  
ALA HB2  H  N N 11  
ALA HB3  H  N N 12  
ALA HXT  H  N N 13  
ARG N    N  N N 14  
ARG CA   C  N S 15  
ARG C    C  N N 16  
ARG O    O  N N 17  
ARG CB   C  N N 18  
ARG CG   C  N N 19  
ARG CD   C  N N 20  
ARG NE   N  N N 21  
ARG CZ   C  N N 22  
ARG NH1  N  N N 23  
ARG NH2  N  N N 24  
ARG OXT  O  N N 25  
ARG H    H  N N 26  
ARG H2   H  N N 27  
ARG HA   H  N N 28  
ARG HB2  H  N N 29  
ARG HB3  H  N N 30  
ARG HG2  H  N N 31  
ARG HG3  H  N N 32  
ARG HD2  H  N N 33  
ARG HD3  H  N N 34  
ARG HE   H  N N 35  
ARG HH11 H  N N 36  
ARG HH12 H  N N 37  
ARG HH21 H  N N 38  
ARG HH22 H  N N 39  
ARG HXT  H  N N 40  
ASN N    N  N N 41  
ASN CA   C  N S 42  
ASN C    C  N N 43  
ASN O    O  N N 44  
ASN CB   C  N N 45  
ASN CG   C  N N 46  
ASN OD1  O  N N 47  
ASN ND2  N  N N 48  
ASN OXT  O  N N 49  
ASN H    H  N N 50  
ASN H2   H  N N 51  
ASN HA   H  N N 52  
ASN HB2  H  N N 53  
ASN HB3  H  N N 54  
ASN HD21 H  N N 55  
ASN HD22 H  N N 56  
ASN HXT  H  N N 57  
ASP N    N  N N 58  
ASP CA   C  N S 59  
ASP C    C  N N 60  
ASP O    O  N N 61  
ASP CB   C  N N 62  
ASP CG   C  N N 63  
ASP OD1  O  N N 64  
ASP OD2  O  N N 65  
ASP OXT  O  N N 66  
ASP H    H  N N 67  
ASP H2   H  N N 68  
ASP HA   H  N N 69  
ASP HB2  H  N N 70  
ASP HB3  H  N N 71  
ASP HD2  H  N N 72  
ASP HXT  H  N N 73  
CYS N    N  N N 74  
CYS CA   C  N R 75  
CYS C    C  N N 76  
CYS O    O  N N 77  
CYS CB   C  N N 78  
CYS SG   S  N N 79  
CYS OXT  O  N N 80  
CYS H    H  N N 81  
CYS H2   H  N N 82  
CYS HA   H  N N 83  
CYS HB2  H  N N 84  
CYS HB3  H  N N 85  
CYS HG   H  N N 86  
CYS HXT  H  N N 87  
FMT C    C  N N 88  
FMT O1   O  N N 89  
FMT O2   O  N N 90  
FMT H    H  N N 91  
FMT HO2  H  N N 92  
GLN N    N  N N 93  
GLN CA   C  N S 94  
GLN C    C  N N 95  
GLN O    O  N N 96  
GLN CB   C  N N 97  
GLN CG   C  N N 98  
GLN CD   C  N N 99  
GLN OE1  O  N N 100 
GLN NE2  N  N N 101 
GLN OXT  O  N N 102 
GLN H    H  N N 103 
GLN H2   H  N N 104 
GLN HA   H  N N 105 
GLN HB2  H  N N 106 
GLN HB3  H  N N 107 
GLN HG2  H  N N 108 
GLN HG3  H  N N 109 
GLN HE21 H  N N 110 
GLN HE22 H  N N 111 
GLN HXT  H  N N 112 
GLU N    N  N N 113 
GLU CA   C  N S 114 
GLU C    C  N N 115 
GLU O    O  N N 116 
GLU CB   C  N N 117 
GLU CG   C  N N 118 
GLU CD   C  N N 119 
GLU OE1  O  N N 120 
GLU OE2  O  N N 121 
GLU OXT  O  N N 122 
GLU H    H  N N 123 
GLU H2   H  N N 124 
GLU HA   H  N N 125 
GLU HB2  H  N N 126 
GLU HB3  H  N N 127 
GLU HG2  H  N N 128 
GLU HG3  H  N N 129 
GLU HE2  H  N N 130 
GLU HXT  H  N N 131 
GLY N    N  N N 132 
GLY CA   C  N N 133 
GLY C    C  N N 134 
GLY O    O  N N 135 
GLY OXT  O  N N 136 
GLY H    H  N N 137 
GLY H2   H  N N 138 
GLY HA2  H  N N 139 
GLY HA3  H  N N 140 
GLY HXT  H  N N 141 
GOL C1   C  N N 142 
GOL O1   O  N N 143 
GOL C2   C  N N 144 
GOL O2   O  N N 145 
GOL C3   C  N N 146 
GOL O3   O  N N 147 
GOL H11  H  N N 148 
GOL H12  H  N N 149 
GOL HO1  H  N N 150 
GOL H2   H  N N 151 
GOL HO2  H  N N 152 
GOL H31  H  N N 153 
GOL H32  H  N N 154 
GOL HO3  H  N N 155 
HIS N    N  N N 156 
HIS CA   C  N S 157 
HIS C    C  N N 158 
HIS O    O  N N 159 
HIS CB   C  N N 160 
HIS CG   C  Y N 161 
HIS ND1  N  Y N 162 
HIS CD2  C  Y N 163 
HIS CE1  C  Y N 164 
HIS NE2  N  Y N 165 
HIS OXT  O  N N 166 
HIS H    H  N N 167 
HIS H2   H  N N 168 
HIS HA   H  N N 169 
HIS HB2  H  N N 170 
HIS HB3  H  N N 171 
HIS HD1  H  N N 172 
HIS HD2  H  N N 173 
HIS HE1  H  N N 174 
HIS HE2  H  N N 175 
HIS HXT  H  N N 176 
HOH O    O  N N 177 
HOH H1   H  N N 178 
HOH H2   H  N N 179 
ILE N    N  N N 180 
ILE CA   C  N S 181 
ILE C    C  N N 182 
ILE O    O  N N 183 
ILE CB   C  N S 184 
ILE CG1  C  N N 185 
ILE CG2  C  N N 186 
ILE CD1  C  N N 187 
ILE OXT  O  N N 188 
ILE H    H  N N 189 
ILE H2   H  N N 190 
ILE HA   H  N N 191 
ILE HB   H  N N 192 
ILE HG12 H  N N 193 
ILE HG13 H  N N 194 
ILE HG21 H  N N 195 
ILE HG22 H  N N 196 
ILE HG23 H  N N 197 
ILE HD11 H  N N 198 
ILE HD12 H  N N 199 
ILE HD13 H  N N 200 
ILE HXT  H  N N 201 
KCL C4   C  Y N 202 
KCL C14  C  Y N 203 
KCL C5   C  Y N 204 
KCL C6   C  Y N 205 
KCL C11  C  Y N 206 
KCL C7   C  Y N 207 
KCL C8   C  Y N 208 
KCL C9   C  N N 209 
KCL C10  C  N N 210 
KCL C12  C  Y N 211 
KCL C13  C  Y N 212 
KCL N1   N  Y N 213 
KCL N2   N  N N 214 
KCL C3   C  Y N 215 
KCL N3   N  Y N 216 
KCL C1   C  Y N 217 
KCL C15  C  Y N 218 
KCL C16  C  N N 219 
KCL C2   C  Y N 220 
KCL N4   N  Y N 221 
KCL N5   N  Y N 222 
KCL N6   N  Y N 223 
KCL H1   H  N N 224 
KCL H2   H  N N 225 
KCL H3   H  N N 226 
KCL H4   H  N N 227 
KCL H5   H  N N 228 
KCL H6   H  N N 229 
KCL H7   H  N N 230 
KCL H8   H  N N 231 
KCL H9   H  N N 232 
KCL H10  H  N N 233 
KCL H11  H  N N 234 
KCL H12  H  N N 235 
KCL H13  H  N N 236 
KCL H14  H  N N 237 
KCL H15  H  N N 238 
KCL H16  H  N N 239 
LEU N    N  N N 240 
LEU CA   C  N S 241 
LEU C    C  N N 242 
LEU O    O  N N 243 
LEU CB   C  N N 244 
LEU CG   C  N N 245 
LEU CD1  C  N N 246 
LEU CD2  C  N N 247 
LEU OXT  O  N N 248 
LEU H    H  N N 249 
LEU H2   H  N N 250 
LEU HA   H  N N 251 
LEU HB2  H  N N 252 
LEU HB3  H  N N 253 
LEU HG   H  N N 254 
LEU HD11 H  N N 255 
LEU HD12 H  N N 256 
LEU HD13 H  N N 257 
LEU HD21 H  N N 258 
LEU HD22 H  N N 259 
LEU HD23 H  N N 260 
LEU HXT  H  N N 261 
LYS N    N  N N 262 
LYS CA   C  N S 263 
LYS C    C  N N 264 
LYS O    O  N N 265 
LYS CB   C  N N 266 
LYS CG   C  N N 267 
LYS CD   C  N N 268 
LYS CE   C  N N 269 
LYS NZ   N  N N 270 
LYS OXT  O  N N 271 
LYS H    H  N N 272 
LYS H2   H  N N 273 
LYS HA   H  N N 274 
LYS HB2  H  N N 275 
LYS HB3  H  N N 276 
LYS HG2  H  N N 277 
LYS HG3  H  N N 278 
LYS HD2  H  N N 279 
LYS HD3  H  N N 280 
LYS HE2  H  N N 281 
LYS HE3  H  N N 282 
LYS HZ1  H  N N 283 
LYS HZ2  H  N N 284 
LYS HZ3  H  N N 285 
LYS HXT  H  N N 286 
MET N    N  N N 287 
MET CA   C  N S 288 
MET C    C  N N 289 
MET O    O  N N 290 
MET CB   C  N N 291 
MET CG   C  N N 292 
MET SD   S  N N 293 
MET CE   C  N N 294 
MET OXT  O  N N 295 
MET H    H  N N 296 
MET H2   H  N N 297 
MET HA   H  N N 298 
MET HB2  H  N N 299 
MET HB3  H  N N 300 
MET HG2  H  N N 301 
MET HG3  H  N N 302 
MET HE1  H  N N 303 
MET HE2  H  N N 304 
MET HE3  H  N N 305 
MET HXT  H  N N 306 
NA  NA   NA N N 307 
PHE N    N  N N 308 
PHE CA   C  N S 309 
PHE C    C  N N 310 
PHE O    O  N N 311 
PHE CB   C  N N 312 
PHE CG   C  Y N 313 
PHE CD1  C  Y N 314 
PHE CD2  C  Y N 315 
PHE CE1  C  Y N 316 
PHE CE2  C  Y N 317 
PHE CZ   C  Y N 318 
PHE OXT  O  N N 319 
PHE H    H  N N 320 
PHE H2   H  N N 321 
PHE HA   H  N N 322 
PHE HB2  H  N N 323 
PHE HB3  H  N N 324 
PHE HD1  H  N N 325 
PHE HD2  H  N N 326 
PHE HE1  H  N N 327 
PHE HE2  H  N N 328 
PHE HZ   H  N N 329 
PHE HXT  H  N N 330 
PRO N    N  N N 331 
PRO CA   C  N S 332 
PRO C    C  N N 333 
PRO O    O  N N 334 
PRO CB   C  N N 335 
PRO CG   C  N N 336 
PRO CD   C  N N 337 
PRO OXT  O  N N 338 
PRO H    H  N N 339 
PRO HA   H  N N 340 
PRO HB2  H  N N 341 
PRO HB3  H  N N 342 
PRO HG2  H  N N 343 
PRO HG3  H  N N 344 
PRO HD2  H  N N 345 
PRO HD3  H  N N 346 
PRO HXT  H  N N 347 
SER N    N  N N 348 
SER CA   C  N S 349 
SER C    C  N N 350 
SER O    O  N N 351 
SER CB   C  N N 352 
SER OG   O  N N 353 
SER OXT  O  N N 354 
SER H    H  N N 355 
SER H2   H  N N 356 
SER HA   H  N N 357 
SER HB2  H  N N 358 
SER HB3  H  N N 359 
SER HG   H  N N 360 
SER HXT  H  N N 361 
THR N    N  N N 362 
THR CA   C  N S 363 
THR C    C  N N 364 
THR O    O  N N 365 
THR CB   C  N R 366 
THR OG1  O  N N 367 
THR CG2  C  N N 368 
THR OXT  O  N N 369 
THR H    H  N N 370 
THR H2   H  N N 371 
THR HA   H  N N 372 
THR HB   H  N N 373 
THR HG1  H  N N 374 
THR HG21 H  N N 375 
THR HG22 H  N N 376 
THR HG23 H  N N 377 
THR HXT  H  N N 378 
TRP N    N  N N 379 
TRP CA   C  N S 380 
TRP C    C  N N 381 
TRP O    O  N N 382 
TRP CB   C  N N 383 
TRP CG   C  Y N 384 
TRP CD1  C  Y N 385 
TRP CD2  C  Y N 386 
TRP NE1  N  Y N 387 
TRP CE2  C  Y N 388 
TRP CE3  C  Y N 389 
TRP CZ2  C  Y N 390 
TRP CZ3  C  Y N 391 
TRP CH2  C  Y N 392 
TRP OXT  O  N N 393 
TRP H    H  N N 394 
TRP H2   H  N N 395 
TRP HA   H  N N 396 
TRP HB2  H  N N 397 
TRP HB3  H  N N 398 
TRP HD1  H  N N 399 
TRP HE1  H  N N 400 
TRP HE3  H  N N 401 
TRP HZ2  H  N N 402 
TRP HZ3  H  N N 403 
TRP HH2  H  N N 404 
TRP HXT  H  N N 405 
TYR N    N  N N 406 
TYR CA   C  N S 407 
TYR C    C  N N 408 
TYR O    O  N N 409 
TYR CB   C  N N 410 
TYR CG   C  Y N 411 
TYR CD1  C  Y N 412 
TYR CD2  C  Y N 413 
TYR CE1  C  Y N 414 
TYR CE2  C  Y N 415 
TYR CZ   C  Y N 416 
TYR OH   O  N N 417 
TYR OXT  O  N N 418 
TYR H    H  N N 419 
TYR H2   H  N N 420 
TYR HA   H  N N 421 
TYR HB2  H  N N 422 
TYR HB3  H  N N 423 
TYR HD1  H  N N 424 
TYR HD2  H  N N 425 
TYR HE1  H  N N 426 
TYR HE2  H  N N 427 
TYR HH   H  N N 428 
TYR HXT  H  N N 429 
VAL N    N  N N 430 
VAL CA   C  N S 431 
VAL C    C  N N 432 
VAL O    O  N N 433 
VAL CB   C  N N 434 
VAL CG1  C  N N 435 
VAL CG2  C  N N 436 
VAL OXT  O  N N 437 
VAL H    H  N N 438 
VAL H2   H  N N 439 
VAL HA   H  N N 440 
VAL HB   H  N N 441 
VAL HG11 H  N N 442 
VAL HG12 H  N N 443 
VAL HG13 H  N N 444 
VAL HG21 H  N N 445 
VAL HG22 H  N N 446 
VAL HG23 H  N N 447 
VAL HXT  H  N N 448 
# 
loop_
_chem_comp_bond.comp_id 
_chem_comp_bond.atom_id_1 
_chem_comp_bond.atom_id_2 
_chem_comp_bond.value_order 
_chem_comp_bond.pdbx_aromatic_flag 
_chem_comp_bond.pdbx_stereo_config 
_chem_comp_bond.pdbx_ordinal 
ALA N   CA   sing N N 1   
ALA N   H    sing N N 2   
ALA N   H2   sing N N 3   
ALA CA  C    sing N N 4   
ALA CA  CB   sing N N 5   
ALA CA  HA   sing N N 6   
ALA C   O    doub N N 7   
ALA C   OXT  sing N N 8   
ALA CB  HB1  sing N N 9   
ALA CB  HB2  sing N N 10  
ALA CB  HB3  sing N N 11  
ALA OXT HXT  sing N N 12  
ARG N   CA   sing N N 13  
ARG N   H    sing N N 14  
ARG N   H2   sing N N 15  
ARG CA  C    sing N N 16  
ARG CA  CB   sing N N 17  
ARG CA  HA   sing N N 18  
ARG C   O    doub N N 19  
ARG C   OXT  sing N N 20  
ARG CB  CG   sing N N 21  
ARG CB  HB2  sing N N 22  
ARG CB  HB3  sing N N 23  
ARG CG  CD   sing N N 24  
ARG CG  HG2  sing N N 25  
ARG CG  HG3  sing N N 26  
ARG CD  NE   sing N N 27  
ARG CD  HD2  sing N N 28  
ARG CD  HD3  sing N N 29  
ARG NE  CZ   sing N N 30  
ARG NE  HE   sing N N 31  
ARG CZ  NH1  sing N N 32  
ARG CZ  NH2  doub N N 33  
ARG NH1 HH11 sing N N 34  
ARG NH1 HH12 sing N N 35  
ARG NH2 HH21 sing N N 36  
ARG NH2 HH22 sing N N 37  
ARG OXT HXT  sing N N 38  
ASN N   CA   sing N N 39  
ASN N   H    sing N N 40  
ASN N   H2   sing N N 41  
ASN CA  C    sing N N 42  
ASN CA  CB   sing N N 43  
ASN CA  HA   sing N N 44  
ASN C   O    doub N N 45  
ASN C   OXT  sing N N 46  
ASN CB  CG   sing N N 47  
ASN CB  HB2  sing N N 48  
ASN CB  HB3  sing N N 49  
ASN CG  OD1  doub N N 50  
ASN CG  ND2  sing N N 51  
ASN ND2 HD21 sing N N 52  
ASN ND2 HD22 sing N N 53  
ASN OXT HXT  sing N N 54  
ASP N   CA   sing N N 55  
ASP N   H    sing N N 56  
ASP N   H2   sing N N 57  
ASP CA  C    sing N N 58  
ASP CA  CB   sing N N 59  
ASP CA  HA   sing N N 60  
ASP C   O    doub N N 61  
ASP C   OXT  sing N N 62  
ASP CB  CG   sing N N 63  
ASP CB  HB2  sing N N 64  
ASP CB  HB3  sing N N 65  
ASP CG  OD1  doub N N 66  
ASP CG  OD2  sing N N 67  
ASP OD2 HD2  sing N N 68  
ASP OXT HXT  sing N N 69  
CYS N   CA   sing N N 70  
CYS N   H    sing N N 71  
CYS N   H2   sing N N 72  
CYS CA  C    sing N N 73  
CYS CA  CB   sing N N 74  
CYS CA  HA   sing N N 75  
CYS C   O    doub N N 76  
CYS C   OXT  sing N N 77  
CYS CB  SG   sing N N 78  
CYS CB  HB2  sing N N 79  
CYS CB  HB3  sing N N 80  
CYS SG  HG   sing N N 81  
CYS OXT HXT  sing N N 82  
FMT C   O1   doub N N 83  
FMT C   O2   sing N N 84  
FMT C   H    sing N N 85  
FMT O2  HO2  sing N N 86  
GLN N   CA   sing N N 87  
GLN N   H    sing N N 88  
GLN N   H2   sing N N 89  
GLN CA  C    sing N N 90  
GLN CA  CB   sing N N 91  
GLN CA  HA   sing N N 92  
GLN C   O    doub N N 93  
GLN C   OXT  sing N N 94  
GLN CB  CG   sing N N 95  
GLN CB  HB2  sing N N 96  
GLN CB  HB3  sing N N 97  
GLN CG  CD   sing N N 98  
GLN CG  HG2  sing N N 99  
GLN CG  HG3  sing N N 100 
GLN CD  OE1  doub N N 101 
GLN CD  NE2  sing N N 102 
GLN NE2 HE21 sing N N 103 
GLN NE2 HE22 sing N N 104 
GLN OXT HXT  sing N N 105 
GLU N   CA   sing N N 106 
GLU N   H    sing N N 107 
GLU N   H2   sing N N 108 
GLU CA  C    sing N N 109 
GLU CA  CB   sing N N 110 
GLU CA  HA   sing N N 111 
GLU C   O    doub N N 112 
GLU C   OXT  sing N N 113 
GLU CB  CG   sing N N 114 
GLU CB  HB2  sing N N 115 
GLU CB  HB3  sing N N 116 
GLU CG  CD   sing N N 117 
GLU CG  HG2  sing N N 118 
GLU CG  HG3  sing N N 119 
GLU CD  OE1  doub N N 120 
GLU CD  OE2  sing N N 121 
GLU OE2 HE2  sing N N 122 
GLU OXT HXT  sing N N 123 
GLY N   CA   sing N N 124 
GLY N   H    sing N N 125 
GLY N   H2   sing N N 126 
GLY CA  C    sing N N 127 
GLY CA  HA2  sing N N 128 
GLY CA  HA3  sing N N 129 
GLY C   O    doub N N 130 
GLY C   OXT  sing N N 131 
GLY OXT HXT  sing N N 132 
GOL C1  O1   sing N N 133 
GOL C1  C2   sing N N 134 
GOL C1  H11  sing N N 135 
GOL C1  H12  sing N N 136 
GOL O1  HO1  sing N N 137 
GOL C2  O2   sing N N 138 
GOL C2  C3   sing N N 139 
GOL C2  H2   sing N N 140 
GOL O2  HO2  sing N N 141 
GOL C3  O3   sing N N 142 
GOL C3  H31  sing N N 143 
GOL C3  H32  sing N N 144 
GOL O3  HO3  sing N N 145 
HIS N   CA   sing N N 146 
HIS N   H    sing N N 147 
HIS N   H2   sing N N 148 
HIS CA  C    sing N N 149 
HIS CA  CB   sing N N 150 
HIS CA  HA   sing N N 151 
HIS C   O    doub N N 152 
HIS C   OXT  sing N N 153 
HIS CB  CG   sing N N 154 
HIS CB  HB2  sing N N 155 
HIS CB  HB3  sing N N 156 
HIS CG  ND1  sing Y N 157 
HIS CG  CD2  doub Y N 158 
HIS ND1 CE1  doub Y N 159 
HIS ND1 HD1  sing N N 160 
HIS CD2 NE2  sing Y N 161 
HIS CD2 HD2  sing N N 162 
HIS CE1 NE2  sing Y N 163 
HIS CE1 HE1  sing N N 164 
HIS NE2 HE2  sing N N 165 
HIS OXT HXT  sing N N 166 
HOH O   H1   sing N N 167 
HOH O   H2   sing N N 168 
ILE N   CA   sing N N 169 
ILE N   H    sing N N 170 
ILE N   H2   sing N N 171 
ILE CA  C    sing N N 172 
ILE CA  CB   sing N N 173 
ILE CA  HA   sing N N 174 
ILE C   O    doub N N 175 
ILE C   OXT  sing N N 176 
ILE CB  CG1  sing N N 177 
ILE CB  CG2  sing N N 178 
ILE CB  HB   sing N N 179 
ILE CG1 CD1  sing N N 180 
ILE CG1 HG12 sing N N 181 
ILE CG1 HG13 sing N N 182 
ILE CG2 HG21 sing N N 183 
ILE CG2 HG22 sing N N 184 
ILE CG2 HG23 sing N N 185 
ILE CD1 HD11 sing N N 186 
ILE CD1 HD12 sing N N 187 
ILE CD1 HD13 sing N N 188 
ILE OXT HXT  sing N N 189 
KCL C5  C6   doub Y N 190 
KCL C5  C1   sing Y N 191 
KCL C6  C7   sing Y N 192 
KCL C1  N1   sing Y N 193 
KCL C1  C2   doub Y N 194 
KCL N1  C4   sing Y N 195 
KCL C7  C8   doub Y N 196 
KCL C4  C3   doub Y N 197 
KCL C2  C8   sing Y N 198 
KCL C2  C3   sing Y N 199 
KCL C3  C9   sing N N 200 
KCL C9  C10  sing N N 201 
KCL C14 C13  doub Y N 202 
KCL C14 C11  sing Y N 203 
KCL C13 C12  sing Y N 204 
KCL N2  C10  sing N N 205 
KCL N2  C11  sing N N 206 
KCL C11 N3   doub Y N 207 
KCL C12 N5   doub Y N 208 
KCL C12 N4   sing Y N 209 
KCL N5  N6   sing Y N 210 
KCL N3  N4   sing Y N 211 
KCL N4  C15  sing Y N 212 
KCL N6  C15  doub Y N 213 
KCL C15 C16  sing N N 214 
KCL C4  H1   sing N N 215 
KCL C14 H2   sing N N 216 
KCL C5  H3   sing N N 217 
KCL C6  H4   sing N N 218 
KCL C7  H5   sing N N 219 
KCL C8  H6   sing N N 220 
KCL C9  H7   sing N N 221 
KCL C9  H8   sing N N 222 
KCL C10 H9   sing N N 223 
KCL C10 H10  sing N N 224 
KCL C13 H11  sing N N 225 
KCL N1  H12  sing N N 226 
KCL N2  H13  sing N N 227 
KCL C16 H14  sing N N 228 
KCL C16 H15  sing N N 229 
KCL C16 H16  sing N N 230 
LEU N   CA   sing N N 231 
LEU N   H    sing N N 232 
LEU N   H2   sing N N 233 
LEU CA  C    sing N N 234 
LEU CA  CB   sing N N 235 
LEU CA  HA   sing N N 236 
LEU C   O    doub N N 237 
LEU C   OXT  sing N N 238 
LEU CB  CG   sing N N 239 
LEU CB  HB2  sing N N 240 
LEU CB  HB3  sing N N 241 
LEU CG  CD1  sing N N 242 
LEU CG  CD2  sing N N 243 
LEU CG  HG   sing N N 244 
LEU CD1 HD11 sing N N 245 
LEU CD1 HD12 sing N N 246 
LEU CD1 HD13 sing N N 247 
LEU CD2 HD21 sing N N 248 
LEU CD2 HD22 sing N N 249 
LEU CD2 HD23 sing N N 250 
LEU OXT HXT  sing N N 251 
LYS N   CA   sing N N 252 
LYS N   H    sing N N 253 
LYS N   H2   sing N N 254 
LYS CA  C    sing N N 255 
LYS CA  CB   sing N N 256 
LYS CA  HA   sing N N 257 
LYS C   O    doub N N 258 
LYS C   OXT  sing N N 259 
LYS CB  CG   sing N N 260 
LYS CB  HB2  sing N N 261 
LYS CB  HB3  sing N N 262 
LYS CG  CD   sing N N 263 
LYS CG  HG2  sing N N 264 
LYS CG  HG3  sing N N 265 
LYS CD  CE   sing N N 266 
LYS CD  HD2  sing N N 267 
LYS CD  HD3  sing N N 268 
LYS CE  NZ   sing N N 269 
LYS CE  HE2  sing N N 270 
LYS CE  HE3  sing N N 271 
LYS NZ  HZ1  sing N N 272 
LYS NZ  HZ2  sing N N 273 
LYS NZ  HZ3  sing N N 274 
LYS OXT HXT  sing N N 275 
MET N   CA   sing N N 276 
MET N   H    sing N N 277 
MET N   H2   sing N N 278 
MET CA  C    sing N N 279 
MET CA  CB   sing N N 280 
MET CA  HA   sing N N 281 
MET C   O    doub N N 282 
MET C   OXT  sing N N 283 
MET CB  CG   sing N N 284 
MET CB  HB2  sing N N 285 
MET CB  HB3  sing N N 286 
MET CG  SD   sing N N 287 
MET CG  HG2  sing N N 288 
MET CG  HG3  sing N N 289 
MET SD  CE   sing N N 290 
MET CE  HE1  sing N N 291 
MET CE  HE2  sing N N 292 
MET CE  HE3  sing N N 293 
MET OXT HXT  sing N N 294 
PHE N   CA   sing N N 295 
PHE N   H    sing N N 296 
PHE N   H2   sing N N 297 
PHE CA  C    sing N N 298 
PHE CA  CB   sing N N 299 
PHE CA  HA   sing N N 300 
PHE C   O    doub N N 301 
PHE C   OXT  sing N N 302 
PHE CB  CG   sing N N 303 
PHE CB  HB2  sing N N 304 
PHE CB  HB3  sing N N 305 
PHE CG  CD1  doub Y N 306 
PHE CG  CD2  sing Y N 307 
PHE CD1 CE1  sing Y N 308 
PHE CD1 HD1  sing N N 309 
PHE CD2 CE2  doub Y N 310 
PHE CD2 HD2  sing N N 311 
PHE CE1 CZ   doub Y N 312 
PHE CE1 HE1  sing N N 313 
PHE CE2 CZ   sing Y N 314 
PHE CE2 HE2  sing N N 315 
PHE CZ  HZ   sing N N 316 
PHE OXT HXT  sing N N 317 
PRO N   CA   sing N N 318 
PRO N   CD   sing N N 319 
PRO N   H    sing N N 320 
PRO CA  C    sing N N 321 
PRO CA  CB   sing N N 322 
PRO CA  HA   sing N N 323 
PRO C   O    doub N N 324 
PRO C   OXT  sing N N 325 
PRO CB  CG   sing N N 326 
PRO CB  HB2  sing N N 327 
PRO CB  HB3  sing N N 328 
PRO CG  CD   sing N N 329 
PRO CG  HG2  sing N N 330 
PRO CG  HG3  sing N N 331 
PRO CD  HD2  sing N N 332 
PRO CD  HD3  sing N N 333 
PRO OXT HXT  sing N N 334 
SER N   CA   sing N N 335 
SER N   H    sing N N 336 
SER N   H2   sing N N 337 
SER CA  C    sing N N 338 
SER CA  CB   sing N N 339 
SER CA  HA   sing N N 340 
SER C   O    doub N N 341 
SER C   OXT  sing N N 342 
SER CB  OG   sing N N 343 
SER CB  HB2  sing N N 344 
SER CB  HB3  sing N N 345 
SER OG  HG   sing N N 346 
SER OXT HXT  sing N N 347 
THR N   CA   sing N N 348 
THR N   H    sing N N 349 
THR N   H2   sing N N 350 
THR CA  C    sing N N 351 
THR CA  CB   sing N N 352 
THR CA  HA   sing N N 353 
THR C   O    doub N N 354 
THR C   OXT  sing N N 355 
THR CB  OG1  sing N N 356 
THR CB  CG2  sing N N 357 
THR CB  HB   sing N N 358 
THR OG1 HG1  sing N N 359 
THR CG2 HG21 sing N N 360 
THR CG2 HG22 sing N N 361 
THR CG2 HG23 sing N N 362 
THR OXT HXT  sing N N 363 
TRP N   CA   sing N N 364 
TRP N   H    sing N N 365 
TRP N   H2   sing N N 366 
TRP CA  C    sing N N 367 
TRP CA  CB   sing N N 368 
TRP CA  HA   sing N N 369 
TRP C   O    doub N N 370 
TRP C   OXT  sing N N 371 
TRP CB  CG   sing N N 372 
TRP CB  HB2  sing N N 373 
TRP CB  HB3  sing N N 374 
TRP CG  CD1  doub Y N 375 
TRP CG  CD2  sing Y N 376 
TRP CD1 NE1  sing Y N 377 
TRP CD1 HD1  sing N N 378 
TRP CD2 CE2  doub Y N 379 
TRP CD2 CE3  sing Y N 380 
TRP NE1 CE2  sing Y N 381 
TRP NE1 HE1  sing N N 382 
TRP CE2 CZ2  sing Y N 383 
TRP CE3 CZ3  doub Y N 384 
TRP CE3 HE3  sing N N 385 
TRP CZ2 CH2  doub Y N 386 
TRP CZ2 HZ2  sing N N 387 
TRP CZ3 CH2  sing Y N 388 
TRP CZ3 HZ3  sing N N 389 
TRP CH2 HH2  sing N N 390 
TRP OXT HXT  sing N N 391 
TYR N   CA   sing N N 392 
TYR N   H    sing N N 393 
TYR N   H2   sing N N 394 
TYR CA  C    sing N N 395 
TYR CA  CB   sing N N 396 
TYR CA  HA   sing N N 397 
TYR C   O    doub N N 398 
TYR C   OXT  sing N N 399 
TYR CB  CG   sing N N 400 
TYR CB  HB2  sing N N 401 
TYR CB  HB3  sing N N 402 
TYR CG  CD1  doub Y N 403 
TYR CG  CD2  sing Y N 404 
TYR CD1 CE1  sing Y N 405 
TYR CD1 HD1  sing N N 406 
TYR CD2 CE2  doub Y N 407 
TYR CD2 HD2  sing N N 408 
TYR CE1 CZ   doub Y N 409 
TYR CE1 HE1  sing N N 410 
TYR CE2 CZ   sing Y N 411 
TYR CE2 HE2  sing N N 412 
TYR CZ  OH   sing N N 413 
TYR OH  HH   sing N N 414 
TYR OXT HXT  sing N N 415 
VAL N   CA   sing N N 416 
VAL N   H    sing N N 417 
VAL N   H2   sing N N 418 
VAL CA  C    sing N N 419 
VAL CA  CB   sing N N 420 
VAL CA  HA   sing N N 421 
VAL C   O    doub N N 422 
VAL C   OXT  sing N N 423 
VAL CB  CG1  sing N N 424 
VAL CB  CG2  sing N N 425 
VAL CB  HB   sing N N 426 
VAL CG1 HG11 sing N N 427 
VAL CG1 HG12 sing N N 428 
VAL CG1 HG13 sing N N 429 
VAL CG2 HG21 sing N N 430 
VAL CG2 HG22 sing N N 431 
VAL CG2 HG23 sing N N 432 
VAL OXT HXT  sing N N 433 
# 
loop_
_pdbx_audit_support.funding_organization 
_pdbx_audit_support.country 
_pdbx_audit_support.grant_number 
_pdbx_audit_support.ordinal 
'National Research Foundation (NRF, Korea)' 'Korea, Republic Of' NRF-2019R1A2C1002545 1 
'National Research Foundation (NRF, Korea)' 'Korea, Republic Of' NRF-2018R1A5A2023127 2 
# 
loop_
_pdbx_entity_instance_feature.ordinal 
_pdbx_entity_instance_feature.comp_id 
_pdbx_entity_instance_feature.asym_id 
_pdbx_entity_instance_feature.seq_num 
_pdbx_entity_instance_feature.auth_comp_id 
_pdbx_entity_instance_feature.auth_asym_id 
_pdbx_entity_instance_feature.auth_seq_num 
_pdbx_entity_instance_feature.feature_type 
_pdbx_entity_instance_feature.details 
1 KCL ? ? KCL ? ? 'SUBJECT OF INVESTIGATION' ? 
2 FMT ? ? FMT ? ? 'SUBJECT OF INVESTIGATION' ? 
3 GOL ? ? GOL ? ? 'SUBJECT OF INVESTIGATION' ? 
4 NA  ? ? NA  ? ? 'SUBJECT OF INVESTIGATION' ? 
# 
loop_
_pdbx_entity_nonpoly.entity_id 
_pdbx_entity_nonpoly.name 
_pdbx_entity_nonpoly.comp_id 
2 'FORMIC ACID'                                                                       FMT 
3 'SODIUM ION'                                                                        NA  
4 GLYCEROL                                                                            GOL 
5 '~{N}-[2-(1~{H}-indol-3-yl)ethyl]-3-methyl-[1,2,4]triazolo[4,3-b]pyridazin-6-amine' KCL 
6 water                                                                               HOH 
# 
_pdbx_initial_refinement_model.id               1 
_pdbx_initial_refinement_model.entity_id_list   ? 
_pdbx_initial_refinement_model.type             'experimental model' 
_pdbx_initial_refinement_model.source_name      PDB 
_pdbx_initial_refinement_model.accession_code   6KEI 
_pdbx_initial_refinement_model.details          ? 
# 
_pdbx_struct_assembly_auth_evidence.id                     1 
_pdbx_struct_assembly_auth_evidence.assembly_id            1 
_pdbx_struct_assembly_auth_evidence.experimental_support   'gel filtration' 
_pdbx_struct_assembly_auth_evidence.details                ? 
# 
